data_6R8I
# 
_entry.id   6R8I 
# 
_audit_conform.dict_name       mmcif_pdbx.dic 
_audit_conform.dict_version    5.383 
_audit_conform.dict_location   http://mmcif.pdb.org/dictionaries/ascii/mmcif_pdbx.dic 
# 
loop_
_database_2.database_id 
_database_2.database_code 
_database_2.pdbx_database_accession 
_database_2.pdbx_DOI 
PDB   6R8I         pdb_00006r8i 10.2210/pdb6r8i/pdb 
WWPDB D_1292101542 ?            ?                   
# 
loop_
_pdbx_audit_revision_history.ordinal 
_pdbx_audit_revision_history.data_content_type 
_pdbx_audit_revision_history.major_revision 
_pdbx_audit_revision_history.minor_revision 
_pdbx_audit_revision_history.revision_date 
1 'Structure model' 1 0 2019-10-16 
2 'Structure model' 1 1 2020-01-01 
3 'Structure model' 1 2 2022-03-30 
4 'Structure model' 1 3 2024-01-24 
# 
_pdbx_audit_revision_details.ordinal             1 
_pdbx_audit_revision_details.revision_ordinal    1 
_pdbx_audit_revision_details.data_content_type   'Structure model' 
_pdbx_audit_revision_details.provider            repository 
_pdbx_audit_revision_details.type                'Initial release' 
_pdbx_audit_revision_details.description         ? 
_pdbx_audit_revision_details.details             ? 
# 
loop_
_pdbx_audit_revision_group.ordinal 
_pdbx_audit_revision_group.revision_ordinal 
_pdbx_audit_revision_group.data_content_type 
_pdbx_audit_revision_group.group 
1 2 'Structure model' 'Database references'        
2 3 'Structure model' 'Author supporting evidence' 
3 3 'Structure model' 'Database references'        
4 3 'Structure model' 'Refinement description'     
5 4 'Structure model' 'Data collection'            
6 4 'Structure model' 'Refinement description'     
# 
loop_
_pdbx_audit_revision_category.ordinal 
_pdbx_audit_revision_category.revision_ordinal 
_pdbx_audit_revision_category.data_content_type 
_pdbx_audit_revision_category.category 
1 2 'Structure model' citation                      
2 3 'Structure model' database_2                    
3 3 'Structure model' pdbx_audit_support            
4 3 'Structure model' refine                        
5 3 'Structure model' software                      
6 4 'Structure model' chem_comp_atom                
7 4 'Structure model' chem_comp_bond                
8 4 'Structure model' pdbx_initial_refinement_model 
# 
loop_
_pdbx_audit_revision_item.ordinal 
_pdbx_audit_revision_item.revision_ordinal 
_pdbx_audit_revision_item.data_content_type 
_pdbx_audit_revision_item.item 
1 2 'Structure model' '_citation.journal_volume'                 
2 2 'Structure model' '_citation.page_first'                     
3 3 'Structure model' '_database_2.pdbx_DOI'                     
4 3 'Structure model' '_database_2.pdbx_database_accession'      
5 3 'Structure model' '_pdbx_audit_support.funding_organization' 
6 3 'Structure model' '_refine.pdbx_diffrn_id'                   
7 3 'Structure model' '_software.name'                           
# 
_pdbx_database_status.status_code                     REL 
_pdbx_database_status.status_code_sf                  REL 
_pdbx_database_status.status_code_mr                  ? 
_pdbx_database_status.entry_id                        6R8I 
_pdbx_database_status.recvd_initial_deposition_date   2019-04-02 
_pdbx_database_status.SG_entry                        N 
_pdbx_database_status.deposit_site                    PDBE 
_pdbx_database_status.process_site                    PDBE 
_pdbx_database_status.status_code_cs                  ? 
_pdbx_database_status.methods_development_category    D3R 
_pdbx_database_status.pdb_format_compatible           Y 
_pdbx_database_status.status_code_nmr_data            ? 
# 
loop_
_audit_author.name 
_audit_author.pdbx_ordinal 
_audit_author.identifier_ORCID 
'Ueki, Y.'         1  ? 
'Kruse, T.'        2  ? 
'Weisser, M.B.'    3  ? 
'Sundell, G.N.'    4  ? 
'Yoo Larsen, M.S.' 5  ? 
'Lopez Mendez, B.' 6  ? 
'Jenkins, N.P.'    7  ? 
'Garvanska, D.H.'  8  ? 
'Cressey, L.'      9  ? 
'Zhang, G.'        10 ? 
'Davey, N.'        11 ? 
'Montoya, G.'      12 ? 
'Ivarsson, Y.'     13 ? 
'Kettenbach, A.'   14 ? 
'Nilsson, J.'      15 ? 
# 
_citation.abstract                  ? 
_citation.abstract_id_CAS           ? 
_citation.book_id_ISBN              ? 
_citation.book_publisher            ? 
_citation.book_publisher_city       ? 
_citation.book_title                ? 
_citation.coordinate_linkage        ? 
_citation.country                   US 
_citation.database_id_Medline       ? 
_citation.details                   ? 
_citation.id                        primary 
_citation.journal_abbrev            Mol.Cell 
_citation.journal_id_ASTM           MOCEFL 
_citation.journal_id_CSD            2168 
_citation.journal_id_ISSN           1097-2765 
_citation.journal_full              ? 
_citation.journal_issue             ? 
_citation.journal_volume            76 
_citation.language                  ? 
_citation.page_first                953 
_citation.page_last                 ? 
_citation.title                     'A Consensus Binding Motif for the PP4 Protein Phosphatase.' 
_citation.year                      2019 
_citation.database_id_CSD           ? 
_citation.pdbx_database_id_DOI      10.1016/j.molcel.2019.08.029 
_citation.pdbx_database_id_PubMed   31585692 
_citation.unpublished_flag          ? 
# 
loop_
_citation_author.citation_id 
_citation_author.name 
_citation_author.ordinal 
_citation_author.identifier_ORCID 
primary 'Ueki, Y.'         1  ? 
primary 'Kruse, T.'        2  ? 
primary 'Weisser, M.B.'    3  ? 
primary 'Sundell, G.N.'    4  ? 
primary 'Larsen, M.S.Y.'   5  ? 
primary 'Mendez, B.L.'     6  ? 
primary 'Jenkins, N.P.'    7  ? 
primary 'Garvanska, D.H.'  8  ? 
primary 'Cressey, L.'      9  ? 
primary 'Zhang, G.'        10 ? 
primary 'Davey, N.'        11 ? 
primary 'Montoya, G.'      12 ? 
primary 'Ivarsson, Y.'     13 ? 
primary 'Kettenbach, A.N.' 14 ? 
primary 'Nilsson, J.'      15 ? 
# 
loop_
_entity.id 
_entity.type 
_entity.src_method 
_entity.pdbx_description 
_entity.formula_weight 
_entity.pdbx_number_of_molecules 
_entity.pdbx_ec 
_entity.pdbx_mutation 
_entity.pdbx_fragment 
_entity.details 
1 polymer man 'Serine/threonine-protein phosphatase 4 regulatory subunit 3A'          13458.844 1  ? ? ? 
;N-terminal residue S0 (Serine) is a remainder from the introduced N-terminal TEV protease cleavage site and not part of the natural PP4R3A sequence. It is not visible in the structure. Residue D115 was built as an alanine due to badly visible side chain electron density. Residues 116 following are not visible in the structure.
;
2 polymer syn SER-LEU-PRO-PHE-THR-PHE-LYS-VAL-PRO-ALA-PRO-PRO-PRO-SER-LEU-PRO-PRO-SER 2066.417  1  ? ? ? 'model peptide' 
3 water   nat water                                                                   18.015    94 ? ? ? ? 
# 
_entity_name_com.entity_id   1 
_entity_name_com.name        'SMEK homolog 1' 
# 
loop_
_entity_poly.entity_id 
_entity_poly.type 
_entity_poly.nstd_linkage 
_entity_poly.nstd_monomer 
_entity_poly.pdbx_seq_one_letter_code 
_entity_poly.pdbx_seq_one_letter_code_can 
_entity_poly.pdbx_strand_id 
_entity_poly.pdbx_target_identifier 
1 'polypeptide(L)' no no 
;SMTDTRRRVKVYTLNEDRQWDDRGTGHVSSGYVERLKGMSLLVRAESDGSLLLESKINPNTAYQKQQDTLIVWSEAENYD
LALSFQEKAGCDEIWEKICQVQGKDPSVDITQDLVDES
;
;SMTDTRRRVKVYTLNEDRQWDDRGTGHVSSGYVERLKGMSLLVRAESDGSLLLESKINPNTAYQKQQDTLIVWSEAENYD
LALSFQEKAGCDEIWEKICQVQGKDPSVDITQDLVDES
;
A ? 
2 'polypeptide(L)' no no SLPFTFKVPAPPPSLPPSW SLPFTFKVPAPPPSLPPSW B ? 
# 
_pdbx_entity_nonpoly.entity_id   3 
_pdbx_entity_nonpoly.name        water 
_pdbx_entity_nonpoly.comp_id     HOH 
# 
loop_
_entity_poly_seq.entity_id 
_entity_poly_seq.num 
_entity_poly_seq.mon_id 
_entity_poly_seq.hetero 
1 1   SER n 
1 2   MET n 
1 3   THR n 
1 4   ASP n 
1 5   THR n 
1 6   ARG n 
1 7   ARG n 
1 8   ARG n 
1 9   VAL n 
1 10  LYS n 
1 11  VAL n 
1 12  TYR n 
1 13  THR n 
1 14  LEU n 
1 15  ASN n 
1 16  GLU n 
1 17  ASP n 
1 18  ARG n 
1 19  GLN n 
1 20  TRP n 
1 21  ASP n 
1 22  ASP n 
1 23  ARG n 
1 24  GLY n 
1 25  THR n 
1 26  GLY n 
1 27  HIS n 
1 28  VAL n 
1 29  SER n 
1 30  SER n 
1 31  GLY n 
1 32  TYR n 
1 33  VAL n 
1 34  GLU n 
1 35  ARG n 
1 36  LEU n 
1 37  LYS n 
1 38  GLY n 
1 39  MET n 
1 40  SER n 
1 41  LEU n 
1 42  LEU n 
1 43  VAL n 
1 44  ARG n 
1 45  ALA n 
1 46  GLU n 
1 47  SER n 
1 48  ASP n 
1 49  GLY n 
1 50  SER n 
1 51  LEU n 
1 52  LEU n 
1 53  LEU n 
1 54  GLU n 
1 55  SER n 
1 56  LYS n 
1 57  ILE n 
1 58  ASN n 
1 59  PRO n 
1 60  ASN n 
1 61  THR n 
1 62  ALA n 
1 63  TYR n 
1 64  GLN n 
1 65  LYS n 
1 66  GLN n 
1 67  GLN n 
1 68  ASP n 
1 69  THR n 
1 70  LEU n 
1 71  ILE n 
1 72  VAL n 
1 73  TRP n 
1 74  SER n 
1 75  GLU n 
1 76  ALA n 
1 77  GLU n 
1 78  ASN n 
1 79  TYR n 
1 80  ASP n 
1 81  LEU n 
1 82  ALA n 
1 83  LEU n 
1 84  SER n 
1 85  PHE n 
1 86  GLN n 
1 87  GLU n 
1 88  LYS n 
1 89  ALA n 
1 90  GLY n 
1 91  CYS n 
1 92  ASP n 
1 93  GLU n 
1 94  ILE n 
1 95  TRP n 
1 96  GLU n 
1 97  LYS n 
1 98  ILE n 
1 99  CYS n 
1 100 GLN n 
1 101 VAL n 
1 102 GLN n 
1 103 GLY n 
1 104 LYS n 
1 105 ASP n 
1 106 PRO n 
1 107 SER n 
1 108 VAL n 
1 109 ASP n 
1 110 ILE n 
1 111 THR n 
1 112 GLN n 
1 113 ASP n 
1 114 LEU n 
1 115 VAL n 
1 116 ASP n 
1 117 GLU n 
1 118 SER n 
2 1   SER n 
2 2   LEU n 
2 3   PRO n 
2 4   PHE n 
2 5   THR n 
2 6   PHE n 
2 7   LYS n 
2 8   VAL n 
2 9   PRO n 
2 10  ALA n 
2 11  PRO n 
2 12  PRO n 
2 13  PRO n 
2 14  SER n 
2 15  LEU n 
2 16  PRO n 
2 17  PRO n 
2 18  SER n 
2 19  TRP n 
# 
_entity_src_gen.entity_id                          1 
_entity_src_gen.pdbx_src_id                        1 
_entity_src_gen.pdbx_alt_source_flag               sample 
_entity_src_gen.pdbx_seq_type                      'Biological sequence' 
_entity_src_gen.pdbx_beg_seq_num                   1 
_entity_src_gen.pdbx_end_seq_num                   118 
_entity_src_gen.gene_src_common_name               human 
_entity_src_gen.gene_src_genus                     ? 
_entity_src_gen.pdbx_gene_src_gene                 'PPP4R3A, KIAA2010, PP4R3A, SMEK1, MSTP033' 
_entity_src_gen.gene_src_species                   ? 
_entity_src_gen.gene_src_strain                    ? 
_entity_src_gen.gene_src_tissue                    ? 
_entity_src_gen.gene_src_tissue_fraction           ? 
_entity_src_gen.gene_src_details                   ? 
_entity_src_gen.pdbx_gene_src_fragment             ? 
_entity_src_gen.pdbx_gene_src_scientific_name      'Homo sapiens' 
_entity_src_gen.pdbx_gene_src_ncbi_taxonomy_id     9606 
_entity_src_gen.pdbx_gene_src_variant              ? 
_entity_src_gen.pdbx_gene_src_cell_line            ? 
_entity_src_gen.pdbx_gene_src_atcc                 ? 
_entity_src_gen.pdbx_gene_src_organ                ? 
_entity_src_gen.pdbx_gene_src_organelle            ? 
_entity_src_gen.pdbx_gene_src_cell                 ? 
_entity_src_gen.pdbx_gene_src_cellular_location    ? 
_entity_src_gen.host_org_common_name               ? 
_entity_src_gen.pdbx_host_org_scientific_name      'Escherichia coli' 
_entity_src_gen.pdbx_host_org_ncbi_taxonomy_id     562 
_entity_src_gen.host_org_genus                     ? 
_entity_src_gen.pdbx_host_org_gene                 ? 
_entity_src_gen.pdbx_host_org_organ                ? 
_entity_src_gen.host_org_species                   ? 
_entity_src_gen.pdbx_host_org_tissue               ? 
_entity_src_gen.pdbx_host_org_tissue_fraction      ? 
_entity_src_gen.pdbx_host_org_strain               ? 
_entity_src_gen.pdbx_host_org_variant              ? 
_entity_src_gen.pdbx_host_org_cell_line            ? 
_entity_src_gen.pdbx_host_org_atcc                 ? 
_entity_src_gen.pdbx_host_org_culture_collection   ? 
_entity_src_gen.pdbx_host_org_cell                 ? 
_entity_src_gen.pdbx_host_org_organelle            ? 
_entity_src_gen.pdbx_host_org_cellular_location    ? 
_entity_src_gen.pdbx_host_org_vector_type          ? 
_entity_src_gen.pdbx_host_org_vector               ? 
_entity_src_gen.host_org_details                   ? 
_entity_src_gen.expression_system_id               ? 
_entity_src_gen.plasmid_name                       ? 
_entity_src_gen.plasmid_details                    ? 
_entity_src_gen.pdbx_description                   ? 
# 
_pdbx_entity_src_syn.entity_id              2 
_pdbx_entity_src_syn.pdbx_src_id            1 
_pdbx_entity_src_syn.pdbx_alt_source_flag   sample 
_pdbx_entity_src_syn.pdbx_beg_seq_num       1 
_pdbx_entity_src_syn.pdbx_end_seq_num       19 
_pdbx_entity_src_syn.organism_scientific    'Homo sapiens' 
_pdbx_entity_src_syn.organism_common_name   human 
_pdbx_entity_src_syn.ncbi_taxonomy_id       9606 
_pdbx_entity_src_syn.details                ? 
# 
loop_
_chem_comp.id 
_chem_comp.type 
_chem_comp.mon_nstd_flag 
_chem_comp.name 
_chem_comp.pdbx_synonyms 
_chem_comp.formula 
_chem_comp.formula_weight 
ALA 'L-peptide linking' y ALANINE         ? 'C3 H7 N O2'     89.093  
ARG 'L-peptide linking' y ARGININE        ? 'C6 H15 N4 O2 1' 175.209 
ASN 'L-peptide linking' y ASPARAGINE      ? 'C4 H8 N2 O3'    132.118 
ASP 'L-peptide linking' y 'ASPARTIC ACID' ? 'C4 H7 N O4'     133.103 
CYS 'L-peptide linking' y CYSTEINE        ? 'C3 H7 N O2 S'   121.158 
GLN 'L-peptide linking' y GLUTAMINE       ? 'C5 H10 N2 O3'   146.144 
GLU 'L-peptide linking' y 'GLUTAMIC ACID' ? 'C5 H9 N O4'     147.129 
GLY 'peptide linking'   y GLYCINE         ? 'C2 H5 N O2'     75.067  
HIS 'L-peptide linking' y HISTIDINE       ? 'C6 H10 N3 O2 1' 156.162 
HOH non-polymer         . WATER           ? 'H2 O'           18.015  
ILE 'L-peptide linking' y ISOLEUCINE      ? 'C6 H13 N O2'    131.173 
LEU 'L-peptide linking' y LEUCINE         ? 'C6 H13 N O2'    131.173 
LYS 'L-peptide linking' y LYSINE          ? 'C6 H15 N2 O2 1' 147.195 
MET 'L-peptide linking' y METHIONINE      ? 'C5 H11 N O2 S'  149.211 
PHE 'L-peptide linking' y PHENYLALANINE   ? 'C9 H11 N O2'    165.189 
PRO 'L-peptide linking' y PROLINE         ? 'C5 H9 N O2'     115.130 
SER 'L-peptide linking' y SERINE          ? 'C3 H7 N O3'     105.093 
THR 'L-peptide linking' y THREONINE       ? 'C4 H9 N O3'     119.119 
TRP 'L-peptide linking' y TRYPTOPHAN      ? 'C11 H12 N2 O2'  204.225 
TYR 'L-peptide linking' y TYROSINE        ? 'C9 H11 N O3'    181.189 
VAL 'L-peptide linking' y VALINE          ? 'C5 H11 N O2'    117.146 
# 
loop_
_pdbx_poly_seq_scheme.asym_id 
_pdbx_poly_seq_scheme.entity_id 
_pdbx_poly_seq_scheme.seq_id 
_pdbx_poly_seq_scheme.mon_id 
_pdbx_poly_seq_scheme.ndb_seq_num 
_pdbx_poly_seq_scheme.pdb_seq_num 
_pdbx_poly_seq_scheme.auth_seq_num 
_pdbx_poly_seq_scheme.pdb_mon_id 
_pdbx_poly_seq_scheme.auth_mon_id 
_pdbx_poly_seq_scheme.pdb_strand_id 
_pdbx_poly_seq_scheme.pdb_ins_code 
_pdbx_poly_seq_scheme.hetero 
A 1 1   SER 1   0   ?   ?   ?   A . n 
A 1 2   MET 2   1   1   MET MET A . n 
A 1 3   THR 3   2   2   THR THR A . n 
A 1 4   ASP 4   3   3   ASP ASP A . n 
A 1 5   THR 5   4   4   THR THR A . n 
A 1 6   ARG 6   5   5   ARG ARG A . n 
A 1 7   ARG 7   6   6   ARG ARG A . n 
A 1 8   ARG 8   7   7   ARG ARG A . n 
A 1 9   VAL 9   8   8   VAL VAL A . n 
A 1 10  LYS 10  9   9   LYS LYS A . n 
A 1 11  VAL 11  10  10  VAL VAL A . n 
A 1 12  TYR 12  11  11  TYR TYR A . n 
A 1 13  THR 13  12  12  THR THR A . n 
A 1 14  LEU 14  13  13  LEU LEU A . n 
A 1 15  ASN 15  14  14  ASN ASN A . n 
A 1 16  GLU 16  15  15  GLU GLU A . n 
A 1 17  ASP 17  16  16  ASP ASP A . n 
A 1 18  ARG 18  17  17  ARG ARG A . n 
A 1 19  GLN 19  18  18  GLN GLN A . n 
A 1 20  TRP 20  19  19  TRP TRP A . n 
A 1 21  ASP 21  20  20  ASP ASP A . n 
A 1 22  ASP 22  21  21  ASP ASP A . n 
A 1 23  ARG 23  22  22  ARG ARG A . n 
A 1 24  GLY 24  23  23  GLY GLY A . n 
A 1 25  THR 25  24  24  THR THR A . n 
A 1 26  GLY 26  25  25  GLY GLY A . n 
A 1 27  HIS 27  26  26  HIS HIS A . n 
A 1 28  VAL 28  27  27  VAL VAL A . n 
A 1 29  SER 29  28  28  SER SER A . n 
A 1 30  SER 30  29  29  SER SER A . n 
A 1 31  GLY 31  30  30  GLY GLY A . n 
A 1 32  TYR 32  31  31  TYR TYR A . n 
A 1 33  VAL 33  32  32  VAL VAL A . n 
A 1 34  GLU 34  33  33  GLU GLU A . n 
A 1 35  ARG 35  34  34  ARG ARG A . n 
A 1 36  LEU 36  35  35  LEU LEU A . n 
A 1 37  LYS 37  36  36  LYS LYS A . n 
A 1 38  GLY 38  37  37  GLY GLY A . n 
A 1 39  MET 39  38  38  MET MET A . n 
A 1 40  SER 40  39  39  SER SER A . n 
A 1 41  LEU 41  40  40  LEU LEU A . n 
A 1 42  LEU 42  41  41  LEU LEU A . n 
A 1 43  VAL 43  42  42  VAL VAL A . n 
A 1 44  ARG 44  43  43  ARG ARG A . n 
A 1 45  ALA 45  44  44  ALA ALA A . n 
A 1 46  GLU 46  45  45  GLU GLU A . n 
A 1 47  SER 47  46  46  SER SER A . n 
A 1 48  ASP 48  47  47  ASP ASP A . n 
A 1 49  GLY 49  48  48  GLY GLY A . n 
A 1 50  SER 50  49  49  SER SER A . n 
A 1 51  LEU 51  50  50  LEU LEU A . n 
A 1 52  LEU 52  51  51  LEU LEU A . n 
A 1 53  LEU 53  52  52  LEU LEU A . n 
A 1 54  GLU 54  53  53  GLU GLU A . n 
A 1 55  SER 55  54  54  SER SER A . n 
A 1 56  LYS 56  55  55  LYS LYS A . n 
A 1 57  ILE 57  56  56  ILE ILE A . n 
A 1 58  ASN 58  57  57  ASN ASN A . n 
A 1 59  PRO 59  58  58  PRO PRO A . n 
A 1 60  ASN 60  59  59  ASN ASN A . n 
A 1 61  THR 61  60  60  THR THR A . n 
A 1 62  ALA 62  61  61  ALA ALA A . n 
A 1 63  TYR 63  62  62  TYR TYR A . n 
A 1 64  GLN 64  63  63  GLN GLN A . n 
A 1 65  LYS 65  64  64  LYS LYS A . n 
A 1 66  GLN 66  65  65  GLN GLN A . n 
A 1 67  GLN 67  66  66  GLN GLN A . n 
A 1 68  ASP 68  67  67  ASP ASP A . n 
A 1 69  THR 69  68  68  THR THR A . n 
A 1 70  LEU 70  69  69  LEU LEU A . n 
A 1 71  ILE 71  70  70  ILE ILE A . n 
A 1 72  VAL 72  71  71  VAL VAL A . n 
A 1 73  TRP 73  72  72  TRP TRP A . n 
A 1 74  SER 74  73  73  SER SER A . n 
A 1 75  GLU 75  74  74  GLU GLU A . n 
A 1 76  ALA 76  75  75  ALA ALA A . n 
A 1 77  GLU 77  76  76  GLU GLU A . n 
A 1 78  ASN 78  77  77  ASN ASN A . n 
A 1 79  TYR 79  78  78  TYR TYR A . n 
A 1 80  ASP 80  79  79  ASP ASP A . n 
A 1 81  LEU 81  80  80  LEU LEU A . n 
A 1 82  ALA 82  81  81  ALA ALA A . n 
A 1 83  LEU 83  82  82  LEU LEU A . n 
A 1 84  SER 84  83  83  SER SER A . n 
A 1 85  PHE 85  84  84  PHE PHE A . n 
A 1 86  GLN 86  85  85  GLN GLN A . n 
A 1 87  GLU 87  86  86  GLU GLU A . n 
A 1 88  LYS 88  87  87  LYS LYS A . n 
A 1 89  ALA 89  88  88  ALA ALA A . n 
A 1 90  GLY 90  89  89  GLY GLY A . n 
A 1 91  CYS 91  90  90  CYS CYS A . n 
A 1 92  ASP 92  91  91  ASP ASP A . n 
A 1 93  GLU 93  92  92  GLU GLU A . n 
A 1 94  ILE 94  93  93  ILE ILE A . n 
A 1 95  TRP 95  94  94  TRP TRP A . n 
A 1 96  GLU 96  95  95  GLU GLU A . n 
A 1 97  LYS 97  96  96  LYS LYS A . n 
A 1 98  ILE 98  97  97  ILE ILE A . n 
A 1 99  CYS 99  98  98  CYS CYS A . n 
A 1 100 GLN 100 99  99  GLN GLN A . n 
A 1 101 VAL 101 100 100 VAL VAL A . n 
A 1 102 GLN 102 101 101 GLN GLN A . n 
A 1 103 GLY 103 102 102 GLY GLY A . n 
A 1 104 LYS 104 103 103 LYS LYS A . n 
A 1 105 ASP 105 104 104 ASP ASP A . n 
A 1 106 PRO 106 105 105 PRO PRO A . n 
A 1 107 SER 107 106 106 SER SER A . n 
A 1 108 VAL 108 107 107 VAL VAL A . n 
A 1 109 ASP 109 108 108 ASP ASP A . n 
A 1 110 ILE 110 109 109 ILE ILE A . n 
A 1 111 THR 111 110 110 THR THR A . n 
A 1 112 GLN 112 111 111 GLN GLN A . n 
A 1 113 ASP 113 112 112 ASP ALA A . n 
A 1 114 LEU 114 113 ?   ?   ?   A . n 
A 1 115 VAL 115 114 ?   ?   ?   A . n 
A 1 116 ASP 116 115 ?   ?   ?   A . n 
A 1 117 GLU 117 116 ?   ?   ?   A . n 
A 1 118 SER 118 117 ?   ?   ?   A . n 
B 2 1   SER 1   1   1   SER SER B . n 
B 2 2   LEU 2   2   2   LEU LEU B . n 
B 2 3   PRO 3   3   3   PRO PRO B . n 
B 2 4   PHE 4   4   4   PHE PHE B . n 
B 2 5   THR 5   5   5   THR THR B . n 
B 2 6   PHE 6   6   6   PHE PHE B . n 
B 2 7   LYS 7   7   7   LYS LYS B . n 
B 2 8   VAL 8   8   8   VAL VAL B . n 
B 2 9   PRO 9   9   9   PRO PRO B . n 
B 2 10  ALA 10  10  10  ALA ALA B . n 
B 2 11  PRO 11  11  11  PRO PRO B . n 
B 2 12  PRO 12  12  12  PRO PRO B . n 
B 2 13  PRO 13  13  13  PRO PRO B . n 
B 2 14  SER 14  14  14  SER SER B . n 
B 2 15  LEU 15  15  15  LEU LEU B . n 
B 2 16  PRO 16  16  16  PRO PRO B . n 
B 2 17  PRO 17  17  17  PRO PRO B . n 
B 2 18  SER 18  18  ?   ?   ?   B . n 
B 2 19  TRP 19  19  ?   ?   ?   B . n 
# 
loop_
_pdbx_nonpoly_scheme.asym_id 
_pdbx_nonpoly_scheme.entity_id 
_pdbx_nonpoly_scheme.mon_id 
_pdbx_nonpoly_scheme.ndb_seq_num 
_pdbx_nonpoly_scheme.pdb_seq_num 
_pdbx_nonpoly_scheme.auth_seq_num 
_pdbx_nonpoly_scheme.pdb_mon_id 
_pdbx_nonpoly_scheme.auth_mon_id 
_pdbx_nonpoly_scheme.pdb_strand_id 
_pdbx_nonpoly_scheme.pdb_ins_code 
C 3 HOH 1  201 40  HOH HOH A . 
C 3 HOH 2  202 83  HOH HOH A . 
C 3 HOH 3  203 39  HOH HOH A . 
C 3 HOH 4  204 78  HOH HOH A . 
C 3 HOH 5  205 29  HOH HOH A . 
C 3 HOH 6  206 65  HOH HOH A . 
C 3 HOH 7  207 80  HOH HOH A . 
C 3 HOH 8  208 24  HOH HOH A . 
C 3 HOH 9  209 14  HOH HOH A . 
C 3 HOH 10 210 64  HOH HOH A . 
C 3 HOH 11 211 13  HOH HOH A . 
C 3 HOH 12 212 44  HOH HOH A . 
C 3 HOH 13 213 16  HOH HOH A . 
C 3 HOH 14 214 25  HOH HOH A . 
C 3 HOH 15 215 10  HOH HOH A . 
C 3 HOH 16 216 12  HOH HOH A . 
C 3 HOH 17 217 17  HOH HOH A . 
C 3 HOH 18 218 94  HOH HOH A . 
C 3 HOH 19 219 20  HOH HOH A . 
C 3 HOH 20 220 81  HOH HOH A . 
C 3 HOH 21 221 35  HOH HOH A . 
C 3 HOH 22 222 87  HOH HOH A . 
C 3 HOH 23 223 47  HOH HOH A . 
C 3 HOH 24 224 5   HOH HOH A . 
C 3 HOH 25 225 37  HOH HOH A . 
C 3 HOH 26 226 43  HOH HOH A . 
C 3 HOH 27 227 66  HOH HOH A . 
C 3 HOH 28 228 8   HOH HOH A . 
C 3 HOH 29 229 4   HOH HOH A . 
C 3 HOH 30 230 23  HOH HOH A . 
C 3 HOH 31 231 15  HOH HOH A . 
C 3 HOH 32 232 53  HOH HOH A . 
C 3 HOH 33 233 57  HOH HOH A . 
C 3 HOH 34 234 3   HOH HOH A . 
C 3 HOH 35 235 92  HOH HOH A . 
C 3 HOH 36 236 42  HOH HOH A . 
C 3 HOH 37 237 11  HOH HOH A . 
C 3 HOH 38 238 18  HOH HOH A . 
C 3 HOH 39 239 1   HOH HOH A . 
C 3 HOH 40 240 33  HOH HOH A . 
C 3 HOH 41 241 61  HOH HOH A . 
C 3 HOH 42 242 69  HOH HOH A . 
C 3 HOH 43 243 27  HOH HOH A . 
C 3 HOH 44 244 74  HOH HOH A . 
C 3 HOH 45 245 31  HOH HOH A . 
C 3 HOH 46 246 75  HOH HOH A . 
C 3 HOH 47 247 99  HOH HOH A . 
C 3 HOH 48 248 100 HOH HOH A . 
C 3 HOH 49 249 79  HOH HOH A . 
C 3 HOH 50 250 58  HOH HOH A . 
C 3 HOH 51 251 45  HOH HOH A . 
C 3 HOH 52 252 32  HOH HOH A . 
C 3 HOH 53 253 36  HOH HOH A . 
C 3 HOH 54 254 28  HOH HOH A . 
C 3 HOH 55 255 7   HOH HOH A . 
C 3 HOH 56 256 34  HOH HOH A . 
C 3 HOH 57 257 73  HOH HOH A . 
C 3 HOH 58 258 22  HOH HOH A . 
C 3 HOH 59 259 38  HOH HOH A . 
C 3 HOH 60 260 48  HOH HOH A . 
C 3 HOH 61 261 6   HOH HOH A . 
C 3 HOH 62 262 49  HOH HOH A . 
C 3 HOH 63 263 46  HOH HOH A . 
C 3 HOH 64 264 63  HOH HOH A . 
C 3 HOH 65 265 41  HOH HOH A . 
C 3 HOH 66 266 95  HOH HOH A . 
C 3 HOH 67 267 96  HOH HOH A . 
C 3 HOH 68 268 52  HOH HOH A . 
C 3 HOH 69 269 91  HOH HOH A . 
C 3 HOH 70 270 88  HOH HOH A . 
C 3 HOH 71 271 82  HOH HOH A . 
C 3 HOH 72 272 97  HOH HOH A . 
C 3 HOH 73 273 68  HOH HOH A . 
C 3 HOH 74 274 50  HOH HOH A . 
C 3 HOH 75 275 98  HOH HOH A . 
C 3 HOH 76 276 76  HOH HOH A . 
C 3 HOH 77 277 72  HOH HOH A . 
C 3 HOH 78 278 60  HOH HOH A . 
C 3 HOH 79 279 54  HOH HOH A . 
C 3 HOH 80 280 19  HOH HOH A . 
C 3 HOH 81 281 93  HOH HOH A . 
C 3 HOH 82 282 67  HOH HOH A . 
D 3 HOH 1  101 71  HOH HOH B . 
D 3 HOH 2  102 30  HOH HOH B . 
D 3 HOH 3  103 51  HOH HOH B . 
D 3 HOH 4  104 9   HOH HOH B . 
D 3 HOH 5  105 26  HOH HOH B . 
D 3 HOH 6  106 2   HOH HOH B . 
D 3 HOH 7  107 21  HOH HOH B . 
D 3 HOH 8  108 59  HOH HOH B . 
D 3 HOH 9  109 86  HOH HOH B . 
D 3 HOH 10 110 62  HOH HOH B . 
D 3 HOH 11 111 77  HOH HOH B . 
D 3 HOH 12 112 90  HOH HOH B . 
# 
loop_
_pdbx_unobs_or_zero_occ_atoms.id 
_pdbx_unobs_or_zero_occ_atoms.PDB_model_num 
_pdbx_unobs_or_zero_occ_atoms.polymer_flag 
_pdbx_unobs_or_zero_occ_atoms.occupancy_flag 
_pdbx_unobs_or_zero_occ_atoms.auth_asym_id 
_pdbx_unobs_or_zero_occ_atoms.auth_comp_id 
_pdbx_unobs_or_zero_occ_atoms.auth_seq_id 
_pdbx_unobs_or_zero_occ_atoms.PDB_ins_code 
_pdbx_unobs_or_zero_occ_atoms.auth_atom_id 
_pdbx_unobs_or_zero_occ_atoms.label_alt_id 
_pdbx_unobs_or_zero_occ_atoms.label_asym_id 
_pdbx_unobs_or_zero_occ_atoms.label_comp_id 
_pdbx_unobs_or_zero_occ_atoms.label_seq_id 
_pdbx_unobs_or_zero_occ_atoms.label_atom_id 
1 1 Y 1 A ASP 112 ? CG  ? A ASP 113 CG  
2 1 Y 1 A ASP 112 ? OD1 ? A ASP 113 OD1 
3 1 Y 1 A ASP 112 ? OD2 ? A ASP 113 OD2 
# 
loop_
_software.citation_id 
_software.classification 
_software.compiler_name 
_software.compiler_version 
_software.contact_author 
_software.contact_author_email 
_software.date 
_software.description 
_software.dependencies 
_software.hardware 
_software.language 
_software.location 
_software.mods 
_software.name 
_software.os 
_software.os_version 
_software.type 
_software.version 
_software.pdbx_ordinal 
? refinement       ? ? ? ? ? ? ? ? ? ? ? PHENIX   ? ? ? '(1.14_3260: ???)' 1 
? 'model building' ? ? ? ? ? ? ? ? ? ? ? Coot     ? ? ? .                  2 
? 'data scaling'   ? ? ? ? ? ? ? ? ? ? ? autoPROC ? ? ? .                  3 
? phasing          ? ? ? ? ? ? ? ? ? ? ? PHASER   ? ? ? .                  4 
# 
_cell.angle_alpha                  90.00 
_cell.angle_alpha_esd              ? 
_cell.angle_beta                   90.00 
_cell.angle_beta_esd               ? 
_cell.angle_gamma                  90.00 
_cell.angle_gamma_esd              ? 
_cell.entry_id                     6R8I 
_cell.details                      ? 
_cell.formula_units_Z              ? 
_cell.length_a                     60.586 
_cell.length_a_esd                 ? 
_cell.length_b                     60.586 
_cell.length_b_esd                 ? 
_cell.length_c                     91.902 
_cell.length_c_esd                 ? 
_cell.volume                       ? 
_cell.volume_esd                   ? 
_cell.Z_PDB                        8 
_cell.reciprocal_angle_alpha       ? 
_cell.reciprocal_angle_beta        ? 
_cell.reciprocal_angle_gamma       ? 
_cell.reciprocal_angle_alpha_esd   ? 
_cell.reciprocal_angle_beta_esd    ? 
_cell.reciprocal_angle_gamma_esd   ? 
_cell.reciprocal_length_a          ? 
_cell.reciprocal_length_b          ? 
_cell.reciprocal_length_c          ? 
_cell.reciprocal_length_a_esd      ? 
_cell.reciprocal_length_b_esd      ? 
_cell.reciprocal_length_c_esd      ? 
_cell.pdbx_unique_axis             ? 
# 
_symmetry.entry_id                         6R8I 
_symmetry.cell_setting                     ? 
_symmetry.Int_Tables_number                96 
_symmetry.space_group_name_Hall            ? 
_symmetry.space_group_name_H-M             'P 43 21 2' 
_symmetry.pdbx_full_space_group_name_H-M   ? 
# 
_exptl.absorpt_coefficient_mu     ? 
_exptl.absorpt_correction_T_max   ? 
_exptl.absorpt_correction_T_min   ? 
_exptl.absorpt_correction_type    ? 
_exptl.absorpt_process_details    ? 
_exptl.entry_id                   6R8I 
_exptl.crystals_number            1 
_exptl.details                    ? 
_exptl.method                     'X-RAY DIFFRACTION' 
_exptl.method_details             ? 
# 
_exptl_crystal.colour                      ? 
_exptl_crystal.density_diffrn              ? 
_exptl_crystal.density_Matthews            2.72 
_exptl_crystal.density_method              ? 
_exptl_crystal.density_percent_sol         54.71 
_exptl_crystal.description                 ? 
_exptl_crystal.F_000                       ? 
_exptl_crystal.id                          1 
_exptl_crystal.preparation                 ? 
_exptl_crystal.size_max                    ? 
_exptl_crystal.size_mid                    ? 
_exptl_crystal.size_min                    ? 
_exptl_crystal.size_rad                    ? 
_exptl_crystal.colour_lustre               ? 
_exptl_crystal.colour_modifier             ? 
_exptl_crystal.colour_primary              ? 
_exptl_crystal.density_meas                ? 
_exptl_crystal.density_meas_esd            ? 
_exptl_crystal.density_meas_gt             ? 
_exptl_crystal.density_meas_lt             ? 
_exptl_crystal.density_meas_temp           ? 
_exptl_crystal.density_meas_temp_esd       ? 
_exptl_crystal.density_meas_temp_gt        ? 
_exptl_crystal.density_meas_temp_lt        ? 
_exptl_crystal.pdbx_crystal_image_url      ? 
_exptl_crystal.pdbx_crystal_image_format   ? 
_exptl_crystal.pdbx_mosaicity              ? 
_exptl_crystal.pdbx_mosaicity_esd          ? 
# 
_exptl_crystal_grow.apparatus       ? 
_exptl_crystal_grow.atmosphere      ? 
_exptl_crystal_grow.crystal_id      1 
_exptl_crystal_grow.details         ? 
_exptl_crystal_grow.method          'VAPOR DIFFUSION, SITTING DROP' 
_exptl_crystal_grow.method_ref      ? 
_exptl_crystal_grow.pH              6.5 
_exptl_crystal_grow.pressure        ? 
_exptl_crystal_grow.pressure_esd    ? 
_exptl_crystal_grow.seeding         ? 
_exptl_crystal_grow.seeding_ref     ? 
_exptl_crystal_grow.temp            293 
_exptl_crystal_grow.temp_details    ? 
_exptl_crystal_grow.temp_esd        ? 
_exptl_crystal_grow.time            ? 
_exptl_crystal_grow.pdbx_details    '1 M tri-sodium citrate, 0.1 M sodium cacodylate pH 6.5' 
_exptl_crystal_grow.pdbx_pH_range   ? 
# 
_diffrn.ambient_environment              ? 
_diffrn.ambient_temp                     100 
_diffrn.ambient_temp_details             ? 
_diffrn.ambient_temp_esd                 ? 
_diffrn.crystal_id                       1 
_diffrn.crystal_support                  ? 
_diffrn.crystal_treatment                ? 
_diffrn.details                          ? 
_diffrn.id                               1 
_diffrn.ambient_pressure                 ? 
_diffrn.ambient_pressure_esd             ? 
_diffrn.ambient_pressure_gt              ? 
_diffrn.ambient_pressure_lt              ? 
_diffrn.ambient_temp_gt                  ? 
_diffrn.ambient_temp_lt                  ? 
_diffrn.pdbx_serial_crystal_experiment   N 
# 
_diffrn_detector.details                      ? 
_diffrn_detector.detector                     PIXEL 
_diffrn_detector.diffrn_id                    1 
_diffrn_detector.type                         'DECTRIS EIGER X 16M' 
_diffrn_detector.area_resol_mean              ? 
_diffrn_detector.dtime                        ? 
_diffrn_detector.pdbx_frames_total            ? 
_diffrn_detector.pdbx_collection_time_total   ? 
_diffrn_detector.pdbx_collection_date         2019-02-09 
_diffrn_detector.pdbx_frequency               ? 
# 
_diffrn_radiation.collimation                      ? 
_diffrn_radiation.diffrn_id                        1 
_diffrn_radiation.filter_edge                      ? 
_diffrn_radiation.inhomogeneity                    ? 
_diffrn_radiation.monochromator                    ? 
_diffrn_radiation.polarisn_norm                    ? 
_diffrn_radiation.polarisn_ratio                   ? 
_diffrn_radiation.probe                            ? 
_diffrn_radiation.type                             ? 
_diffrn_radiation.xray_symbol                      ? 
_diffrn_radiation.wavelength_id                    1 
_diffrn_radiation.pdbx_monochromatic_or_laue_m_l   M 
_diffrn_radiation.pdbx_wavelength_list             ? 
_diffrn_radiation.pdbx_wavelength                  ? 
_diffrn_radiation.pdbx_diffrn_protocol             'SINGLE WAVELENGTH' 
_diffrn_radiation.pdbx_analyzer                    ? 
_diffrn_radiation.pdbx_scattering_type             x-ray 
# 
_diffrn_radiation_wavelength.id           1 
_diffrn_radiation_wavelength.wavelength   1 
_diffrn_radiation_wavelength.wt           1.0 
# 
_diffrn_source.current                     ? 
_diffrn_source.details                     ? 
_diffrn_source.diffrn_id                   1 
_diffrn_source.power                       ? 
_diffrn_source.size                        ? 
_diffrn_source.source                      SYNCHROTRON 
_diffrn_source.target                      ? 
_diffrn_source.type                        'SLS BEAMLINE X06SA' 
_diffrn_source.voltage                     ? 
_diffrn_source.take-off_angle              ? 
_diffrn_source.pdbx_wavelength_list        1 
_diffrn_source.pdbx_wavelength             ? 
_diffrn_source.pdbx_synchrotron_beamline   X06SA 
_diffrn_source.pdbx_synchrotron_site       SLS 
# 
_reflns.B_iso_Wilson_estimate            ? 
_reflns.entry_id                         6R8I 
_reflns.data_reduction_details           ? 
_reflns.data_reduction_method            ? 
_reflns.d_resolution_high                1.52 
_reflns.d_resolution_low                 42.84 
_reflns.details                          ? 
_reflns.limit_h_max                      ? 
_reflns.limit_h_min                      ? 
_reflns.limit_k_max                      ? 
_reflns.limit_k_min                      ? 
_reflns.limit_l_max                      ? 
_reflns.limit_l_min                      ? 
_reflns.number_all                       ? 
_reflns.number_obs                       50548 
_reflns.observed_criterion               ? 
_reflns.observed_criterion_F_max         ? 
_reflns.observed_criterion_F_min         ? 
_reflns.observed_criterion_I_max         ? 
_reflns.observed_criterion_I_min         ? 
_reflns.observed_criterion_sigma_F       ? 
_reflns.observed_criterion_sigma_I       ? 
_reflns.percent_possible_obs             99.71 
_reflns.R_free_details                   ? 
_reflns.Rmerge_F_all                     ? 
_reflns.Rmerge_F_obs                     ? 
_reflns.Friedel_coverage                 ? 
_reflns.number_gt                        ? 
_reflns.threshold_expression             ? 
_reflns.pdbx_redundancy                  7.0 
_reflns.pdbx_Rmerge_I_obs                ? 
_reflns.pdbx_Rmerge_I_all                ? 
_reflns.pdbx_Rsym_value                  ? 
_reflns.pdbx_netI_over_av_sigmaI         ? 
_reflns.pdbx_netI_over_sigmaI            22.8 
_reflns.pdbx_res_netI_over_av_sigmaI_2   ? 
_reflns.pdbx_res_netI_over_sigmaI_2      ? 
_reflns.pdbx_chi_squared                 ? 
_reflns.pdbx_scaling_rejects             ? 
_reflns.pdbx_d_res_high_opt              ? 
_reflns.pdbx_d_res_low_opt               ? 
_reflns.pdbx_d_res_opt_method            ? 
_reflns.phase_calculation_details        ? 
_reflns.pdbx_Rrim_I_all                  ? 
_reflns.pdbx_Rpim_I_all                  ? 
_reflns.pdbx_d_opt                       ? 
_reflns.pdbx_number_measured_all         ? 
_reflns.pdbx_diffrn_id                   1 
_reflns.pdbx_ordinal                     1 
_reflns.pdbx_CC_half                     ? 
_reflns.pdbx_R_split                     ? 
# 
_reflns_shell.d_res_high                  1.52 
_reflns_shell.d_res_low                   1.59 
_reflns_shell.meanI_over_sigI_all         ? 
_reflns_shell.meanI_over_sigI_obs         ? 
_reflns_shell.number_measured_all         ? 
_reflns_shell.number_measured_obs         ? 
_reflns_shell.number_possible             ? 
_reflns_shell.number_unique_all           ? 
_reflns_shell.number_unique_obs           8189 
_reflns_shell.percent_possible_all        ? 
_reflns_shell.percent_possible_obs        ? 
_reflns_shell.Rmerge_F_all                ? 
_reflns_shell.Rmerge_F_obs                ? 
_reflns_shell.Rmerge_I_all                ? 
_reflns_shell.Rmerge_I_obs                ? 
_reflns_shell.meanI_over_sigI_gt          ? 
_reflns_shell.meanI_over_uI_all           ? 
_reflns_shell.meanI_over_uI_gt            ? 
_reflns_shell.number_measured_gt          ? 
_reflns_shell.number_unique_gt            ? 
_reflns_shell.percent_possible_gt         ? 
_reflns_shell.Rmerge_F_gt                 ? 
_reflns_shell.Rmerge_I_gt                 ? 
_reflns_shell.pdbx_redundancy             ? 
_reflns_shell.pdbx_Rsym_value             ? 
_reflns_shell.pdbx_chi_squared            ? 
_reflns_shell.pdbx_netI_over_sigmaI_all   ? 
_reflns_shell.pdbx_netI_over_sigmaI_obs   ? 
_reflns_shell.pdbx_Rrim_I_all             ? 
_reflns_shell.pdbx_Rpim_I_all             ? 
_reflns_shell.pdbx_rejects                ? 
_reflns_shell.pdbx_ordinal                1 
_reflns_shell.pdbx_diffrn_id              1 
_reflns_shell.pdbx_CC_half                ? 
_reflns_shell.pdbx_R_split                ? 
# 
_refine.aniso_B[1][1]                            ? 
_refine.aniso_B[1][2]                            ? 
_refine.aniso_B[1][3]                            ? 
_refine.aniso_B[2][2]                            ? 
_refine.aniso_B[2][3]                            ? 
_refine.aniso_B[3][3]                            ? 
_refine.B_iso_max                                ? 
_refine.B_iso_mean                               ? 
_refine.B_iso_min                                ? 
_refine.correlation_coeff_Fo_to_Fc               ? 
_refine.correlation_coeff_Fo_to_Fc_free          ? 
_refine.details                                  ? 
_refine.diff_density_max                         ? 
_refine.diff_density_max_esd                     ? 
_refine.diff_density_min                         ? 
_refine.diff_density_min_esd                     ? 
_refine.diff_density_rms                         ? 
_refine.diff_density_rms_esd                     ? 
_refine.entry_id                                 6R8I 
_refine.pdbx_refine_id                           'X-RAY DIFFRACTION' 
_refine.ls_abs_structure_details                 ? 
_refine.ls_abs_structure_Flack                   ? 
_refine.ls_abs_structure_Flack_esd               ? 
_refine.ls_abs_structure_Rogers                  ? 
_refine.ls_abs_structure_Rogers_esd              ? 
_refine.ls_d_res_high                            1.517 
_refine.ls_d_res_low                             42.841 
_refine.ls_extinction_coef                       ? 
_refine.ls_extinction_coef_esd                   ? 
_refine.ls_extinction_expression                 ? 
_refine.ls_extinction_method                     ? 
_refine.ls_goodness_of_fit_all                   ? 
_refine.ls_goodness_of_fit_all_esd               ? 
_refine.ls_goodness_of_fit_obs                   ? 
_refine.ls_goodness_of_fit_obs_esd               ? 
_refine.ls_hydrogen_treatment                    ? 
_refine.ls_matrix_type                           ? 
_refine.ls_number_constraints                    ? 
_refine.ls_number_parameters                     ? 
_refine.ls_number_reflns_all                     ? 
_refine.ls_number_reflns_obs                     50497 
_refine.ls_number_reflns_R_free                  2535 
_refine.ls_number_reflns_R_work                  ? 
_refine.ls_number_restraints                     ? 
_refine.ls_percent_reflns_obs                    99.71 
_refine.ls_percent_reflns_R_free                 5.02 
_refine.ls_R_factor_all                          ? 
_refine.ls_R_factor_obs                          0.1905 
_refine.ls_R_factor_R_free                       0.2116 
_refine.ls_R_factor_R_free_error                 ? 
_refine.ls_R_factor_R_free_error_details         ? 
_refine.ls_R_factor_R_work                       0.1894 
_refine.ls_R_Fsqd_factor_obs                     ? 
_refine.ls_R_I_factor_obs                        ? 
_refine.ls_redundancy_reflns_all                 ? 
_refine.ls_redundancy_reflns_obs                 ? 
_refine.ls_restrained_S_all                      ? 
_refine.ls_restrained_S_obs                      ? 
_refine.ls_shift_over_esd_max                    ? 
_refine.ls_shift_over_esd_mean                   ? 
_refine.ls_structure_factor_coef                 ? 
_refine.ls_weighting_details                     ? 
_refine.ls_weighting_scheme                      ? 
_refine.ls_wR_factor_all                         ? 
_refine.ls_wR_factor_obs                         ? 
_refine.ls_wR_factor_R_free                      ? 
_refine.ls_wR_factor_R_work                      ? 
_refine.occupancy_max                            ? 
_refine.occupancy_min                            ? 
_refine.solvent_model_details                    'FLAT BULK SOLVENT MODEL' 
_refine.solvent_model_param_bsol                 ? 
_refine.solvent_model_param_ksol                 ? 
_refine.ls_R_factor_gt                           ? 
_refine.ls_goodness_of_fit_gt                    ? 
_refine.ls_goodness_of_fit_ref                   ? 
_refine.ls_shift_over_su_max                     ? 
_refine.ls_shift_over_su_max_lt                  ? 
_refine.ls_shift_over_su_mean                    ? 
_refine.ls_shift_over_su_mean_lt                 ? 
_refine.pdbx_ls_sigma_I                          ? 
_refine.pdbx_ls_sigma_F                          1.32 
_refine.pdbx_ls_sigma_Fsqd                       ? 
_refine.pdbx_data_cutoff_high_absF               ? 
_refine.pdbx_data_cutoff_high_rms_absF           ? 
_refine.pdbx_data_cutoff_low_absF                ? 
_refine.pdbx_isotropic_thermal_model             ? 
_refine.pdbx_ls_cross_valid_method               'FREE R-VALUE' 
_refine.pdbx_method_to_determine_struct          'MOLECULAR REPLACEMENT' 
_refine.pdbx_starting_model                      4WSF 
_refine.pdbx_stereochemistry_target_values       ML 
_refine.pdbx_R_Free_selection_details            ? 
_refine.pdbx_stereochem_target_val_spec_case     ? 
_refine.pdbx_overall_ESU_R                       ? 
_refine.pdbx_overall_ESU_R_Free                  ? 
_refine.pdbx_solvent_vdw_probe_radii             1.11 
_refine.pdbx_solvent_ion_probe_radii             ? 
_refine.pdbx_solvent_shrinkage_radii             0.90 
_refine.pdbx_real_space_R                        ? 
_refine.pdbx_density_correlation                 ? 
_refine.pdbx_pd_number_of_powder_patterns        ? 
_refine.pdbx_pd_number_of_points                 ? 
_refine.pdbx_pd_meas_number_of_points            ? 
_refine.pdbx_pd_proc_ls_prof_R_factor            ? 
_refine.pdbx_pd_proc_ls_prof_wR_factor           ? 
_refine.pdbx_pd_Marquardt_correlation_coeff      ? 
_refine.pdbx_pd_Fsqrd_R_factor                   ? 
_refine.pdbx_pd_ls_matrix_band_width             ? 
_refine.pdbx_overall_phase_error                 21.45 
_refine.pdbx_overall_SU_R_free_Cruickshank_DPI   ? 
_refine.pdbx_overall_SU_R_free_Blow_DPI          ? 
_refine.pdbx_overall_SU_R_Blow_DPI               ? 
_refine.pdbx_TLS_residual_ADP_flag               ? 
_refine.pdbx_diffrn_id                           1 
_refine.overall_SU_B                             ? 
_refine.overall_SU_ML                            0.21 
_refine.overall_SU_R_Cruickshank_DPI             ? 
_refine.overall_SU_R_free                        ? 
_refine.overall_FOM_free_R_set                   ? 
_refine.overall_FOM_work_R_set                   ? 
_refine.pdbx_average_fsc_overall                 ? 
_refine.pdbx_average_fsc_work                    ? 
_refine.pdbx_average_fsc_free                    ? 
# 
_refine_hist.pdbx_refine_id                   'X-RAY DIFFRACTION' 
_refine_hist.cycle_id                         LAST 
_refine_hist.details                          ? 
_refine_hist.d_res_high                       1.517 
_refine_hist.d_res_low                        42.841 
_refine_hist.number_atoms_solvent             94 
_refine_hist.number_atoms_total               1116 
_refine_hist.number_reflns_all                ? 
_refine_hist.number_reflns_obs                ? 
_refine_hist.number_reflns_R_free             ? 
_refine_hist.number_reflns_R_work             ? 
_refine_hist.R_factor_all                     ? 
_refine_hist.R_factor_obs                     ? 
_refine_hist.R_factor_R_free                  ? 
_refine_hist.R_factor_R_work                  ? 
_refine_hist.pdbx_number_residues_total       ? 
_refine_hist.pdbx_B_iso_mean_ligand           ? 
_refine_hist.pdbx_B_iso_mean_solvent          ? 
_refine_hist.pdbx_number_atoms_protein        1022 
_refine_hist.pdbx_number_atoms_nucleic_acid   0 
_refine_hist.pdbx_number_atoms_ligand         0 
_refine_hist.pdbx_number_atoms_lipid          ? 
_refine_hist.pdbx_number_atoms_carb           ? 
_refine_hist.pdbx_pseudo_atom_details         ? 
# 
loop_
_refine_ls_restr.pdbx_refine_id 
_refine_ls_restr.criterion 
_refine_ls_restr.dev_ideal 
_refine_ls_restr.dev_ideal_target 
_refine_ls_restr.number 
_refine_ls_restr.rejects 
_refine_ls_restr.type 
_refine_ls_restr.weight 
_refine_ls_restr.pdbx_restraint_function 
'X-RAY DIFFRACTION' ? 0.006 ? 1125 ? f_bond_d           ? ? 
'X-RAY DIFFRACTION' ? 0.908 ? 1539 ? f_angle_d          ? ? 
'X-RAY DIFFRACTION' ? 2.927 ? 898  ? f_dihedral_angle_d ? ? 
'X-RAY DIFFRACTION' ? 0.057 ? 167  ? f_chiral_restr     ? ? 
'X-RAY DIFFRACTION' ? 0.006 ? 207  ? f_plane_restr      ? ? 
# 
loop_
_refine_ls_shell.pdbx_refine_id 
_refine_ls_shell.d_res_high 
_refine_ls_shell.d_res_low 
_refine_ls_shell.number_reflns_all 
_refine_ls_shell.number_reflns_obs 
_refine_ls_shell.number_reflns_R_free 
_refine_ls_shell.number_reflns_R_work 
_refine_ls_shell.percent_reflns_obs 
_refine_ls_shell.percent_reflns_R_free 
_refine_ls_shell.R_factor_all 
_refine_ls_shell.R_factor_obs 
_refine_ls_shell.R_factor_R_free 
_refine_ls_shell.R_factor_R_free_error 
_refine_ls_shell.R_factor_R_work 
_refine_ls_shell.redundancy_reflns_all 
_refine_ls_shell.redundancy_reflns_obs 
_refine_ls_shell.wR_factor_all 
_refine_ls_shell.wR_factor_obs 
_refine_ls_shell.wR_factor_R_free 
_refine_ls_shell.wR_factor_R_work 
_refine_ls_shell.pdbx_total_number_of_bins_used 
_refine_ls_shell.pdbx_phase_error 
_refine_ls_shell.pdbx_fsc_work 
_refine_ls_shell.pdbx_fsc_free 
'X-RAY DIFFRACTION' 1.5166 1.5458  . . 139 2649 100.00 . . . 0.3792 . 0.3596 . . . . . . . . . . 
'X-RAY DIFFRACTION' 1.5458 1.5773  . . 141 2691 100.00 . . . 0.3033 . 0.3072 . . . . . . . . . . 
'X-RAY DIFFRACTION' 1.5773 1.6116  . . 142 2668 100.00 . . . 0.2978 . 0.2981 . . . . . . . . . . 
'X-RAY DIFFRACTION' 1.6116 1.6491  . . 139 2675 100.00 . . . 0.2735 . 0.2804 . . . . . . . . . . 
'X-RAY DIFFRACTION' 1.6491 1.6903  . . 141 2685 100.00 . . . 0.2675 . 0.2493 . . . . . . . . . . 
'X-RAY DIFFRACTION' 1.6903 1.7360  . . 138 2653 100.00 . . . 0.2261 . 0.2338 . . . . . . . . . . 
'X-RAY DIFFRACTION' 1.7360 1.7871  . . 139 2696 100.00 . . . 0.2450 . 0.2331 . . . . . . . . . . 
'X-RAY DIFFRACTION' 1.7871 1.8448  . . 132 2579 97.00  . . . 0.2242 . 0.2023 . . . . . . . . . . 
'X-RAY DIFFRACTION' 1.8448 1.9107  . . 143 2657 100.00 . . . 0.2011 . 0.2072 . . . . . . . . . . 
'X-RAY DIFFRACTION' 1.9107 1.9873  . . 142 2668 100.00 . . . 0.1986 . 0.1949 . . . . . . . . . . 
'X-RAY DIFFRACTION' 1.9873 2.0777  . . 143 2689 100.00 . . . 0.2367 . 0.1910 . . . . . . . . . . 
'X-RAY DIFFRACTION' 2.0777 2.1872  . . 142 2658 100.00 . . . 0.2097 . 0.1948 . . . . . . . . . . 
'X-RAY DIFFRACTION' 2.1872 2.3243  . . 143 2675 100.00 . . . 0.1935 . 0.1883 . . . . . . . . . . 
'X-RAY DIFFRACTION' 2.3243 2.5037  . . 146 2670 100.00 . . . 0.2236 . 0.2021 . . . . . . . . . . 
'X-RAY DIFFRACTION' 2.5037 2.7556  . . 144 2661 99.00  . . . 0.2363 . 0.1976 . . . . . . . . . . 
'X-RAY DIFFRACTION' 2.7556 3.1542  . . 137 2662 100.00 . . . 0.2030 . 0.1886 . . . . . . . . . . 
'X-RAY DIFFRACTION' 3.1542 3.9736  . . 141 2674 100.00 . . . 0.1659 . 0.1602 . . . . . . . . . . 
'X-RAY DIFFRACTION' 3.9736 42.8579 . . 143 2652 99.00  . . . 0.2211 . 0.1689 . . . . . . . . . . 
# 
_struct.entry_id                     6R8I 
_struct.title                        'PP4R3A EVH1 domain bound to FxxP motif' 
_struct.pdbx_model_details           ? 
_struct.pdbx_formula_weight          ? 
_struct.pdbx_formula_weight_method   ? 
_struct.pdbx_model_type_details      ? 
_struct.pdbx_CASP_flag               N 
# 
_struct_keywords.entry_id        6R8I 
_struct_keywords.text            
'PP4, PPP4R3A, PPP4R3B, PPP4R2, PP4C, phosphatase, EVH1 domain, PPII polyproline helix, PEPTIDE BINDING PROTEIN' 
_struct_keywords.pdbx_keywords   'PEPTIDE BINDING PROTEIN' 
# 
loop_
_struct_asym.id 
_struct_asym.pdbx_blank_PDB_chainid_flag 
_struct_asym.pdbx_modified 
_struct_asym.entity_id 
_struct_asym.details 
A N N 1 ? 
B N N 2 ? 
C N N 3 ? 
D N N 3 ? 
# 
loop_
_struct_ref.id 
_struct_ref.db_name 
_struct_ref.db_code 
_struct_ref.pdbx_db_accession 
_struct_ref.pdbx_db_isoform 
_struct_ref.entity_id 
_struct_ref.pdbx_seq_one_letter_code 
_struct_ref.pdbx_align_begin 
1 UNP P4R3A_HUMAN Q6IN85 ? 1 
;MTDTRRRVKVYTLNEDRQWDDRGTGHVSSGYVERLKGMSLLVRAESDGSLLLESKINPNTAYQKQQDTLIVWSEAENYDL
ALSFQEKAGCDEIWEKICQVQGKDPSVDITQDLVDES
;
1 
2 PDB 6R8I        6R8I   ? 2 ? 1 
# 
loop_
_struct_ref_seq.align_id 
_struct_ref_seq.ref_id 
_struct_ref_seq.pdbx_PDB_id_code 
_struct_ref_seq.pdbx_strand_id 
_struct_ref_seq.seq_align_beg 
_struct_ref_seq.pdbx_seq_align_beg_ins_code 
_struct_ref_seq.seq_align_end 
_struct_ref_seq.pdbx_seq_align_end_ins_code 
_struct_ref_seq.pdbx_db_accession 
_struct_ref_seq.db_align_beg 
_struct_ref_seq.pdbx_db_align_beg_ins_code 
_struct_ref_seq.db_align_end 
_struct_ref_seq.pdbx_db_align_end_ins_code 
_struct_ref_seq.pdbx_auth_seq_align_beg 
_struct_ref_seq.pdbx_auth_seq_align_end 
1 1 6R8I A 2 ? 118 ? Q6IN85 1 ? 117 ? 1 117 
2 2 6R8I B 1 ? 19  ? 6R8I   1 ? 19  ? 1 19  
# 
_struct_ref_seq_dif.align_id                     1 
_struct_ref_seq_dif.pdbx_pdb_id_code             6R8I 
_struct_ref_seq_dif.mon_id                       SER 
_struct_ref_seq_dif.pdbx_pdb_strand_id           A 
_struct_ref_seq_dif.seq_num                      1 
_struct_ref_seq_dif.pdbx_pdb_ins_code            ? 
_struct_ref_seq_dif.pdbx_seq_db_name             UNP 
_struct_ref_seq_dif.pdbx_seq_db_accession_code   Q6IN85 
_struct_ref_seq_dif.db_mon_id                    ? 
_struct_ref_seq_dif.pdbx_seq_db_seq_num          ? 
_struct_ref_seq_dif.details                      'expression tag' 
_struct_ref_seq_dif.pdbx_auth_seq_num            0 
_struct_ref_seq_dif.pdbx_ordinal                 1 
# 
_pdbx_struct_assembly.id                   1 
_pdbx_struct_assembly.details              author_and_software_defined_assembly 
_pdbx_struct_assembly.method_details       PISA 
_pdbx_struct_assembly.oligomeric_details   dimeric 
_pdbx_struct_assembly.oligomeric_count     2 
# 
loop_
_pdbx_struct_assembly_prop.biol_id 
_pdbx_struct_assembly_prop.type 
_pdbx_struct_assembly_prop.value 
_pdbx_struct_assembly_prop.details 
1 'ABSA (A^2)' 1160 ? 
1 MORE         -6   ? 
1 'SSA (A^2)'  7700 ? 
# 
_pdbx_struct_assembly_gen.assembly_id       1 
_pdbx_struct_assembly_gen.oper_expression   1 
_pdbx_struct_assembly_gen.asym_id_list      A,B,C,D 
# 
_pdbx_struct_assembly_auth_evidence.id                     1 
_pdbx_struct_assembly_auth_evidence.assembly_id            1 
_pdbx_struct_assembly_auth_evidence.experimental_support   'isothermal titration calorimetry' 
_pdbx_struct_assembly_auth_evidence.details                ? 
# 
_pdbx_struct_oper_list.id                   1 
_pdbx_struct_oper_list.type                 'identity operation' 
_pdbx_struct_oper_list.name                 1_555 
_pdbx_struct_oper_list.symmetry_operation   x,y,z 
_pdbx_struct_oper_list.matrix[1][1]         1.0000000000 
_pdbx_struct_oper_list.matrix[1][2]         0.0000000000 
_pdbx_struct_oper_list.matrix[1][3]         0.0000000000 
_pdbx_struct_oper_list.vector[1]            0.0000000000 
_pdbx_struct_oper_list.matrix[2][1]         0.0000000000 
_pdbx_struct_oper_list.matrix[2][2]         1.0000000000 
_pdbx_struct_oper_list.matrix[2][3]         0.0000000000 
_pdbx_struct_oper_list.vector[2]            0.0000000000 
_pdbx_struct_oper_list.matrix[3][1]         0.0000000000 
_pdbx_struct_oper_list.matrix[3][2]         0.0000000000 
_pdbx_struct_oper_list.matrix[3][3]         1.0000000000 
_pdbx_struct_oper_list.vector[3]            0.0000000000 
# 
_struct_conf.conf_type_id            HELX_P 
_struct_conf.id                      HELX_P1 
_struct_conf.pdbx_PDB_helix_id       AA1 
_struct_conf.beg_label_comp_id       GLU 
_struct_conf.beg_label_asym_id       A 
_struct_conf.beg_label_seq_id        87 
_struct_conf.pdbx_beg_PDB_ins_code   ? 
_struct_conf.end_label_comp_id       GLY 
_struct_conf.end_label_asym_id       A 
_struct_conf.end_label_seq_id        103 
_struct_conf.pdbx_end_PDB_ins_code   ? 
_struct_conf.beg_auth_comp_id        GLU 
_struct_conf.beg_auth_asym_id        A 
_struct_conf.beg_auth_seq_id         86 
_struct_conf.end_auth_comp_id        GLY 
_struct_conf.end_auth_asym_id        A 
_struct_conf.end_auth_seq_id         102 
_struct_conf.pdbx_PDB_helix_class    1 
_struct_conf.details                 ? 
_struct_conf.pdbx_PDB_helix_length   17 
# 
_struct_conf_type.id          HELX_P 
_struct_conf_type.criteria    ? 
_struct_conf_type.reference   ? 
# 
_struct_mon_prot_cis.pdbx_id                1 
_struct_mon_prot_cis.label_comp_id          LEU 
_struct_mon_prot_cis.label_seq_id           15 
_struct_mon_prot_cis.label_asym_id          B 
_struct_mon_prot_cis.label_alt_id           . 
_struct_mon_prot_cis.pdbx_PDB_ins_code      ? 
_struct_mon_prot_cis.auth_comp_id           LEU 
_struct_mon_prot_cis.auth_seq_id            15 
_struct_mon_prot_cis.auth_asym_id           B 
_struct_mon_prot_cis.pdbx_label_comp_id_2   PRO 
_struct_mon_prot_cis.pdbx_label_seq_id_2    16 
_struct_mon_prot_cis.pdbx_label_asym_id_2   B 
_struct_mon_prot_cis.pdbx_PDB_ins_code_2    ? 
_struct_mon_prot_cis.pdbx_auth_comp_id_2    PRO 
_struct_mon_prot_cis.pdbx_auth_seq_id_2     16 
_struct_mon_prot_cis.pdbx_auth_asym_id_2    B 
_struct_mon_prot_cis.pdbx_PDB_model_num     1 
_struct_mon_prot_cis.pdbx_omega_angle       -9.43 
# 
_struct_sheet.id               AA1 
_struct_sheet.type             ? 
_struct_sheet.number_strands   7 
_struct_sheet.details          ? 
# 
loop_
_struct_sheet_order.sheet_id 
_struct_sheet_order.range_id_1 
_struct_sheet_order.range_id_2 
_struct_sheet_order.offset 
_struct_sheet_order.sense 
AA1 1 2 ? anti-parallel 
AA1 2 3 ? anti-parallel 
AA1 3 4 ? anti-parallel 
AA1 4 5 ? anti-parallel 
AA1 5 6 ? anti-parallel 
AA1 6 7 ? anti-parallel 
# 
loop_
_struct_sheet_range.sheet_id 
_struct_sheet_range.id 
_struct_sheet_range.beg_label_comp_id 
_struct_sheet_range.beg_label_asym_id 
_struct_sheet_range.beg_label_seq_id 
_struct_sheet_range.pdbx_beg_PDB_ins_code 
_struct_sheet_range.end_label_comp_id 
_struct_sheet_range.end_label_asym_id 
_struct_sheet_range.end_label_seq_id 
_struct_sheet_range.pdbx_end_PDB_ins_code 
_struct_sheet_range.beg_auth_comp_id 
_struct_sheet_range.beg_auth_asym_id 
_struct_sheet_range.beg_auth_seq_id 
_struct_sheet_range.end_auth_comp_id 
_struct_sheet_range.end_auth_asym_id 
_struct_sheet_range.end_auth_seq_id 
AA1 1 LEU A 51 ? LYS A 56 ? LEU A 50 LYS A 55 
AA1 2 GLY A 38 ? ALA A 45 ? GLY A 37 ALA A 44 
AA1 3 TRP A 20 ? VAL A 33 ? TRP A 19 VAL A 32 
AA1 4 ARG A 8  ? LEU A 14 ? ARG A 7  LEU A 13 
AA1 5 TYR A 79 ? PHE A 85 ? TYR A 78 PHE A 84 
AA1 6 LEU A 70 ? ALA A 76 ? LEU A 69 ALA A 75 
AA1 7 GLN A 64 ? GLN A 67 ? GLN A 63 GLN A 66 
# 
loop_
_pdbx_struct_sheet_hbond.sheet_id 
_pdbx_struct_sheet_hbond.range_id_1 
_pdbx_struct_sheet_hbond.range_id_2 
_pdbx_struct_sheet_hbond.range_1_label_atom_id 
_pdbx_struct_sheet_hbond.range_1_label_comp_id 
_pdbx_struct_sheet_hbond.range_1_label_asym_id 
_pdbx_struct_sheet_hbond.range_1_label_seq_id 
_pdbx_struct_sheet_hbond.range_1_PDB_ins_code 
_pdbx_struct_sheet_hbond.range_1_auth_atom_id 
_pdbx_struct_sheet_hbond.range_1_auth_comp_id 
_pdbx_struct_sheet_hbond.range_1_auth_asym_id 
_pdbx_struct_sheet_hbond.range_1_auth_seq_id 
_pdbx_struct_sheet_hbond.range_2_label_atom_id 
_pdbx_struct_sheet_hbond.range_2_label_comp_id 
_pdbx_struct_sheet_hbond.range_2_label_asym_id 
_pdbx_struct_sheet_hbond.range_2_label_seq_id 
_pdbx_struct_sheet_hbond.range_2_PDB_ins_code 
_pdbx_struct_sheet_hbond.range_2_auth_atom_id 
_pdbx_struct_sheet_hbond.range_2_auth_comp_id 
_pdbx_struct_sheet_hbond.range_2_auth_asym_id 
_pdbx_struct_sheet_hbond.range_2_auth_seq_id 
AA1 1 2 O SER A 55 ? O SER A 54 N LEU A 41 ? N LEU A 40 
AA1 2 3 O LEU A 42 ? O LEU A 41 N SER A 29 ? N SER A 28 
AA1 3 4 O ASP A 21 ? O ASP A 20 N THR A 13 ? N THR A 12 
AA1 4 5 N LYS A 10 ? N LYS A 9  O SER A 84 ? O SER A 83 
AA1 5 6 O LEU A 83 ? O LEU A 82 N ILE A 71 ? N ILE A 70 
AA1 6 7 O VAL A 72 ? O VAL A 71 N GLN A 64 ? N GLN A 63 
# 
_pdbx_validate_torsion.id              1 
_pdbx_validate_torsion.PDB_model_num   1 
_pdbx_validate_torsion.auth_comp_id    ASP 
_pdbx_validate_torsion.auth_asym_id    A 
_pdbx_validate_torsion.auth_seq_id     47 
_pdbx_validate_torsion.PDB_ins_code    ? 
_pdbx_validate_torsion.label_alt_id    ? 
_pdbx_validate_torsion.phi             -148.64 
_pdbx_validate_torsion.psi             11.85 
# 
loop_
_pdbx_unobs_or_zero_occ_residues.id 
_pdbx_unobs_or_zero_occ_residues.PDB_model_num 
_pdbx_unobs_or_zero_occ_residues.polymer_flag 
_pdbx_unobs_or_zero_occ_residues.occupancy_flag 
_pdbx_unobs_or_zero_occ_residues.auth_asym_id 
_pdbx_unobs_or_zero_occ_residues.auth_comp_id 
_pdbx_unobs_or_zero_occ_residues.auth_seq_id 
_pdbx_unobs_or_zero_occ_residues.PDB_ins_code 
_pdbx_unobs_or_zero_occ_residues.label_asym_id 
_pdbx_unobs_or_zero_occ_residues.label_comp_id 
_pdbx_unobs_or_zero_occ_residues.label_seq_id 
1 1 Y 1 A SER 0   ? A SER 1   
2 1 Y 1 A LEU 113 ? A LEU 114 
3 1 Y 1 A VAL 114 ? A VAL 115 
4 1 Y 1 A ASP 115 ? A ASP 116 
5 1 Y 1 A GLU 116 ? A GLU 117 
6 1 Y 1 A SER 117 ? A SER 118 
7 1 Y 1 B SER 18  ? B SER 18  
8 1 Y 1 B TRP 19  ? B TRP 19  
# 
loop_
_chem_comp_atom.comp_id 
_chem_comp_atom.atom_id 
_chem_comp_atom.type_symbol 
_chem_comp_atom.pdbx_aromatic_flag 
_chem_comp_atom.pdbx_stereo_config 
_chem_comp_atom.pdbx_ordinal 
ALA N    N N N 1   
ALA CA   C N S 2   
ALA C    C N N 3   
ALA O    O N N 4   
ALA CB   C N N 5   
ALA OXT  O N N 6   
ALA H    H N N 7   
ALA H2   H N N 8   
ALA HA   H N N 9   
ALA HB1  H N N 10  
ALA HB2  H N N 11  
ALA HB3  H N N 12  
ALA HXT  H N N 13  
ARG N    N N N 14  
ARG CA   C N S 15  
ARG C    C N N 16  
ARG O    O N N 17  
ARG CB   C N N 18  
ARG CG   C N N 19  
ARG CD   C N N 20  
ARG NE   N N N 21  
ARG CZ   C N N 22  
ARG NH1  N N N 23  
ARG NH2  N N N 24  
ARG OXT  O N N 25  
ARG H    H N N 26  
ARG H2   H N N 27  
ARG HA   H N N 28  
ARG HB2  H N N 29  
ARG HB3  H N N 30  
ARG HG2  H N N 31  
ARG HG3  H N N 32  
ARG HD2  H N N 33  
ARG HD3  H N N 34  
ARG HE   H N N 35  
ARG HH11 H N N 36  
ARG HH12 H N N 37  
ARG HH21 H N N 38  
ARG HH22 H N N 39  
ARG HXT  H N N 40  
ASN N    N N N 41  
ASN CA   C N S 42  
ASN C    C N N 43  
ASN O    O N N 44  
ASN CB   C N N 45  
ASN CG   C N N 46  
ASN OD1  O N N 47  
ASN ND2  N N N 48  
ASN OXT  O N N 49  
ASN H    H N N 50  
ASN H2   H N N 51  
ASN HA   H N N 52  
ASN HB2  H N N 53  
ASN HB3  H N N 54  
ASN HD21 H N N 55  
ASN HD22 H N N 56  
ASN HXT  H N N 57  
ASP N    N N N 58  
ASP CA   C N S 59  
ASP C    C N N 60  
ASP O    O N N 61  
ASP CB   C N N 62  
ASP CG   C N N 63  
ASP OD1  O N N 64  
ASP OD2  O N N 65  
ASP OXT  O N N 66  
ASP H    H N N 67  
ASP H2   H N N 68  
ASP HA   H N N 69  
ASP HB2  H N N 70  
ASP HB3  H N N 71  
ASP HD2  H N N 72  
ASP HXT  H N N 73  
CYS N    N N N 74  
CYS CA   C N R 75  
CYS C    C N N 76  
CYS O    O N N 77  
CYS CB   C N N 78  
CYS SG   S N N 79  
CYS OXT  O N N 80  
CYS H    H N N 81  
CYS H2   H N N 82  
CYS HA   H N N 83  
CYS HB2  H N N 84  
CYS HB3  H N N 85  
CYS HG   H N N 86  
CYS HXT  H N N 87  
GLN N    N N N 88  
GLN CA   C N S 89  
GLN C    C N N 90  
GLN O    O N N 91  
GLN CB   C N N 92  
GLN CG   C N N 93  
GLN CD   C N N 94  
GLN OE1  O N N 95  
GLN NE2  N N N 96  
GLN OXT  O N N 97  
GLN H    H N N 98  
GLN H2   H N N 99  
GLN HA   H N N 100 
GLN HB2  H N N 101 
GLN HB3  H N N 102 
GLN HG2  H N N 103 
GLN HG3  H N N 104 
GLN HE21 H N N 105 
GLN HE22 H N N 106 
GLN HXT  H N N 107 
GLU N    N N N 108 
GLU CA   C N S 109 
GLU C    C N N 110 
GLU O    O N N 111 
GLU CB   C N N 112 
GLU CG   C N N 113 
GLU CD   C N N 114 
GLU OE1  O N N 115 
GLU OE2  O N N 116 
GLU OXT  O N N 117 
GLU H    H N N 118 
GLU H2   H N N 119 
GLU HA   H N N 120 
GLU HB2  H N N 121 
GLU HB3  H N N 122 
GLU HG2  H N N 123 
GLU HG3  H N N 124 
GLU HE2  H N N 125 
GLU HXT  H N N 126 
GLY N    N N N 127 
GLY CA   C N N 128 
GLY C    C N N 129 
GLY O    O N N 130 
GLY OXT  O N N 131 
GLY H    H N N 132 
GLY H2   H N N 133 
GLY HA2  H N N 134 
GLY HA3  H N N 135 
GLY HXT  H N N 136 
HIS N    N N N 137 
HIS CA   C N S 138 
HIS C    C N N 139 
HIS O    O N N 140 
HIS CB   C N N 141 
HIS CG   C Y N 142 
HIS ND1  N Y N 143 
HIS CD2  C Y N 144 
HIS CE1  C Y N 145 
HIS NE2  N Y N 146 
HIS OXT  O N N 147 
HIS H    H N N 148 
HIS H2   H N N 149 
HIS HA   H N N 150 
HIS HB2  H N N 151 
HIS HB3  H N N 152 
HIS HD1  H N N 153 
HIS HD2  H N N 154 
HIS HE1  H N N 155 
HIS HE2  H N N 156 
HIS HXT  H N N 157 
HOH O    O N N 158 
HOH H1   H N N 159 
HOH H2   H N N 160 
ILE N    N N N 161 
ILE CA   C N S 162 
ILE C    C N N 163 
ILE O    O N N 164 
ILE CB   C N S 165 
ILE CG1  C N N 166 
ILE CG2  C N N 167 
ILE CD1  C N N 168 
ILE OXT  O N N 169 
ILE H    H N N 170 
ILE H2   H N N 171 
ILE HA   H N N 172 
ILE HB   H N N 173 
ILE HG12 H N N 174 
ILE HG13 H N N 175 
ILE HG21 H N N 176 
ILE HG22 H N N 177 
ILE HG23 H N N 178 
ILE HD11 H N N 179 
ILE HD12 H N N 180 
ILE HD13 H N N 181 
ILE HXT  H N N 182 
LEU N    N N N 183 
LEU CA   C N S 184 
LEU C    C N N 185 
LEU O    O N N 186 
LEU CB   C N N 187 
LEU CG   C N N 188 
LEU CD1  C N N 189 
LEU CD2  C N N 190 
LEU OXT  O N N 191 
LEU H    H N N 192 
LEU H2   H N N 193 
LEU HA   H N N 194 
LEU HB2  H N N 195 
LEU HB3  H N N 196 
LEU HG   H N N 197 
LEU HD11 H N N 198 
LEU HD12 H N N 199 
LEU HD13 H N N 200 
LEU HD21 H N N 201 
LEU HD22 H N N 202 
LEU HD23 H N N 203 
LEU HXT  H N N 204 
LYS N    N N N 205 
LYS CA   C N S 206 
LYS C    C N N 207 
LYS O    O N N 208 
LYS CB   C N N 209 
LYS CG   C N N 210 
LYS CD   C N N 211 
LYS CE   C N N 212 
LYS NZ   N N N 213 
LYS OXT  O N N 214 
LYS H    H N N 215 
LYS H2   H N N 216 
LYS HA   H N N 217 
LYS HB2  H N N 218 
LYS HB3  H N N 219 
LYS HG2  H N N 220 
LYS HG3  H N N 221 
LYS HD2  H N N 222 
LYS HD3  H N N 223 
LYS HE2  H N N 224 
LYS HE3  H N N 225 
LYS HZ1  H N N 226 
LYS HZ2  H N N 227 
LYS HZ3  H N N 228 
LYS HXT  H N N 229 
MET N    N N N 230 
MET CA   C N S 231 
MET C    C N N 232 
MET O    O N N 233 
MET CB   C N N 234 
MET CG   C N N 235 
MET SD   S N N 236 
MET CE   C N N 237 
MET OXT  O N N 238 
MET H    H N N 239 
MET H2   H N N 240 
MET HA   H N N 241 
MET HB2  H N N 242 
MET HB3  H N N 243 
MET HG2  H N N 244 
MET HG3  H N N 245 
MET HE1  H N N 246 
MET HE2  H N N 247 
MET HE3  H N N 248 
MET HXT  H N N 249 
PHE N    N N N 250 
PHE CA   C N S 251 
PHE C    C N N 252 
PHE O    O N N 253 
PHE CB   C N N 254 
PHE CG   C Y N 255 
PHE CD1  C Y N 256 
PHE CD2  C Y N 257 
PHE CE1  C Y N 258 
PHE CE2  C Y N 259 
PHE CZ   C Y N 260 
PHE OXT  O N N 261 
PHE H    H N N 262 
PHE H2   H N N 263 
PHE HA   H N N 264 
PHE HB2  H N N 265 
PHE HB3  H N N 266 
PHE HD1  H N N 267 
PHE HD2  H N N 268 
PHE HE1  H N N 269 
PHE HE2  H N N 270 
PHE HZ   H N N 271 
PHE HXT  H N N 272 
PRO N    N N N 273 
PRO CA   C N S 274 
PRO C    C N N 275 
PRO O    O N N 276 
PRO CB   C N N 277 
PRO CG   C N N 278 
PRO CD   C N N 279 
PRO OXT  O N N 280 
PRO H    H N N 281 
PRO HA   H N N 282 
PRO HB2  H N N 283 
PRO HB3  H N N 284 
PRO HG2  H N N 285 
PRO HG3  H N N 286 
PRO HD2  H N N 287 
PRO HD3  H N N 288 
PRO HXT  H N N 289 
SER N    N N N 290 
SER CA   C N S 291 
SER C    C N N 292 
SER O    O N N 293 
SER CB   C N N 294 
SER OG   O N N 295 
SER OXT  O N N 296 
SER H    H N N 297 
SER H2   H N N 298 
SER HA   H N N 299 
SER HB2  H N N 300 
SER HB3  H N N 301 
SER HG   H N N 302 
SER HXT  H N N 303 
THR N    N N N 304 
THR CA   C N S 305 
THR C    C N N 306 
THR O    O N N 307 
THR CB   C N R 308 
THR OG1  O N N 309 
THR CG2  C N N 310 
THR OXT  O N N 311 
THR H    H N N 312 
THR H2   H N N 313 
THR HA   H N N 314 
THR HB   H N N 315 
THR HG1  H N N 316 
THR HG21 H N N 317 
THR HG22 H N N 318 
THR HG23 H N N 319 
THR HXT  H N N 320 
TRP N    N N N 321 
TRP CA   C N S 322 
TRP C    C N N 323 
TRP O    O N N 324 
TRP CB   C N N 325 
TRP CG   C Y N 326 
TRP CD1  C Y N 327 
TRP CD2  C Y N 328 
TRP NE1  N Y N 329 
TRP CE2  C Y N 330 
TRP CE3  C Y N 331 
TRP CZ2  C Y N 332 
TRP CZ3  C Y N 333 
TRP CH2  C Y N 334 
TRP OXT  O N N 335 
TRP H    H N N 336 
TRP H2   H N N 337 
TRP HA   H N N 338 
TRP HB2  H N N 339 
TRP HB3  H N N 340 
TRP HD1  H N N 341 
TRP HE1  H N N 342 
TRP HE3  H N N 343 
TRP HZ2  H N N 344 
TRP HZ3  H N N 345 
TRP HH2  H N N 346 
TRP HXT  H N N 347 
TYR N    N N N 348 
TYR CA   C N S 349 
TYR C    C N N 350 
TYR O    O N N 351 
TYR CB   C N N 352 
TYR CG   C Y N 353 
TYR CD1  C Y N 354 
TYR CD2  C Y N 355 
TYR CE1  C Y N 356 
TYR CE2  C Y N 357 
TYR CZ   C Y N 358 
TYR OH   O N N 359 
TYR OXT  O N N 360 
TYR H    H N N 361 
TYR H2   H N N 362 
TYR HA   H N N 363 
TYR HB2  H N N 364 
TYR HB3  H N N 365 
TYR HD1  H N N 366 
TYR HD2  H N N 367 
TYR HE1  H N N 368 
TYR HE2  H N N 369 
TYR HH   H N N 370 
TYR HXT  H N N 371 
VAL N    N N N 372 
VAL CA   C N S 373 
VAL C    C N N 374 
VAL O    O N N 375 
VAL CB   C N N 376 
VAL CG1  C N N 377 
VAL CG2  C N N 378 
VAL OXT  O N N 379 
VAL H    H N N 380 
VAL H2   H N N 381 
VAL HA   H N N 382 
VAL HB   H N N 383 
VAL HG11 H N N 384 
VAL HG12 H N N 385 
VAL HG13 H N N 386 
VAL HG21 H N N 387 
VAL HG22 H N N 388 
VAL HG23 H N N 389 
VAL HXT  H N N 390 
# 
loop_
_chem_comp_bond.comp_id 
_chem_comp_bond.atom_id_1 
_chem_comp_bond.atom_id_2 
_chem_comp_bond.value_order 
_chem_comp_bond.pdbx_aromatic_flag 
_chem_comp_bond.pdbx_stereo_config 
_chem_comp_bond.pdbx_ordinal 
ALA N   CA   sing N N 1   
ALA N   H    sing N N 2   
ALA N   H2   sing N N 3   
ALA CA  C    sing N N 4   
ALA CA  CB   sing N N 5   
ALA CA  HA   sing N N 6   
ALA C   O    doub N N 7   
ALA C   OXT  sing N N 8   
ALA CB  HB1  sing N N 9   
ALA CB  HB2  sing N N 10  
ALA CB  HB3  sing N N 11  
ALA OXT HXT  sing N N 12  
ARG N   CA   sing N N 13  
ARG N   H    sing N N 14  
ARG N   H2   sing N N 15  
ARG CA  C    sing N N 16  
ARG CA  CB   sing N N 17  
ARG CA  HA   sing N N 18  
ARG C   O    doub N N 19  
ARG C   OXT  sing N N 20  
ARG CB  CG   sing N N 21  
ARG CB  HB2  sing N N 22  
ARG CB  HB3  sing N N 23  
ARG CG  CD   sing N N 24  
ARG CG  HG2  sing N N 25  
ARG CG  HG3  sing N N 26  
ARG CD  NE   sing N N 27  
ARG CD  HD2  sing N N 28  
ARG CD  HD3  sing N N 29  
ARG NE  CZ   sing N N 30  
ARG NE  HE   sing N N 31  
ARG CZ  NH1  sing N N 32  
ARG CZ  NH2  doub N N 33  
ARG NH1 HH11 sing N N 34  
ARG NH1 HH12 sing N N 35  
ARG NH2 HH21 sing N N 36  
ARG NH2 HH22 sing N N 37  
ARG OXT HXT  sing N N 38  
ASN N   CA   sing N N 39  
ASN N   H    sing N N 40  
ASN N   H2   sing N N 41  
ASN CA  C    sing N N 42  
ASN CA  CB   sing N N 43  
ASN CA  HA   sing N N 44  
ASN C   O    doub N N 45  
ASN C   OXT  sing N N 46  
ASN CB  CG   sing N N 47  
ASN CB  HB2  sing N N 48  
ASN CB  HB3  sing N N 49  
ASN CG  OD1  doub N N 50  
ASN CG  ND2  sing N N 51  
ASN ND2 HD21 sing N N 52  
ASN ND2 HD22 sing N N 53  
ASN OXT HXT  sing N N 54  
ASP N   CA   sing N N 55  
ASP N   H    sing N N 56  
ASP N   H2   sing N N 57  
ASP CA  C    sing N N 58  
ASP CA  CB   sing N N 59  
ASP CA  HA   sing N N 60  
ASP C   O    doub N N 61  
ASP C   OXT  sing N N 62  
ASP CB  CG   sing N N 63  
ASP CB  HB2  sing N N 64  
ASP CB  HB3  sing N N 65  
ASP CG  OD1  doub N N 66  
ASP CG  OD2  sing N N 67  
ASP OD2 HD2  sing N N 68  
ASP OXT HXT  sing N N 69  
CYS N   CA   sing N N 70  
CYS N   H    sing N N 71  
CYS N   H2   sing N N 72  
CYS CA  C    sing N N 73  
CYS CA  CB   sing N N 74  
CYS CA  HA   sing N N 75  
CYS C   O    doub N N 76  
CYS C   OXT  sing N N 77  
CYS CB  SG   sing N N 78  
CYS CB  HB2  sing N N 79  
CYS CB  HB3  sing N N 80  
CYS SG  HG   sing N N 81  
CYS OXT HXT  sing N N 82  
GLN N   CA   sing N N 83  
GLN N   H    sing N N 84  
GLN N   H2   sing N N 85  
GLN CA  C    sing N N 86  
GLN CA  CB   sing N N 87  
GLN CA  HA   sing N N 88  
GLN C   O    doub N N 89  
GLN C   OXT  sing N N 90  
GLN CB  CG   sing N N 91  
GLN CB  HB2  sing N N 92  
GLN CB  HB3  sing N N 93  
GLN CG  CD   sing N N 94  
GLN CG  HG2  sing N N 95  
GLN CG  HG3  sing N N 96  
GLN CD  OE1  doub N N 97  
GLN CD  NE2  sing N N 98  
GLN NE2 HE21 sing N N 99  
GLN NE2 HE22 sing N N 100 
GLN OXT HXT  sing N N 101 
GLU N   CA   sing N N 102 
GLU N   H    sing N N 103 
GLU N   H2   sing N N 104 
GLU CA  C    sing N N 105 
GLU CA  CB   sing N N 106 
GLU CA  HA   sing N N 107 
GLU C   O    doub N N 108 
GLU C   OXT  sing N N 109 
GLU CB  CG   sing N N 110 
GLU CB  HB2  sing N N 111 
GLU CB  HB3  sing N N 112 
GLU CG  CD   sing N N 113 
GLU CG  HG2  sing N N 114 
GLU CG  HG3  sing N N 115 
GLU CD  OE1  doub N N 116 
GLU CD  OE2  sing N N 117 
GLU OE2 HE2  sing N N 118 
GLU OXT HXT  sing N N 119 
GLY N   CA   sing N N 120 
GLY N   H    sing N N 121 
GLY N   H2   sing N N 122 
GLY CA  C    sing N N 123 
GLY CA  HA2  sing N N 124 
GLY CA  HA3  sing N N 125 
GLY C   O    doub N N 126 
GLY C   OXT  sing N N 127 
GLY OXT HXT  sing N N 128 
HIS N   CA   sing N N 129 
HIS N   H    sing N N 130 
HIS N   H2   sing N N 131 
HIS CA  C    sing N N 132 
HIS CA  CB   sing N N 133 
HIS CA  HA   sing N N 134 
HIS C   O    doub N N 135 
HIS C   OXT  sing N N 136 
HIS CB  CG   sing N N 137 
HIS CB  HB2  sing N N 138 
HIS CB  HB3  sing N N 139 
HIS CG  ND1  sing Y N 140 
HIS CG  CD2  doub Y N 141 
HIS ND1 CE1  doub Y N 142 
HIS ND1 HD1  sing N N 143 
HIS CD2 NE2  sing Y N 144 
HIS CD2 HD2  sing N N 145 
HIS CE1 NE2  sing Y N 146 
HIS CE1 HE1  sing N N 147 
HIS NE2 HE2  sing N N 148 
HIS OXT HXT  sing N N 149 
HOH O   H1   sing N N 150 
HOH O   H2   sing N N 151 
ILE N   CA   sing N N 152 
ILE N   H    sing N N 153 
ILE N   H2   sing N N 154 
ILE CA  C    sing N N 155 
ILE CA  CB   sing N N 156 
ILE CA  HA   sing N N 157 
ILE C   O    doub N N 158 
ILE C   OXT  sing N N 159 
ILE CB  CG1  sing N N 160 
ILE CB  CG2  sing N N 161 
ILE CB  HB   sing N N 162 
ILE CG1 CD1  sing N N 163 
ILE CG1 HG12 sing N N 164 
ILE CG1 HG13 sing N N 165 
ILE CG2 HG21 sing N N 166 
ILE CG2 HG22 sing N N 167 
ILE CG2 HG23 sing N N 168 
ILE CD1 HD11 sing N N 169 
ILE CD1 HD12 sing N N 170 
ILE CD1 HD13 sing N N 171 
ILE OXT HXT  sing N N 172 
LEU N   CA   sing N N 173 
LEU N   H    sing N N 174 
LEU N   H2   sing N N 175 
LEU CA  C    sing N N 176 
LEU CA  CB   sing N N 177 
LEU CA  HA   sing N N 178 
LEU C   O    doub N N 179 
LEU C   OXT  sing N N 180 
LEU CB  CG   sing N N 181 
LEU CB  HB2  sing N N 182 
LEU CB  HB3  sing N N 183 
LEU CG  CD1  sing N N 184 
LEU CG  CD2  sing N N 185 
LEU CG  HG   sing N N 186 
LEU CD1 HD11 sing N N 187 
LEU CD1 HD12 sing N N 188 
LEU CD1 HD13 sing N N 189 
LEU CD2 HD21 sing N N 190 
LEU CD2 HD22 sing N N 191 
LEU CD2 HD23 sing N N 192 
LEU OXT HXT  sing N N 193 
LYS N   CA   sing N N 194 
LYS N   H    sing N N 195 
LYS N   H2   sing N N 196 
LYS CA  C    sing N N 197 
LYS CA  CB   sing N N 198 
LYS CA  HA   sing N N 199 
LYS C   O    doub N N 200 
LYS C   OXT  sing N N 201 
LYS CB  CG   sing N N 202 
LYS CB  HB2  sing N N 203 
LYS CB  HB3  sing N N 204 
LYS CG  CD   sing N N 205 
LYS CG  HG2  sing N N 206 
LYS CG  HG3  sing N N 207 
LYS CD  CE   sing N N 208 
LYS CD  HD2  sing N N 209 
LYS CD  HD3  sing N N 210 
LYS CE  NZ   sing N N 211 
LYS CE  HE2  sing N N 212 
LYS CE  HE3  sing N N 213 
LYS NZ  HZ1  sing N N 214 
LYS NZ  HZ2  sing N N 215 
LYS NZ  HZ3  sing N N 216 
LYS OXT HXT  sing N N 217 
MET N   CA   sing N N 218 
MET N   H    sing N N 219 
MET N   H2   sing N N 220 
MET CA  C    sing N N 221 
MET CA  CB   sing N N 222 
MET CA  HA   sing N N 223 
MET C   O    doub N N 224 
MET C   OXT  sing N N 225 
MET CB  CG   sing N N 226 
MET CB  HB2  sing N N 227 
MET CB  HB3  sing N N 228 
MET CG  SD   sing N N 229 
MET CG  HG2  sing N N 230 
MET CG  HG3  sing N N 231 
MET SD  CE   sing N N 232 
MET CE  HE1  sing N N 233 
MET CE  HE2  sing N N 234 
MET CE  HE3  sing N N 235 
MET OXT HXT  sing N N 236 
PHE N   CA   sing N N 237 
PHE N   H    sing N N 238 
PHE N   H2   sing N N 239 
PHE CA  C    sing N N 240 
PHE CA  CB   sing N N 241 
PHE CA  HA   sing N N 242 
PHE C   O    doub N N 243 
PHE C   OXT  sing N N 244 
PHE CB  CG   sing N N 245 
PHE CB  HB2  sing N N 246 
PHE CB  HB3  sing N N 247 
PHE CG  CD1  doub Y N 248 
PHE CG  CD2  sing Y N 249 
PHE CD1 CE1  sing Y N 250 
PHE CD1 HD1  sing N N 251 
PHE CD2 CE2  doub Y N 252 
PHE CD2 HD2  sing N N 253 
PHE CE1 CZ   doub Y N 254 
PHE CE1 HE1  sing N N 255 
PHE CE2 CZ   sing Y N 256 
PHE CE2 HE2  sing N N 257 
PHE CZ  HZ   sing N N 258 
PHE OXT HXT  sing N N 259 
PRO N   CA   sing N N 260 
PRO N   CD   sing N N 261 
PRO N   H    sing N N 262 
PRO CA  C    sing N N 263 
PRO CA  CB   sing N N 264 
PRO CA  HA   sing N N 265 
PRO C   O    doub N N 266 
PRO C   OXT  sing N N 267 
PRO CB  CG   sing N N 268 
PRO CB  HB2  sing N N 269 
PRO CB  HB3  sing N N 270 
PRO CG  CD   sing N N 271 
PRO CG  HG2  sing N N 272 
PRO CG  HG3  sing N N 273 
PRO CD  HD2  sing N N 274 
PRO CD  HD3  sing N N 275 
PRO OXT HXT  sing N N 276 
SER N   CA   sing N N 277 
SER N   H    sing N N 278 
SER N   H2   sing N N 279 
SER CA  C    sing N N 280 
SER CA  CB   sing N N 281 
SER CA  HA   sing N N 282 
SER C   O    doub N N 283 
SER C   OXT  sing N N 284 
SER CB  OG   sing N N 285 
SER CB  HB2  sing N N 286 
SER CB  HB3  sing N N 287 
SER OG  HG   sing N N 288 
SER OXT HXT  sing N N 289 
THR N   CA   sing N N 290 
THR N   H    sing N N 291 
THR N   H2   sing N N 292 
THR CA  C    sing N N 293 
THR CA  CB   sing N N 294 
THR CA  HA   sing N N 295 
THR C   O    doub N N 296 
THR C   OXT  sing N N 297 
THR CB  OG1  sing N N 298 
THR CB  CG2  sing N N 299 
THR CB  HB   sing N N 300 
THR OG1 HG1  sing N N 301 
THR CG2 HG21 sing N N 302 
THR CG2 HG22 sing N N 303 
THR CG2 HG23 sing N N 304 
THR OXT HXT  sing N N 305 
TRP N   CA   sing N N 306 
TRP N   H    sing N N 307 
TRP N   H2   sing N N 308 
TRP CA  C    sing N N 309 
TRP CA  CB   sing N N 310 
TRP CA  HA   sing N N 311 
TRP C   O    doub N N 312 
TRP C   OXT  sing N N 313 
TRP CB  CG   sing N N 314 
TRP CB  HB2  sing N N 315 
TRP CB  HB3  sing N N 316 
TRP CG  CD1  doub Y N 317 
TRP CG  CD2  sing Y N 318 
TRP CD1 NE1  sing Y N 319 
TRP CD1 HD1  sing N N 320 
TRP CD2 CE2  doub Y N 321 
TRP CD2 CE3  sing Y N 322 
TRP NE1 CE2  sing Y N 323 
TRP NE1 HE1  sing N N 324 
TRP CE2 CZ2  sing Y N 325 
TRP CE3 CZ3  doub Y N 326 
TRP CE3 HE3  sing N N 327 
TRP CZ2 CH2  doub Y N 328 
TRP CZ2 HZ2  sing N N 329 
TRP CZ3 CH2  sing Y N 330 
TRP CZ3 HZ3  sing N N 331 
TRP CH2 HH2  sing N N 332 
TRP OXT HXT  sing N N 333 
TYR N   CA   sing N N 334 
TYR N   H    sing N N 335 
TYR N   H2   sing N N 336 
TYR CA  C    sing N N 337 
TYR CA  CB   sing N N 338 
TYR CA  HA   sing N N 339 
TYR C   O    doub N N 340 
TYR C   OXT  sing N N 341 
TYR CB  CG   sing N N 342 
TYR CB  HB2  sing N N 343 
TYR CB  HB3  sing N N 344 
TYR CG  CD1  doub Y N 345 
TYR CG  CD2  sing Y N 346 
TYR CD1 CE1  sing Y N 347 
TYR CD1 HD1  sing N N 348 
TYR CD2 CE2  doub Y N 349 
TYR CD2 HD2  sing N N 350 
TYR CE1 CZ   doub Y N 351 
TYR CE1 HE1  sing N N 352 
TYR CE2 CZ   sing Y N 353 
TYR CE2 HE2  sing N N 354 
TYR CZ  OH   sing N N 355 
TYR OH  HH   sing N N 356 
TYR OXT HXT  sing N N 357 
VAL N   CA   sing N N 358 
VAL N   H    sing N N 359 
VAL N   H2   sing N N 360 
VAL CA  C    sing N N 361 
VAL CA  CB   sing N N 362 
VAL CA  HA   sing N N 363 
VAL C   O    doub N N 364 
VAL C   OXT  sing N N 365 
VAL CB  CG1  sing N N 366 
VAL CB  CG2  sing N N 367 
VAL CB  HB   sing N N 368 
VAL CG1 HG11 sing N N 369 
VAL CG1 HG12 sing N N 370 
VAL CG1 HG13 sing N N 371 
VAL CG2 HG21 sing N N 372 
VAL CG2 HG22 sing N N 373 
VAL CG2 HG23 sing N N 374 
VAL OXT HXT  sing N N 375 
# 
loop_
_pdbx_audit_support.funding_organization 
_pdbx_audit_support.country 
_pdbx_audit_support.grant_number 
_pdbx_audit_support.ordinal 
'Novo Nordisk Foundation'                                                                  Denmark         NNF14CC0001 1  
'Danish Council for Independent Research'                                                  Denmark         8021-00101B 2  
'Novo Nordisk Foundation'                                                                  Denmark         NNF18OC0053124 3  
'Swedish Research Council'                                                                 Denmark         2016-04965 4  
'National Institutes of Health/National Institute of General Medical Sciences (NIH/NIGMS)' 'United States' 
'R35GM119455, P20GM113132' 5  
'Science Foundation Ireland'                                                               Ireland         13/SIRG/2193 6  
Lundbeckfonden                                                                             Denmark         2017-3212 7  
'Swiss National Science Foundation'                                                        Switzerland     P2EZP3_178624 8  
'Novo Nordisk Foundation'                                                                  Denmark         NNF0024386 9  
'Novo Nordisk Foundation'                                                                  Denmark         NNF17SA0030214 10 
# 
_pdbx_initial_refinement_model.id               1 
_pdbx_initial_refinement_model.entity_id_list   ? 
_pdbx_initial_refinement_model.type             'experimental model' 
_pdbx_initial_refinement_model.source_name      PDB 
_pdbx_initial_refinement_model.accession_code   4WSF 
_pdbx_initial_refinement_model.details          ? 
# 
_atom_sites.entry_id                    6R8I 
_atom_sites.fract_transf_matrix[1][1]   0.00977222 
_atom_sites.fract_transf_matrix[1][2]   0.01174614 
_atom_sites.fract_transf_matrix[1][3]   -0.00624075 
_atom_sites.fract_transf_matrix[2][1]   -0.00462281 
_atom_sites.fract_transf_matrix[2][2]   -0.00426195 
_atom_sites.fract_transf_matrix[2][3]   -0.01526042 
_atom_sites.fract_transf_matrix[3][1]   -0.00822216 
_atom_sites.fract_transf_matrix[3][2]   0.00710893 
_atom_sites.fract_transf_matrix[3][3]   0.00050533 
_atom_sites.fract_transf_vector[1]      0.727029 
_atom_sites.fract_transf_vector[2]      0.405293 
_atom_sites.fract_transf_vector[3]      0.421869 
# 
loop_
_atom_type.symbol 
C 
N 
O 
S 
# 
loop_
_atom_site.group_PDB 
_atom_site.id 
_atom_site.type_symbol 
_atom_site.label_atom_id 
_atom_site.label_alt_id 
_atom_site.label_comp_id 
_atom_site.label_asym_id 
_atom_site.label_entity_id 
_atom_site.label_seq_id 
_atom_site.pdbx_PDB_ins_code 
_atom_site.Cartn_x 
_atom_site.Cartn_y 
_atom_site.Cartn_z 
_atom_site.occupancy 
_atom_site.B_iso_or_equiv 
_atom_site.pdbx_formal_charge 
_atom_site.auth_seq_id 
_atom_site.auth_comp_id 
_atom_site.auth_asym_id 
_atom_site.auth_atom_id 
_atom_site.pdbx_PDB_model_num 
ATOM   1    N N   . MET A 1 2   ? -0.116  -22.315 7.578   1.00 72.31  ? 1   MET A N   1 
ATOM   2    C CA  . MET A 1 2   ? 0.834   -21.564 8.391   1.00 75.06  ? 1   MET A CA  1 
ATOM   3    C C   . MET A 1 2   ? 0.967   -20.121 7.919   1.00 57.67  ? 1   MET A C   1 
ATOM   4    O O   . MET A 1 2   ? 1.355   -19.246 8.690   1.00 48.33  ? 1   MET A O   1 
ATOM   5    C CB  . MET A 1 2   ? 2.208   -22.243 8.377   1.00 73.87  ? 1   MET A CB  1 
ATOM   6    C CG  . MET A 1 2   ? 3.206   -21.674 9.380   1.00 82.93  ? 1   MET A CG  1 
ATOM   7    S SD  . MET A 1 2   ? 4.646   -22.736 9.616   1.00 110.67 ? 1   MET A SD  1 
ATOM   8    C CE  . MET A 1 2   ? 5.563   -22.398 8.112   1.00 71.52  ? 1   MET A CE  1 
ATOM   9    N N   . THR A 1 3   ? 0.653   -19.882 6.646   1.00 52.60  ? 2   THR A N   1 
ATOM   10   C CA  . THR A 1 3   ? 0.806   -18.546 6.078   1.00 46.99  ? 2   THR A CA  1 
ATOM   11   C C   . THR A 1 3   ? -0.124  -17.554 6.756   1.00 46.05  ? 2   THR A C   1 
ATOM   12   O O   . THR A 1 3   ? -1.344  -17.756 6.800   1.00 48.73  ? 2   THR A O   1 
ATOM   13   C CB  . THR A 1 3   ? 0.526   -18.559 4.578   1.00 43.47  ? 2   THR A CB  1 
ATOM   14   O OG1 . THR A 1 3   ? 1.318   -19.571 3.948   1.00 50.32  ? 2   THR A OG1 1 
ATOM   15   C CG2 . THR A 1 3   ? 0.818   -17.184 3.962   1.00 46.01  ? 2   THR A CG2 1 
ATOM   16   N N   A ASP A 1 4   ? 0.467   -16.495 7.306   0.58 36.65  ? 3   ASP A N   1 
ATOM   17   N N   B ASP A 1 4   ? 0.439   -16.471 7.272   0.42 36.62  ? 3   ASP A N   1 
ATOM   18   C CA  A ASP A 1 4   ? -0.314  -15.376 7.811   0.58 35.11  ? 3   ASP A CA  1 
ATOM   19   C CA  B ASP A 1 4   ? -0.366  -15.441 7.913   0.42 35.03  ? 3   ASP A CA  1 
ATOM   20   C C   A ASP A 1 4   ? -1.082  -14.747 6.668   0.58 28.78  ? 3   ASP A C   1 
ATOM   21   C C   B ASP A 1 4   ? -1.037  -14.587 6.842   0.42 29.07  ? 3   ASP A C   1 
ATOM   22   O O   A ASP A 1 4   ? -0.522  -14.476 5.604   0.58 26.48  ? 3   ASP A O   1 
ATOM   23   O O   B ASP A 1 4   ? -0.359  -14.014 5.983   0.42 29.45  ? 3   ASP A O   1 
ATOM   24   C CB  A ASP A 1 4   ? 0.580   -14.313 8.456   0.58 33.83  ? 3   ASP A CB  1 
ATOM   25   C CB  B ASP A 1 4   ? 0.498   -14.589 8.840   0.42 35.55  ? 3   ASP A CB  1 
ATOM   26   C CG  A ASP A 1 4   ? -0.205  -13.058 8.864   0.58 41.51  ? 3   ASP A CG  1 
ATOM   27   C CG  B ASP A 1 4   ? 1.112   -15.396 9.969   0.42 39.07  ? 3   ASP A CG  1 
ATOM   28   O OD1 A ASP A 1 4   ? 0.016   -11.955 8.287   0.58 24.76  ? 3   ASP A OD1 1 
ATOM   29   O OD1 B ASP A 1 4   ? 1.193   -16.635 9.837   0.42 43.60  ? 3   ASP A OD1 1 
ATOM   30   O OD2 A ASP A 1 4   ? -1.058  -13.186 9.769   0.58 41.39  ? 3   ASP A OD2 1 
ATOM   31   O OD2 B ASP A 1 4   ? 1.500   -14.792 10.992  0.42 49.62  ? 3   ASP A OD2 1 
ATOM   32   N N   . THR A 1 5   ? -2.371  -14.515 6.885   1.00 28.87  ? 4   THR A N   1 
ATOM   33   C CA  . THR A 1 5   ? -3.148  -13.761 5.915   1.00 26.48  ? 4   THR A CA  1 
ATOM   34   C C   . THR A 1 5   ? -3.496  -12.357 6.386   1.00 28.11  ? 4   THR A C   1 
ATOM   35   O O   . THR A 1 5   ? -3.835  -11.516 5.551   1.00 26.02  ? 4   THR A O   1 
ATOM   36   C CB  . THR A 1 5   ? -4.437  -14.518 5.562   1.00 28.37  ? 4   THR A CB  1 
ATOM   37   O OG1 . THR A 1 5   ? -5.204  -14.715 6.756   1.00 31.38  ? 4   THR A OG1 1 
ATOM   38   C CG2 . THR A 1 5   ? -4.104  -15.869 4.940   1.00 34.71  ? 4   THR A CG2 1 
ATOM   39   N N   . ARG A 1 6   ? -3.407  -12.072 7.690   1.00 26.66  ? 5   ARG A N   1 
ATOM   40   C CA  . ARG A 1 6   ? -3.845  -10.775 8.199   1.00 27.19  ? 5   ARG A CA  1 
ATOM   41   C C   . ARG A 1 6   ? -3.095  -9.629  7.532   1.00 25.94  ? 5   ARG A C   1 
ATOM   42   O O   . ARG A 1 6   ? -3.695  -8.610  7.174   1.00 26.81  ? 5   ARG A O   1 
ATOM   43   C CB  . ARG A 1 6   ? -3.656  -10.724 9.715   1.00 30.89  ? 5   ARG A CB  1 
ATOM   44   C CG  . ARG A 1 6   ? -3.780  -9.333  10.315  1.00 32.42  ? 5   ARG A CG  1 
ATOM   45   C CD  . ARG A 1 6   ? -5.162  -8.749  10.119  1.00 35.84  ? 5   ARG A CD  1 
ATOM   46   N NE  . ARG A 1 6   ? -6.182  -9.556  10.780  1.00 51.34  ? 5   ARG A NE  1 
ATOM   47   C CZ  . ARG A 1 6   ? -6.417  -9.539  12.089  1.00 55.97  ? 5   ARG A CZ  1 
ATOM   48   N NH1 . ARG A 1 6   ? -5.709  -8.750  12.886  1.00 49.58  ? 5   ARG A NH1 1 
ATOM   49   N NH2 . ARG A 1 6   ? -7.365  -10.311 12.601  1.00 53.83  ? 5   ARG A NH2 1 
ATOM   50   N N   . ARG A 1 7   ? -1.783  -9.780  7.344   1.00 22.90  ? 6   ARG A N   1 
ATOM   51   C CA  . ARG A 1 7   ? -0.980  -8.727  6.739   1.00 23.66  ? 6   ARG A CA  1 
ATOM   52   C C   . ARG A 1 7   ? -0.489  -9.106  5.351   1.00 23.16  ? 6   ARG A C   1 
ATOM   53   O O   . ARG A 1 7   ? 0.453   -8.485  4.838   1.00 22.23  ? 6   ARG A O   1 
ATOM   54   C CB  . ARG A 1 7   ? 0.207   -8.373  7.640   1.00 24.46  ? 6   ARG A CB  1 
ATOM   55   C CG  . ARG A 1 7   ? -0.208  -7.713  8.930   1.00 25.23  ? 6   ARG A CG  1 
ATOM   56   C CD  . ARG A 1 7   ? -0.743  -6.300  8.733   1.00 25.84  ? 6   ARG A CD  1 
ATOM   57   N NE  . ARG A 1 7   ? -0.849  -5.651  10.038  1.00 29.09  ? 6   ARG A NE  1 
ATOM   58   C CZ  . ARG A 1 7   ? 0.192   -5.240  10.753  1.00 34.94  ? 6   ARG A CZ  1 
ATOM   59   N NH1 . ARG A 1 7   ? 1.428   -5.359  10.270  1.00 30.12  ? 6   ARG A NH1 1 
ATOM   60   N NH2 . ARG A 1 7   ? -0.005  -4.689  11.949  1.00 34.04  ? 6   ARG A NH2 1 
ATOM   61   N N   . ARG A 1 8   ? -1.121  -10.093 4.722   1.00 21.16  ? 7   ARG A N   1 
ATOM   62   C CA  . ARG A 1 8   ? -0.703  -10.534 3.400   1.00 21.13  ? 7   ARG A CA  1 
ATOM   63   C C   . ARG A 1 8   ? -1.206  -9.541  2.356   1.00 21.15  ? 7   ARG A C   1 
ATOM   64   O O   . ARG A 1 8   ? -2.364  -9.121  2.391   1.00 23.37  ? 7   ARG A O   1 
ATOM   65   C CB  . ARG A 1 8   ? -1.222  -11.945 3.114   1.00 21.06  ? 7   ARG A CB  1 
ATOM   66   C CG  . ARG A 1 8   ? -0.655  -12.572 1.876   1.00 23.26  ? 7   ARG A CG  1 
ATOM   67   C CD  . ARG A 1 8   ? -0.917  -14.077 1.893   1.00 26.57  ? 7   ARG A CD  1 
ATOM   68   N NE  . ARG A 1 8   ? -0.313  -14.742 0.745   1.00 25.71  ? 7   ARG A NE  1 
ATOM   69   C CZ  . ARG A 1 8   ? -0.975  -15.103 -0.348  1.00 23.68  ? 7   ARG A CZ  1 
ATOM   70   N NH1 . ARG A 1 8   ? -2.283  -14.880 -0.444  1.00 27.47  ? 7   ARG A NH1 1 
ATOM   71   N NH2 . ARG A 1 8   ? -0.323  -15.683 -1.340  1.00 25.71  ? 7   ARG A NH2 1 
ATOM   72   N N   . VAL A 1 9   ? -0.329  -9.151  1.435   1.00 19.42  ? 8   VAL A N   1 
ATOM   73   C CA  . VAL A 1 9   ? -0.638  -8.103  0.465   1.00 20.46  ? 8   VAL A CA  1 
ATOM   74   C C   . VAL A 1 9   ? -0.075  -8.485  -0.890  1.00 21.08  ? 8   VAL A C   1 
ATOM   75   O O   . VAL A 1 9   ? 0.799   -9.339  -1.016  1.00 21.23  ? 8   VAL A O   1 
ATOM   76   C CB  . VAL A 1 9   ? -0.053  -6.724  0.852   1.00 20.25  ? 8   VAL A CB  1 
ATOM   77   C CG1 . VAL A 1 9   ? -0.685  -6.208  2.129   1.00 20.98  ? 8   VAL A CG1 1 
ATOM   78   C CG2 . VAL A 1 9   ? 1.485   -6.816  0.996   1.00 21.95  ? 8   VAL A CG2 1 
ATOM   79   N N   A LYS A 1 10  ? -0.601  -7.831  -1.918  0.51 21.07  ? 9   LYS A N   1 
ATOM   80   N N   B LYS A 1 10  ? -0.604  -7.833  -1.918  0.49 21.06  ? 9   LYS A N   1 
ATOM   81   C CA  A LYS A 1 10  ? 0.055   -7.764  -3.213  0.51 20.65  ? 9   LYS A CA  1 
ATOM   82   C CA  B LYS A 1 10  ? 0.043   -7.758  -3.218  0.49 20.64  ? 9   LYS A CA  1 
ATOM   83   C C   A LYS A 1 10  ? 0.461   -6.317  -3.459  0.51 20.87  ? 9   LYS A C   1 
ATOM   84   C C   B LYS A 1 10  ? 0.465   -6.312  -3.449  0.49 20.87  ? 9   LYS A C   1 
ATOM   85   O O   A LYS A 1 10  ? -0.290  -5.389  -3.137  0.51 22.38  ? 9   LYS A O   1 
ATOM   86   O O   B LYS A 1 10  ? -0.271  -5.379  -3.103  0.49 22.30  ? 9   LYS A O   1 
ATOM   87   C CB  A LYS A 1 10  ? -0.866  -8.288  -4.323  0.51 21.83  ? 9   LYS A CB  1 
ATOM   88   C CB  B LYS A 1 10  ? -0.893  -8.254  -4.329  0.49 21.87  ? 9   LYS A CB  1 
ATOM   89   C CG  A LYS A 1 10  ? -0.218  -8.331  -5.693  0.51 24.22  ? 9   LYS A CG  1 
ATOM   90   C CG  B LYS A 1 10  ? -0.329  -8.119  -5.733  0.49 24.02  ? 9   LYS A CG  1 
ATOM   91   C CD  A LYS A 1 10  ? -1.115  -9.091  -6.676  0.51 22.79  ? 9   LYS A CD  1 
ATOM   92   C CD  B LYS A 1 10  ? -1.111  -9.009  -6.714  0.49 22.86  ? 9   LYS A CD  1 
ATOM   93   C CE  A LYS A 1 10  ? -1.019  -10.596 -6.474  0.51 22.32  ? 9   LYS A CE  1 
ATOM   94   C CE  B LYS A 1 10  ? -0.933  -10.489 -6.388  0.49 22.47  ? 9   LYS A CE  1 
ATOM   95   N NZ  A LYS A 1 10  ? 0.370   -11.102 -6.630  0.51 25.78  ? 9   LYS A NZ  1 
ATOM   96   N NZ  B LYS A 1 10  ? -1.223  -11.393 -7.536  0.49 23.54  ? 9   LYS A NZ  1 
ATOM   97   N N   . VAL A 1 11  ? 1.669   -6.120  -3.979  1.00 20.49  ? 10  VAL A N   1 
ATOM   98   C CA  . VAL A 1 11  ? 2.215   -4.794  -4.243  1.00 19.85  ? 10  VAL A CA  1 
ATOM   99   C C   . VAL A 1 11  ? 2.086   -4.526  -5.731  1.00 19.48  ? 10  VAL A C   1 
ATOM   100  O O   . VAL A 1 11  ? 2.456   -5.376  -6.544  1.00 21.86  ? 10  VAL A O   1 
ATOM   101  C CB  . VAL A 1 11  ? 3.689   -4.700  -3.821  1.00 20.48  ? 10  VAL A CB  1 
ATOM   102  C CG1 . VAL A 1 11  ? 4.253   -3.322  -4.139  1.00 23.84  ? 10  VAL A CG1 1 
ATOM   103  C CG2 . VAL A 1 11  ? 3.835   -5.014  -2.328  1.00 22.40  ? 10  VAL A CG2 1 
ATOM   104  N N   . TYR A 1 12  ? 1.597   -3.336  -6.093  1.00 20.24  ? 11  TYR A N   1 
ATOM   105  C CA  . TYR A 1 12  ? 1.544   -2.917  -7.491  1.00 21.62  ? 11  TYR A CA  1 
ATOM   106  C C   . TYR A 1 12  ? 2.304   -1.614  -7.701  1.00 20.36  ? 11  TYR A C   1 
ATOM   107  O O   . TYR A 1 12  ? 2.350   -0.750  -6.819  1.00 21.79  ? 11  TYR A O   1 
ATOM   108  C CB  . TYR A 1 12  ? 0.107   -2.680  -7.977  1.00 23.89  ? 11  TYR A CB  1 
ATOM   109  C CG  . TYR A 1 12  ? -0.866  -3.815  -7.792  1.00 20.09  ? 11  TYR A CG  1 
ATOM   110  C CD1 . TYR A 1 12  ? -1.797  -3.778  -6.776  1.00 21.94  ? 11  TYR A CD1 1 
ATOM   111  C CD2 . TYR A 1 12  ? -0.897  -4.882  -8.687  1.00 20.70  ? 11  TYR A CD2 1 
ATOM   112  C CE1 . TYR A 1 12  ? -2.733  -4.804  -6.622  1.00 23.44  ? 11  TYR A CE1 1 
ATOM   113  C CE2 . TYR A 1 12  ? -1.824  -5.915  -8.536  1.00 21.25  ? 11  TYR A CE2 1 
ATOM   114  C CZ  . TYR A 1 12  ? -2.737  -5.859  -7.506  1.00 20.80  ? 11  TYR A CZ  1 
ATOM   115  O OH  . TYR A 1 12  ? -3.659  -6.857  -7.347  1.00 24.18  ? 11  TYR A OH  1 
ATOM   116  N N   . THR A 1 13  ? 2.868   -1.451  -8.903  1.00 20.70  ? 12  THR A N   1 
ATOM   117  C CA  . THR A 1 13  ? 3.386   -0.167  -9.353  1.00 20.35  ? 12  THR A CA  1 
ATOM   118  C C   . THR A 1 13  ? 2.687   0.203   -10.649 1.00 22.60  ? 12  THR A C   1 
ATOM   119  O O   . THR A 1 13  ? 2.313   -0.672  -11.429 1.00 23.38  ? 12  THR A O   1 
ATOM   120  C CB  . THR A 1 13  ? 4.903   -0.185  -9.576  1.00 22.74  ? 12  THR A CB  1 
ATOM   121  O OG1 . THR A 1 13  ? 5.268   -1.285  -10.418 1.00 23.69  ? 12  THR A OG1 1 
ATOM   122  C CG2 . THR A 1 13  ? 5.635   -0.328  -8.218  1.00 26.67  ? 12  THR A CG2 1 
ATOM   123  N N   . LEU A 1 14  ? 2.489   1.496   -10.855 1.00 23.21  ? 13  LEU A N   1 
ATOM   124  C CA  . LEU A 1 14  ? 1.856   1.968   -12.077 1.00 22.45  ? 13  LEU A CA  1 
ATOM   125  C C   . LEU A 1 14  ? 2.873   1.923   -13.207 1.00 26.31  ? 13  LEU A C   1 
ATOM   126  O O   . LEU A 1 14  ? 3.985   2.443   -13.064 1.00 26.30  ? 13  LEU A O   1 
ATOM   127  C CB  . LEU A 1 14  ? 1.325   3.386   -11.871 1.00 24.76  ? 13  LEU A CB  1 
ATOM   128  C CG  . LEU A 1 14  ? 0.421   3.967   -12.962 1.00 25.40  ? 13  LEU A CG  1 
ATOM   129  C CD1 . LEU A 1 14  ? -0.952  3.310   -12.922 1.00 23.19  ? 13  LEU A CD1 1 
ATOM   130  C CD2 . LEU A 1 14  ? 0.322   5.474   -12.755 1.00 28.39  ? 13  LEU A CD2 1 
ATOM   131  N N   . ASN A 1 15  ? 2.509   1.290   -14.330 1.00 23.69  ? 14  ASN A N   1 
ATOM   132  C CA  . ASN A 1 15  ? 3.494   1.019   -15.370 1.00 20.88  ? 14  ASN A CA  1 
ATOM   133  C C   . ASN A 1 15  ? 3.412   2.061   -16.486 1.00 24.33  ? 14  ASN A C   1 
ATOM   134  O O   . ASN A 1 15  ? 2.695   3.062   -16.386 1.00 26.30  ? 14  ASN A O   1 
ATOM   135  C CB  . ASN A 1 15  ? 3.367   -0.425  -15.905 1.00 22.92  ? 14  ASN A CB  1 
ATOM   136  C CG  . ASN A 1 15  ? 2.063   -0.704  -16.671 1.00 23.21  ? 14  ASN A CG  1 
ATOM   137  O OD1 . ASN A 1 15  ? 1.439   0.179   -17.245 1.00 23.98  ? 14  ASN A OD1 1 
ATOM   138  N ND2 . ASN A 1 15  ? 1.655   -1.972  -16.665 1.00 25.22  ? 14  ASN A ND2 1 
ATOM   139  N N   . GLU A 1 16  ? 4.187   1.820   -17.547 1.00 26.50  ? 15  GLU A N   1 
ATOM   140  C CA  . GLU A 1 16  ? 4.347   2.777   -18.634 1.00 29.97  ? 15  GLU A CA  1 
ATOM   141  C C   . GLU A 1 16  ? 3.064   2.980   -19.418 1.00 29.34  ? 15  GLU A C   1 
ATOM   142  O O   . GLU A 1 16  ? 2.926   3.997   -20.106 1.00 29.34  ? 15  GLU A O   1 
ATOM   143  C CB  . GLU A 1 16  ? 5.475   2.315   -19.565 1.00 31.04  ? 15  GLU A CB  1 
ATOM   144  C CG  . GLU A 1 16  ? 5.181   1.053   -20.395 1.00 33.16  ? 15  GLU A CG  1 
ATOM   145  C CD  . GLU A 1 16  ? 5.463   -0.261  -19.671 1.00 37.07  ? 15  GLU A CD  1 
ATOM   146  O OE1 . GLU A 1 16  ? 5.716   -0.248  -18.445 1.00 35.39  ? 15  GLU A OE1 1 
ATOM   147  O OE2 . GLU A 1 16  ? 5.434   -1.320  -20.342 1.00 36.93  ? 15  GLU A OE2 1 
ATOM   148  N N   . ASP A 1 17  ? 2.123   2.045   -19.329 1.00 29.27  ? 16  ASP A N   1 
ATOM   149  C CA  . ASP A 1 17  ? 0.823   2.174   -19.964 1.00 25.31  ? 16  ASP A CA  1 
ATOM   150  C C   . ASP A 1 17  ? -0.250  2.637   -18.986 1.00 26.93  ? 16  ASP A C   1 
ATOM   151  O O   . ASP A 1 17  ? -1.441  2.556   -19.295 1.00 24.78  ? 16  ASP A O   1 
ATOM   152  C CB  . ASP A 1 17  ? 0.433   0.838   -20.599 1.00 27.18  ? 16  ASP A CB  1 
ATOM   153  C CG  . ASP A 1 17  ? 1.415   0.397   -21.666 1.00 31.15  ? 16  ASP A CG  1 
ATOM   154  O OD1 . ASP A 1 17  ? 1.631   1.168   -22.617 1.00 37.53  ? 16  ASP A OD1 1 
ATOM   155  O OD2 . ASP A 1 17  ? 1.958   -0.714  -21.543 1.00 35.09  ? 16  ASP A OD2 1 
ATOM   156  N N   . ARG A 1 18  ? 0.151   3.126   -17.804 1.00 25.70  ? 17  ARG A N   1 
ATOM   157  C CA  . ARG A 1 18  ? -0.785  3.565   -16.763 1.00 26.23  ? 17  ARG A CA  1 
ATOM   158  C C   . ARG A 1 18  ? -1.760  2.452   -16.388 1.00 24.35  ? 17  ARG A C   1 
ATOM   159  O O   . ARG A 1 18  ? -2.942  2.678   -16.104 1.00 25.56  ? 17  ARG A O   1 
ATOM   160  C CB  . ARG A 1 18  ? -1.516  4.857   -17.157 1.00 27.82  ? 17  ARG A CB  1 
ATOM   161  C CG  . ARG A 1 18  ? -0.593  6.065   -17.202 1.00 39.68  ? 17  ARG A CG  1 
ATOM   162  C CD  . ARG A 1 18  ? -1.326  7.331   -17.626 1.00 40.52  ? 17  ARG A CD  1 
ATOM   163  N NE  . ARG A 1 18  ? -2.155  7.886   -16.560 1.00 44.52  ? 17  ARG A NE  1 
ATOM   164  C CZ  . ARG A 1 18  ? -1.687  8.625   -15.556 1.00 55.79  ? 17  ARG A CZ  1 
ATOM   165  N NH1 . ARG A 1 18  ? -0.390  8.892   -15.473 1.00 55.43  ? 17  ARG A NH1 1 
ATOM   166  N NH2 . ARG A 1 18  ? -2.515  9.099   -14.632 1.00 50.86  ? 17  ARG A NH2 1 
ATOM   167  N N   A GLN A 1 19  ? -1.255  1.224   -16.409 0.65 24.90  ? 18  GLN A N   1 
ATOM   168  N N   B GLN A 1 19  ? -1.246  1.230   -16.374 0.35 24.81  ? 18  GLN A N   1 
ATOM   169  C CA  A GLN A 1 19  ? -1.890  0.052   -15.831 0.65 24.93  ? 18  GLN A CA  1 
ATOM   170  C CA  B GLN A 1 19  ? -1.904  0.094   -15.762 0.35 24.94  ? 18  GLN A CA  1 
ATOM   171  C C   A GLN A 1 19  ? -1.069  -0.350  -14.610 0.65 19.54  ? 18  GLN A C   1 
ATOM   172  C C   B GLN A 1 19  ? -0.966  -0.488  -14.716 0.35 20.37  ? 18  GLN A C   1 
ATOM   173  O O   A GLN A 1 19  ? -0.075  0.293   -14.283 0.65 20.59  ? 18  GLN A O   1 
ATOM   174  O O   B GLN A 1 19  ? 0.202   -0.109  -14.612 0.35 20.77  ? 18  GLN A O   1 
ATOM   175  C CB  A GLN A 1 19  ? -1.975  -1.078  -16.857 0.65 23.90  ? 18  GLN A CB  1 
ATOM   176  C CB  B GLN A 1 19  ? -2.292  -0.955  -16.804 0.35 25.61  ? 18  GLN A CB  1 
ATOM   177  C CG  A GLN A 1 19  ? -2.771  -0.715  -18.113 0.65 26.65  ? 18  GLN A CG  1 
ATOM   178  C CG  B GLN A 1 19  ? -3.512  -0.545  -17.601 0.35 26.32  ? 18  GLN A CG  1 
ATOM   179  C CD  A GLN A 1 19  ? -4.281  -0.809  -17.904 0.65 30.03  ? 18  GLN A CD  1 
ATOM   180  C CD  B GLN A 1 19  ? -3.420  -0.957  -19.052 0.35 28.33  ? 18  GLN A CD  1 
ATOM   181  O OE1 A GLN A 1 19  ? -4.759  -1.528  -17.029 0.65 32.96  ? 18  GLN A OE1 1 
ATOM   182  O OE1 B GLN A 1 19  ? -2.545  -1.726  -19.439 0.35 28.67  ? 18  GLN A OE1 1 
ATOM   183  N NE2 A GLN A 1 19  ? -5.032  -0.088  -18.722 0.65 35.52  ? 18  GLN A NE2 1 
ATOM   184  N NE2 B GLN A 1 19  ? -4.323  -0.430  -19.866 0.35 27.53  ? 18  GLN A NE2 1 
ATOM   185  N N   . TRP A 1 20  ? -1.486  -1.410  -13.924 1.00 21.86  ? 19  TRP A N   1 
ATOM   186  C CA  . TRP A 1 20  ? -0.801  -1.814  -12.698 1.00 21.13  ? 19  TRP A CA  1 
ATOM   187  C C   . TRP A 1 20  ? 0.003   -3.093  -12.897 1.00 22.19  ? 19  TRP A C   1 
ATOM   188  O O   . TRP A 1 20  ? -0.518  -4.104  -13.377 1.00 23.99  ? 19  TRP A O   1 
ATOM   189  C CB  . TRP A 1 20  ? -1.798  -1.949  -11.552 1.00 20.98  ? 19  TRP A CB  1 
ATOM   190  C CG  . TRP A 1 20  ? -2.427  -0.612  -11.206 1.00 21.25  ? 19  TRP A CG  1 
ATOM   191  C CD1 . TRP A 1 20  ? -3.619  -0.124  -11.674 1.00 25.12  ? 19  TRP A CD1 1 
ATOM   192  C CD2 . TRP A 1 20  ? -1.892  0.410   -10.334 1.00 22.17  ? 19  TRP A CD2 1 
ATOM   193  N NE1 . TRP A 1 20  ? -3.858  1.124   -11.142 1.00 24.58  ? 19  TRP A NE1 1 
ATOM   194  C CE2 . TRP A 1 20  ? -2.803  1.481   -10.338 1.00 25.11  ? 19  TRP A CE2 1 
ATOM   195  C CE3 . TRP A 1 20  ? -0.720  0.523   -9.563  1.00 21.55  ? 19  TRP A CE3 1 
ATOM   196  C CZ2 . TRP A 1 20  ? -2.604  2.641   -9.577  1.00 24.70  ? 19  TRP A CZ2 1 
ATOM   197  C CZ3 . TRP A 1 20  ? -0.515  1.673   -8.815  1.00 24.41  ? 19  TRP A CZ3 1 
ATOM   198  C CH2 . TRP A 1 20  ? -1.451  2.727   -8.833  1.00 25.52  ? 19  TRP A CH2 1 
ATOM   199  N N   . ASP A 1 21  ? 1.282   -3.033  -12.516 1.00 21.84  ? 20  ASP A N   1 
ATOM   200  C CA  . ASP A 1 21  ? 2.192   -4.174  -12.541 1.00 20.69  ? 20  ASP A CA  1 
ATOM   201  C C   . ASP A 1 21  ? 2.152   -4.889  -11.198 1.00 21.86  ? 20  ASP A C   1 
ATOM   202  O O   . ASP A 1 21  ? 2.348   -4.259  -10.158 1.00 22.07  ? 20  ASP A O   1 
ATOM   203  C CB  . ASP A 1 21  ? 3.628   -3.711  -12.796 1.00 22.32  ? 20  ASP A CB  1 
ATOM   204  C CG  . ASP A 1 21  ? 3.952   -3.513  -14.268 1.00 28.07  ? 20  ASP A CG  1 
ATOM   205  O OD1 . ASP A 1 21  ? 3.161   -3.943  -15.131 1.00 26.79  ? 20  ASP A OD1 1 
ATOM   206  O OD2 . ASP A 1 21  ? 5.023   -2.935  -14.558 1.00 29.77  ? 20  ASP A OD2 1 
ATOM   207  N N   . ASP A 1 22  ? 1.908   -6.191  -11.227 1.00 21.35  ? 21  ASP A N   1 
ATOM   208  C CA  . ASP A 1 22  ? 2.033   -7.060  -10.052 1.00 22.32  ? 21  ASP A CA  1 
ATOM   209  C C   . ASP A 1 22  ? 3.510   -7.234  -9.706  1.00 22.83  ? 21  ASP A C   1 
ATOM   210  O O   . ASP A 1 22  ? 4.264   -7.835  -10.479 1.00 24.91  ? 21  ASP A O   1 
ATOM   211  C CB  . ASP A 1 22  ? 1.357   -8.389  -10.385 1.00 23.70  ? 21  ASP A CB  1 
ATOM   212  C CG  . ASP A 1 22  ? 1.389   -9.400  -9.265  1.00 28.49  ? 21  ASP A CG  1 
ATOM   213  O OD1 . ASP A 1 22  ? 1.909   -9.117  -8.173  1.00 24.00  ? 21  ASP A OD1 1 
ATOM   214  O OD2 . ASP A 1 22  ? 0.869   -10.510 -9.509  1.00 30.56  ? 21  ASP A OD2 1 
ATOM   215  N N   . ARG A 1 23  ? 3.936   -6.706  -8.548  1.00 21.77  ? 22  ARG A N   1 
ATOM   216  C CA  . ARG A 1 23  ? 5.320   -6.819  -8.111  1.00 22.18  ? 22  ARG A CA  1 
ATOM   217  C C   . ARG A 1 23  ? 5.485   -7.927  -7.094  1.00 22.68  ? 22  ARG A C   1 
ATOM   218  O O   . ARG A 1 23  ? 6.593   -8.116  -6.573  1.00 25.24  ? 22  ARG A O   1 
ATOM   219  C CB  . ARG A 1 23  ? 5.819   -5.497  -7.531  1.00 21.47  ? 22  ARG A CB  1 
ATOM   220  C CG  . ARG A 1 23  ? 5.559   -4.271  -8.434  1.00 22.55  ? 22  ARG A CG  1 
ATOM   221  C CD  . ARG A 1 23  ? 6.080   -4.469  -9.850  1.00 27.03  ? 22  ARG A CD  1 
ATOM   222  N NE  . ARG A 1 23  ? 7.532   -4.587  -9.922  1.00 27.60  ? 22  ARG A NE  1 
ATOM   223  C CZ  . ARG A 1 23  ? 8.355   -3.570  -10.165 1.00 28.49  ? 22  ARG A CZ  1 
ATOM   224  N NH1 . ARG A 1 23  ? 7.871   -2.343  -10.344 1.00 29.75  ? 22  ARG A NH1 1 
ATOM   225  N NH2 . ARG A 1 23  ? 9.664   -3.784  -10.227 1.00 31.76  ? 22  ARG A NH2 1 
ATOM   226  N N   . GLY A 1 24  ? 4.426   -8.681  -6.838  1.00 22.67  ? 23  GLY A N   1 
ATOM   227  C CA  . GLY A 1 24  ? 4.488   -9.858  -5.997  1.00 25.36  ? 23  GLY A CA  1 
ATOM   228  C C   . GLY A 1 24  ? 3.659   -9.775  -4.735  1.00 21.77  ? 23  GLY A C   1 
ATOM   229  O O   . GLY A 1 24  ? 3.275   -8.692  -4.273  1.00 22.12  ? 23  GLY A O   1 
ATOM   230  N N   A THR A 1 25  ? 3.406   -10.933 -4.155  0.46 22.25  ? 24  THR A N   1 
ATOM   231  N N   B THR A 1 25  ? 3.328   -10.939 -4.184  0.54 22.26  ? 24  THR A N   1 
ATOM   232  C CA  A THR A 1 25  ? 2.710   -11.037 -2.888  0.46 21.42  ? 24  THR A CA  1 
ATOM   233  C CA  B THR A 1 25  ? 2.700   -10.960 -2.876  0.54 21.34  ? 24  THR A CA  1 
ATOM   234  C C   A THR A 1 25  ? 3.729   -11.026 -1.751  0.46 18.38  ? 24  THR A C   1 
ATOM   235  C C   B THR A 1 25  ? 3.768   -10.872 -1.790  0.54 18.27  ? 24  THR A C   1 
ATOM   236  O O   A THR A 1 25  ? 4.868   -11.472 -1.913  0.46 21.15  ? 24  THR A O   1 
ATOM   237  O O   B THR A 1 25  ? 4.955   -11.134 -2.012  0.54 19.71  ? 24  THR A O   1 
ATOM   238  C CB  A THR A 1 25  ? 1.881   -12.315 -2.885  0.46 23.37  ? 24  THR A CB  1 
ATOM   239  C CB  B THR A 1 25  ? 1.854   -12.221 -2.662  0.54 22.26  ? 24  THR A CB  1 
ATOM   240  O OG1 A THR A 1 25  ? 1.037   -12.320 -4.052  0.46 26.68  ? 24  THR A OG1 1 
ATOM   241  O OG1 B THR A 1 25  ? 2.645   -13.391 -2.917  0.54 25.04  ? 24  THR A OG1 1 
ATOM   242  C CG2 A THR A 1 25  ? 1.037   -12.413 -1.645  0.46 19.53  ? 24  THR A CG2 1 
ATOM   243  C CG2 B THR A 1 25  ? 0.608   -12.210 -3.567  0.54 25.82  ? 24  THR A CG2 1 
ATOM   244  N N   . GLY A 1 26  ? 3.328   -10.476 -0.607  1.00 20.13  ? 25  GLY A N   1 
ATOM   245  C CA  . GLY A 1 26  ? 4.227   -10.374 0.524   1.00 20.87  ? 25  GLY A CA  1 
ATOM   246  C C   . GLY A 1 26  ? 3.462   -10.098 1.793   1.00 19.88  ? 25  GLY A C   1 
ATOM   247  O O   . GLY A 1 26  ? 2.249   -10.263 1.854   1.00 21.39  ? 25  GLY A O   1 
ATOM   248  N N   . HIS A 1 27  ? 4.204   -9.698  2.833   1.00 18.94  ? 26  HIS A N   1 
ATOM   249  C CA  . HIS A 1 27  ? 3.598   -9.319  4.103   1.00 18.90  ? 26  HIS A CA  1 
ATOM   250  C C   . HIS A 1 27  ? 4.066   -7.934  4.503   1.00 18.87  ? 26  HIS A C   1 
ATOM   251  O O   . HIS A 1 27  ? 5.253   -7.614  4.388   1.00 20.15  ? 26  HIS A O   1 
ATOM   252  C CB  . HIS A 1 27  ? 3.935   -10.326 5.201   1.00 20.02  ? 26  HIS A CB  1 
ATOM   253  C CG  . HIS A 1 27  ? 3.300   -11.656 4.988   1.00 21.07  ? 26  HIS A CG  1 
ATOM   254  N ND1 . HIS A 1 27  ? 3.868   -12.631 4.195   1.00 24.04  ? 26  HIS A ND1 1 
ATOM   255  C CD2 . HIS A 1 27  ? 2.119   -12.154 5.422   1.00 21.69  ? 26  HIS A CD2 1 
ATOM   256  C CE1 . HIS A 1 27  ? 3.063   -13.681 4.158   1.00 25.10  ? 26  HIS A CE1 1 
ATOM   257  N NE2 . HIS A 1 27  ? 1.997   -13.412 4.888   1.00 24.01  ? 26  HIS A NE2 1 
ATOM   258  N N   . VAL A 1 28  ? 3.116   -7.109  4.948   1.00 20.11  ? 27  VAL A N   1 
ATOM   259  C CA  . VAL A 1 28  ? 3.374   -5.702  5.247   1.00 18.89  ? 27  VAL A CA  1 
ATOM   260  C C   . VAL A 1 28  ? 3.449   -5.474  6.747   1.00 19.98  ? 27  VAL A C   1 
ATOM   261  O O   . VAL A 1 28  ? 2.684   -6.039  7.542   1.00 23.13  ? 27  VAL A O   1 
ATOM   262  C CB  . VAL A 1 28  ? 2.322   -4.775  4.594   1.00 21.04  ? 27  VAL A CB  1 
ATOM   263  C CG1 . VAL A 1 28  ? 0.911   -5.025  5.131   1.00 21.50  ? 27  VAL A CG1 1 
ATOM   264  C CG2 . VAL A 1 28  ? 2.735   -3.311  4.758   1.00 22.46  ? 27  VAL A CG2 1 
ATOM   265  N N   . SER A 1 29  ? 4.403   -4.644  7.135   1.00 22.04  ? 28  SER A N   1 
ATOM   266  C CA  . SER A 1 29  ? 4.557   -4.214  8.516   1.00 23.38  ? 28  SER A CA  1 
ATOM   267  C C   . SER A 1 29  ? 4.945   -2.750  8.500   1.00 22.77  ? 28  SER A C   1 
ATOM   268  O O   . SER A 1 29  ? 5.166   -2.155  7.450   1.00 21.79  ? 28  SER A O   1 
ATOM   269  C CB  . SER A 1 29  ? 5.613   -5.055  9.233   1.00 25.60  ? 28  SER A CB  1 
ATOM   270  O OG  . SER A 1 29  ? 6.839   -4.982  8.540   1.00 27.11  ? 28  SER A OG  1 
ATOM   271  N N   A SER A 1 30  ? 5.025   -2.157  9.682   0.52 25.39  ? 29  SER A N   1 
ATOM   272  N N   B SER A 1 30  ? 5.044   -2.154  9.684   0.48 25.37  ? 29  SER A N   1 
ATOM   273  C CA  A SER A 1 30  ? 5.567   -0.818  9.798   0.52 24.75  ? 29  SER A CA  1 
ATOM   274  C CA  B SER A 1 30  ? 5.532   -0.788  9.802   0.48 24.76  ? 29  SER A CA  1 
ATOM   275  C C   A SER A 1 30  ? 6.736   -0.844  10.768  0.52 22.38  ? 29  SER A C   1 
ATOM   276  C C   B SER A 1 30  ? 6.660   -0.758  10.820  0.48 22.35  ? 29  SER A C   1 
ATOM   277  O O   A SER A 1 30  ? 6.819   -1.698  11.657  0.52 25.60  ? 29  SER A O   1 
ATOM   278  O O   B SER A 1 30  ? 6.633   -1.490  11.814  0.48 26.95  ? 29  SER A O   1 
ATOM   279  C CB  A SER A 1 30  ? 4.507   0.192   10.254  0.52 26.90  ? 29  SER A CB  1 
ATOM   280  C CB  B SER A 1 30  ? 4.415   0.178   10.210  0.48 26.94  ? 29  SER A CB  1 
ATOM   281  O OG  A SER A 1 30  ? 4.235   0.059   11.637  0.52 29.01  ? 29  SER A OG  1 
ATOM   282  O OG  B SER A 1 30  ? 4.864   1.521   10.188  0.48 28.30  ? 29  SER A OG  1 
ATOM   283  N N   . GLY A 1 31  ? 7.662   0.067   10.549  1.00 23.16  ? 30  GLY A N   1 
ATOM   284  C CA  . GLY A 1 31  ? 8.774   0.209   11.462  1.00 24.22  ? 30  GLY A CA  1 
ATOM   285  C C   . GLY A 1 31  ? 9.524   1.492   11.179  1.00 23.71  ? 30  GLY A C   1 
ATOM   286  O O   . GLY A 1 31  ? 9.486   2.010   10.064  1.00 23.39  ? 30  GLY A O   1 
ATOM   287  N N   . TYR A 1 32  ? 10.195  2.002   12.198  1.00 23.02  ? 31  TYR A N   1 
ATOM   288  C CA  . TYR A 1 32  ? 11.032  3.169   11.985  1.00 23.36  ? 31  TYR A CA  1 
ATOM   289  C C   . TYR A 1 32  ? 12.273  2.778   11.193  1.00 26.35  ? 31  TYR A C   1 
ATOM   290  O O   . TYR A 1 32  ? 12.952  1.804   11.521  1.00 28.04  ? 31  TYR A O   1 
ATOM   291  C CB  . TYR A 1 32  ? 11.437  3.754   13.325  1.00 22.32  ? 31  TYR A CB  1 
ATOM   292  C CG  . TYR A 1 32  ? 12.149  5.074   13.218  1.00 23.73  ? 31  TYR A CG  1 
ATOM   293  C CD1 . TYR A 1 32  ? 13.534  5.139   13.149  1.00 26.75  ? 31  TYR A CD1 1 
ATOM   294  C CD2 . TYR A 1 32  ? 11.422  6.258   13.210  1.00 27.09  ? 31  TYR A CD2 1 
ATOM   295  C CE1 . TYR A 1 32  ? 14.176  6.369   13.063  1.00 31.11  ? 31  TYR A CE1 1 
ATOM   296  C CE2 . TYR A 1 32  ? 12.044  7.474   13.127  1.00 27.85  ? 31  TYR A CE2 1 
ATOM   297  C CZ  . TYR A 1 32  ? 13.415  7.525   13.056  1.00 25.83  ? 31  TYR A CZ  1 
ATOM   298  O OH  . TYR A 1 32  ? 14.009  8.758   12.972  1.00 31.28  ? 31  TYR A OH  1 
ATOM   299  N N   . VAL A 1 33  ? 12.572  3.539   10.149  1.00 22.93  ? 32  VAL A N   1 
ATOM   300  C CA  . VAL A 1 33  ? 13.715  3.285   9.286   1.00 23.30  ? 32  VAL A CA  1 
ATOM   301  C C   . VAL A 1 33  ? 14.687  4.444   9.451   1.00 26.44  ? 32  VAL A C   1 
ATOM   302  O O   . VAL A 1 33  ? 14.331  5.602   9.208   1.00 28.91  ? 32  VAL A O   1 
ATOM   303  C CB  . VAL A 1 33  ? 13.283  3.098   7.827   1.00 25.60  ? 32  VAL A CB  1 
ATOM   304  C CG1 . VAL A 1 33  ? 14.507  2.966   6.935   1.00 28.19  ? 32  VAL A CG1 1 
ATOM   305  C CG2 . VAL A 1 33  ? 12.405  1.849   7.727   1.00 24.50  ? 32  VAL A CG2 1 
ATOM   306  N N   . GLU A 1 34  ? 15.909  4.120   9.866   1.00 28.79  ? 33  GLU A N   1 
ATOM   307  C CA  . GLU A 1 34  ? 16.862  5.121   10.333  1.00 36.53  ? 33  GLU A CA  1 
ATOM   308  C C   . GLU A 1 34  ? 17.089  6.195   9.283   1.00 35.07  ? 33  GLU A C   1 
ATOM   309  O O   . GLU A 1 34  ? 16.911  7.391   9.543   1.00 39.42  ? 33  GLU A O   1 
ATOM   310  C CB  . GLU A 1 34  ? 18.180  4.423   10.663  1.00 38.35  ? 33  GLU A CB  1 
ATOM   311  C CG  . GLU A 1 34  ? 18.666  4.470   12.084  1.00 59.77  ? 33  GLU A CG  1 
ATOM   312  C CD  . GLU A 1 34  ? 19.712  3.401   12.310  1.00 41.38  ? 33  GLU A CD  1 
ATOM   313  O OE1 . GLU A 1 34  ? 20.366  2.990   11.312  1.00 58.11  ? 33  GLU A OE1 1 
ATOM   314  O OE2 . GLU A 1 34  ? 19.978  2.996   13.454  1.00 36.93  ? 33  GLU A OE2 1 
ATOM   315  N N   . ARG A 1 35  ? 17.488  5.774   8.080   1.00 34.57  ? 34  ARG A N   1 
ATOM   316  C CA  . ARG A 1 35  ? 17.888  6.703   7.032   1.00 48.39  ? 34  ARG A CA  1 
ATOM   317  C C   . ARG A 1 35  ? 16.711  7.449   6.422   1.00 46.94  ? 34  ARG A C   1 
ATOM   318  O O   . ARG A 1 35  ? 16.912  8.526   5.854   1.00 41.63  ? 34  ARG A O   1 
ATOM   319  C CB  . ARG A 1 35  ? 18.657  5.958   5.936   1.00 39.94  ? 34  ARG A CB  1 
ATOM   320  C CG  . ARG A 1 35  ? 17.803  5.065   5.056   1.00 37.38  ? 34  ARG A CG  1 
ATOM   321  C CD  . ARG A 1 35  ? 18.625  4.430   3.931   1.00 53.81  ? 34  ARG A CD  1 
ATOM   322  N NE  . ARG A 1 35  ? 18.222  3.052   3.655   1.00 52.45  ? 34  ARG A NE  1 
ATOM   323  C CZ  . ARG A 1 35  ? 17.221  2.708   2.848   1.00 57.42  ? 34  ARG A CZ  1 
ATOM   324  N NH1 . ARG A 1 35  ? 16.505  3.642   2.233   1.00 58.94  ? 34  ARG A NH1 1 
ATOM   325  N NH2 . ARG A 1 35  ? 16.930  1.428   2.661   1.00 56.92  ? 34  ARG A NH2 1 
ATOM   326  N N   . LEU A 1 36  ? 15.494  6.910   6.517   1.00 34.35  ? 35  LEU A N   1 
ATOM   327  C CA  . LEU A 1 36  ? 14.319  7.637   6.061   1.00 31.55  ? 35  LEU A CA  1 
ATOM   328  C C   . LEU A 1 36  ? 13.776  8.588   7.121   1.00 31.85  ? 35  LEU A C   1 
ATOM   329  O O   . LEU A 1 36  ? 12.849  9.353   6.829   1.00 33.28  ? 35  LEU A O   1 
ATOM   330  C CB  . LEU A 1 36  ? 13.229  6.650   5.627   1.00 39.04  ? 35  LEU A CB  1 
ATOM   331  C CG  . LEU A 1 36  ? 13.621  5.689   4.500   1.00 36.65  ? 35  LEU A CG  1 
ATOM   332  C CD1 . LEU A 1 36  ? 12.445  4.819   4.079   1.00 31.81  ? 35  LEU A CD1 1 
ATOM   333  C CD2 . LEU A 1 36  ? 14.166  6.465   3.299   1.00 42.13  ? 35  LEU A CD2 1 
ATOM   334  N N   . LYS A 1 37  ? 14.326  8.549   8.336   1.00 32.12  ? 36  LYS A N   1 
ATOM   335  C CA  . LYS A 1 37  ? 13.940  9.445   9.425   1.00 30.39  ? 36  LYS A CA  1 
ATOM   336  C C   . LYS A 1 37  ? 12.452  9.360   9.751   1.00 31.16  ? 36  LYS A C   1 
ATOM   337  O O   . LYS A 1 37  ? 11.808  10.370  10.044  1.00 34.10  ? 36  LYS A O   1 
ATOM   338  C CB  . LYS A 1 37  ? 14.343  10.888  9.101   1.00 33.32  ? 36  LYS A CB  1 
ATOM   339  C CG  . LYS A 1 37  ? 15.831  11.141  9.229   1.00 38.87  ? 36  LYS A CG  1 
ATOM   340  C CD  . LYS A 1 37  ? 16.248  12.411  8.500   1.00 50.57  ? 36  LYS A CD  1 
ATOM   341  C CE  . LYS A 1 37  ? 16.594  12.104  7.046   1.00 61.17  ? 36  LYS A CE  1 
ATOM   342  N NZ  . LYS A 1 37  ? 18.060  11.911  6.825   1.00 71.34  ? 36  LYS A NZ  1 
ATOM   343  N N   . GLY A 1 38  ? 11.882  8.159   9.718   1.00 26.53  ? 37  GLY A N   1 
ATOM   344  C CA  . GLY A 1 38  ? 10.472  8.068   10.025  1.00 25.61  ? 37  GLY A CA  1 
ATOM   345  C C   . GLY A 1 38  ? 9.946   6.655   9.928   1.00 23.87  ? 37  GLY A C   1 
ATOM   346  O O   . GLY A 1 38  ? 10.593  5.755   9.368   1.00 26.72  ? 37  GLY A O   1 
ATOM   347  N N   . MET A 1 39  ? 8.748   6.489   10.488  1.00 24.27  ? 38  MET A N   1 
ATOM   348  C CA  . MET A 1 39  ? 7.964   5.279   10.304  1.00 23.87  ? 38  MET A CA  1 
ATOM   349  C C   . MET A 1 39  ? 7.745   5.038   8.818   1.00 25.60  ? 38  MET A C   1 
ATOM   350  O O   . MET A 1 39  ? 7.478   5.968   8.048   1.00 26.76  ? 38  MET A O   1 
ATOM   351  C CB  . MET A 1 39  ? 6.616   5.392   11.025  1.00 26.47  ? 38  MET A CB  1 
ATOM   352  C CG  . MET A 1 39  ? 6.737   5.493   12.556  1.00 25.20  ? 38  MET A CG  1 
ATOM   353  S SD  . MET A 1 39  ? 7.675   4.122   13.278  1.00 24.22  ? 38  MET A SD  1 
ATOM   354  C CE  . MET A 1 39  ? 6.576   2.744   12.992  1.00 28.40  ? 38  MET A CE  1 
ATOM   355  N N   . SER A 1 40  ? 7.868   3.777   8.422   1.00 22.58  ? 39  SER A N   1 
ATOM   356  C CA  . SER A 1 40  ? 7.843   3.390   7.020   1.00 23.04  ? 39  SER A CA  1 
ATOM   357  C C   . SER A 1 40  ? 7.007   2.136   6.878   1.00 22.16  ? 39  SER A C   1 
ATOM   358  O O   . SER A 1 40  ? 6.840   1.375   7.833   1.00 23.86  ? 39  SER A O   1 
ATOM   359  C CB  . SER A 1 40  ? 9.251   3.128   6.502   1.00 23.61  ? 39  SER A CB  1 
ATOM   360  O OG  . SER A 1 40  ? 10.099  4.249   6.669   1.00 24.79  ? 39  SER A OG  1 
ATOM   361  N N   . LEU A 1 41  ? 6.483   1.919   5.670   1.00 22.95  ? 40  LEU A N   1 
ATOM   362  C CA  . LEU A 1 41  ? 5.827   0.662   5.330   1.00 20.43  ? 40  LEU A CA  1 
ATOM   363  C C   . LEU A 1 41  ? 6.850   -0.291  4.722   1.00 20.61  ? 40  LEU A C   1 
ATOM   364  O O   . LEU A 1 41  ? 7.610   0.090   3.823   1.00 21.92  ? 40  LEU A O   1 
ATOM   365  C CB  . LEU A 1 41  ? 4.674   0.901   4.351   1.00 23.09  ? 40  LEU A CB  1 
ATOM   366  C CG  . LEU A 1 41  ? 3.587   1.836   4.901   1.00 23.20  ? 40  LEU A CG  1 
ATOM   367  C CD1 . LEU A 1 41  ? 2.519   2.035   3.823   1.00 25.50  ? 40  LEU A CD1 1 
ATOM   368  C CD2 . LEU A 1 41  ? 2.997   1.276   6.194   1.00 27.11  ? 40  LEU A CD2 1 
ATOM   369  N N   . LEU A 1 42  ? 6.879   -1.523  5.235   1.00 20.09  ? 41  LEU A N   1 
ATOM   370  C CA  . LEU A 1 42  ? 7.848   -2.546  4.852   1.00 19.51  ? 41  LEU A CA  1 
ATOM   371  C C   . LEU A 1 42  ? 7.105   -3.755  4.317   1.00 19.54  ? 41  LEU A C   1 
ATOM   372  O O   . LEU A 1 42  ? 6.178   -4.239  4.967   1.00 22.01  ? 41  LEU A O   1 
ATOM   373  C CB  . LEU A 1 42  ? 8.689   -2.979  6.065   1.00 20.57  ? 41  LEU A CB  1 
ATOM   374  C CG  . LEU A 1 42  ? 9.195   -1.792  6.876   1.00 27.10  ? 41  LEU A CG  1 
ATOM   375  C CD1 . LEU A 1 42  ? 9.718   -2.245  8.224   1.00 27.95  ? 41  LEU A CD1 1 
ATOM   376  C CD2 . LEU A 1 42  ? 10.290  -1.146  6.089   1.00 26.60  ? 41  LEU A CD2 1 
ATOM   377  N N   . VAL A 1 43  ? 7.499   -4.249  3.143   1.00 17.61  ? 42  VAL A N   1 
ATOM   378  C CA  . VAL A 1 43  ? 6.917   -5.471  2.601   1.00 17.65  ? 42  VAL A CA  1 
ATOM   379  C C   . VAL A 1 43  ? 8.036   -6.471  2.344   1.00 18.26  ? 42  VAL A C   1 
ATOM   380  O O   . VAL A 1 43  ? 9.011   -6.157  1.651   1.00 19.83  ? 42  VAL A O   1 
ATOM   381  C CB  . VAL A 1 43  ? 6.116   -5.230  1.307   1.00 18.43  ? 42  VAL A CB  1 
ATOM   382  C CG1 . VAL A 1 43  ? 5.600   -6.574  0.751   1.00 20.50  ? 42  VAL A CG1 1 
ATOM   383  C CG2 . VAL A 1 43  ? 4.970   -4.236  1.553   1.00 19.59  ? 42  VAL A CG2 1 
ATOM   384  N N   A ARG A 1 44  ? 7.908   -7.655  2.937   0.69 18.24  ? 43  ARG A N   1 
ATOM   385  N N   B ARG A 1 44  ? 7.867   -7.680  2.881   0.31 18.35  ? 43  ARG A N   1 
ATOM   386  C CA  A ARG A 1 44  ? 8.792   -8.772  2.629   0.69 19.01  ? 43  ARG A CA  1 
ATOM   387  C CA  B ARG A 1 44  ? 8.776   -8.796  2.647   0.31 19.15  ? 43  ARG A CA  1 
ATOM   388  C C   A ARG A 1 44  ? 8.110   -9.623  1.569   0.69 19.30  ? 43  ARG A C   1 
ATOM   389  C C   B ARG A 1 44  ? 8.145   -9.733  1.624   0.31 19.49  ? 43  ARG A C   1 
ATOM   390  O O   A ARG A 1 44  ? 6.929   -9.945  1.701   0.69 20.05  ? 43  ARG A O   1 
ATOM   391  O O   B ARG A 1 44  ? 7.050   -10.252 1.853   0.31 20.82  ? 43  ARG A O   1 
ATOM   392  C CB  A ARG A 1 44  ? 9.074   -9.607  3.880   0.69 19.36  ? 43  ARG A CB  1 
ATOM   393  C CB  B ARG A 1 44  ? 9.057   -9.545  3.950   0.31 19.40  ? 43  ARG A CB  1 
ATOM   394  C CG  A ARG A 1 44  ? 9.567   -8.812  5.087   0.69 22.54  ? 43  ARG A CG  1 
ATOM   395  C CG  B ARG A 1 44  ? 9.997   -8.818  4.890   0.31 20.89  ? 43  ARG A CG  1 
ATOM   396  C CD  A ARG A 1 44  ? 10.817  -7.990  4.785   0.69 21.79  ? 43  ARG A CD  1 
ATOM   397  C CD  B ARG A 1 44  ? 11.437  -8.948  4.436   0.31 22.91  ? 43  ARG A CD  1 
ATOM   398  N NE  A ARG A 1 44  ? 11.944  -8.787  4.296   0.69 24.38  ? 43  ARG A NE  1 
ATOM   399  N NE  B ARG A 1 44  ? 12.316  -8.043  5.167   0.31 20.84  ? 43  ARG A NE  1 
ATOM   400  C CZ  A ARG A 1 44  ? 13.225  -8.476  4.502   0.69 19.00  ? 43  ARG A CZ  1 
ATOM   401  C CZ  B ARG A 1 44  ? 13.628  -7.955  4.975   0.31 22.28  ? 43  ARG A CZ  1 
ATOM   402  N NH1 A ARG A 1 44  ? 13.555  -7.391  5.199   0.69 23.58  ? 43  ARG A NH1 1 
ATOM   403  N NH1 B ARG A 1 44  ? 14.232  -8.724  4.080   0.31 23.81  ? 43  ARG A NH1 1 
ATOM   404  N NH2 A ARG A 1 44  ? 14.175  -9.257  4.004   0.69 22.43  ? 43  ARG A NH2 1 
ATOM   405  N NH2 B ARG A 1 44  ? 14.338  -7.094  5.683   0.31 24.59  ? 43  ARG A NH2 1 
ATOM   406  N N   . ALA A 1 45  ? 8.837   -9.957  0.510   1.00 19.09  ? 44  ALA A N   1 
ATOM   407  C CA  . ALA A 1 45  ? 8.274   -10.776 -0.560  1.00 19.99  ? 44  ALA A CA  1 
ATOM   408  C C   . ALA A 1 45  ? 8.032   -12.207 -0.103  1.00 21.08  ? 44  ALA A C   1 
ATOM   409  O O   . ALA A 1 45  ? 8.863   -12.805 0.580   1.00 22.19  ? 44  ALA A O   1 
ATOM   410  C CB  . ALA A 1 45  ? 9.215   -10.786 -1.765  1.00 23.96  ? 44  ALA A CB  1 
ATOM   411  N N   . GLU A 1 46  ? 6.888   -12.763 -0.515  1.00 20.67  ? 45  GLU A N   1 
ATOM   412  C CA  . GLU A 1 46  ? 6.617   -14.176 -0.277  1.00 22.76  ? 45  GLU A CA  1 
ATOM   413  C C   . GLU A 1 46  ? 7.525   -15.081 -1.095  1.00 24.26  ? 45  GLU A C   1 
ATOM   414  O O   . GLU A 1 46  ? 7.846   -16.200 -0.669  1.00 25.72  ? 45  GLU A O   1 
ATOM   415  C CB  . GLU A 1 46  ? 5.158   -14.490 -0.611  1.00 25.15  ? 45  GLU A CB  1 
ATOM   416  C CG  . GLU A 1 46  ? 4.189   -14.234 0.493   1.00 34.65  ? 45  GLU A CG  1 
ATOM   417  C CD  . GLU A 1 46  ? 2.929   -15.066 0.333   1.00 34.19  ? 45  GLU A CD  1 
ATOM   418  O OE1 . GLU A 1 46  ? 2.551   -15.369 -0.824  1.00 33.44  ? 45  GLU A OE1 1 
ATOM   419  O OE2 . GLU A 1 46  ? 2.338   -15.439 1.364   1.00 34.43  ? 45  GLU A OE2 1 
ATOM   420  N N   . SER A 1 47  ? 7.950   -14.628 -2.267  1.00 24.39  ? 46  SER A N   1 
ATOM   421  C CA  . SER A 1 47  ? 8.686   -15.503 -3.167  1.00 27.83  ? 46  SER A CA  1 
ATOM   422  C C   . SER A 1 47  ? 9.997   -15.946 -2.534  1.00 25.90  ? 46  SER A C   1 
ATOM   423  O O   . SER A 1 47  ? 10.394  -17.110 -2.657  1.00 25.71  ? 46  SER A O   1 
ATOM   424  C CB  . SER A 1 47  ? 8.947   -14.780 -4.486  1.00 28.79  ? 46  SER A CB  1 
ATOM   425  O OG  . SER A 1 47  ? 9.695   -13.600 -4.277  1.00 29.84  ? 46  SER A OG  1 
ATOM   426  N N   . ASP A 1 48  ? 10.683  -15.028 -1.850  1.00 21.51  ? 47  ASP A N   1 
ATOM   427  C CA  . ASP A 1 48  ? 12.000  -15.367 -1.325  1.00 25.50  ? 47  ASP A CA  1 
ATOM   428  C C   . ASP A 1 48  ? 12.340  -14.642 -0.030  1.00 22.89  ? 47  ASP A C   1 
ATOM   429  O O   . ASP A 1 48  ? 13.512  -14.651 0.369   1.00 27.73  ? 47  ASP A O   1 
ATOM   430  C CB  . ASP A 1 48  ? 13.097  -15.069 -2.369  1.00 28.45  ? 47  ASP A CB  1 
ATOM   431  C CG  . ASP A 1 48  ? 13.142  -13.605 -2.780  1.00 38.60  ? 47  ASP A CG  1 
ATOM   432  O OD1 . ASP A 1 48  ? 12.395  -12.795 -2.193  1.00 26.58  ? 47  ASP A OD1 1 
ATOM   433  O OD2 . ASP A 1 48  ? 13.948  -13.257 -3.677  1.00 35.84  ? 47  ASP A OD2 1 
ATOM   434  N N   . GLY A 1 49  ? 11.385  -13.992 0.620   1.00 21.77  ? 48  GLY A N   1 
ATOM   435  C CA  . GLY A 1 49  ? 11.641  -13.278 1.842   1.00 23.28  ? 48  GLY A CA  1 
ATOM   436  C C   . GLY A 1 49  ? 12.372  -11.965 1.697   1.00 22.85  ? 48  GLY A C   1 
ATOM   437  O O   . GLY A 1 49  ? 12.614  -11.316 2.717   1.00 22.83  ? 48  GLY A O   1 
ATOM   438  N N   . SER A 1 50  ? 12.685  -11.530 0.473   1.00 22.44  ? 49  SER A N   1 
ATOM   439  C CA  . SER A 1 50  ? 13.476  -10.318 0.280   1.00 24.09  ? 49  SER A CA  1 
ATOM   440  C C   . SER A 1 50  ? 12.677  -9.067  0.654   1.00 23.76  ? 49  SER A C   1 
ATOM   441  O O   . SER A 1 50  ? 11.453  -9.082  0.766   1.00 21.06  ? 49  SER A O   1 
ATOM   442  C CB  . SER A 1 50  ? 13.956  -10.212 -1.176  1.00 23.36  ? 49  SER A CB  1 
ATOM   443  O OG  . SER A 1 50  ? 12.886  -10.217 -2.089  1.00 27.75  ? 49  SER A OG  1 
ATOM   444  N N   . LEU A 1 51  ? 13.397  -7.966  0.857   1.00 22.25  ? 50  LEU A N   1 
ATOM   445  C CA  . LEU A 1 51  ? 12.771  -6.674  1.136   1.00 17.72  ? 50  LEU A CA  1 
ATOM   446  C C   . LEU A 1 51  ? 12.255  -6.121  -0.181  1.00 18.67  ? 50  LEU A C   1 
ATOM   447  O O   . LEU A 1 51  ? 13.025  -5.623  -0.997  1.00 22.80  ? 50  LEU A O   1 
ATOM   448  C CB  . LEU A 1 51  ? 13.777  -5.725  1.773   1.00 19.52  ? 50  LEU A CB  1 
ATOM   449  C CG  . LEU A 1 51  ? 13.216  -4.361  2.161   1.00 19.97  ? 50  LEU A CG  1 
ATOM   450  C CD1 . LEU A 1 51  ? 12.099  -4.487  3.179   1.00 20.27  ? 50  LEU A CD1 1 
ATOM   451  C CD2 . LEU A 1 51  ? 14.319  -3.484  2.719   1.00 23.10  ? 50  LEU A CD2 1 
ATOM   452  N N   . LEU A 1 52  ? 10.942  -6.233  -0.382  1.00 18.46  ? 51  LEU A N   1 
ATOM   453  C CA  . LEU A 1 52  ? 10.302  -5.798  -1.622  1.00 19.14  ? 51  LEU A CA  1 
ATOM   454  C C   . LEU A 1 52  ? 10.049  -4.306  -1.615  1.00 21.15  ? 51  LEU A C   1 
ATOM   455  O O   . LEU A 1 52  ? 10.338  -3.627  -2.597  1.00 22.02  ? 51  LEU A O   1 
ATOM   456  C CB  . LEU A 1 52  ? 8.994   -6.559  -1.809  1.00 21.82  ? 51  LEU A CB  1 
ATOM   457  C CG  . LEU A 1 52  ? 8.109   -6.198  -3.009  1.00 21.61  ? 51  LEU A CG  1 
ATOM   458  C CD1 . LEU A 1 52  ? 8.916   -6.328  -4.321  1.00 22.91  ? 51  LEU A CD1 1 
ATOM   459  C CD2 . LEU A 1 52  ? 6.877   -7.117  -3.007  1.00 22.16  ? 51  LEU A CD2 1 
ATOM   460  N N   . LEU A 1 53  ? 9.545   -3.775  -0.508  1.00 19.90  ? 52  LEU A N   1 
ATOM   461  C CA  . LEU A 1 53  ? 9.149   -2.374  -0.430  1.00 20.79  ? 52  LEU A CA  1 
ATOM   462  C C   . LEU A 1 53  ? 9.604   -1.793  0.897   1.00 19.74  ? 52  LEU A C   1 
ATOM   463  O O   . LEU A 1 53  ? 9.448   -2.417  1.948   1.00 20.44  ? 52  LEU A O   1 
ATOM   464  C CB  . LEU A 1 53  ? 7.630   -2.236  -0.558  1.00 22.64  ? 52  LEU A CB  1 
ATOM   465  C CG  . LEU A 1 53  ? 7.125   -0.786  -0.484  1.00 23.82  ? 52  LEU A CG  1 
ATOM   466  C CD1 . LEU A 1 53  ? 7.523   -0.053  -1.744  1.00 24.81  ? 52  LEU A CD1 1 
ATOM   467  C CD2 . LEU A 1 53  ? 5.628   -0.780  -0.313  1.00 26.36  ? 52  LEU A CD2 1 
ATOM   468  N N   . GLU A 1 54  ? 10.186  -0.592  0.847   1.00 21.16  ? 53  GLU A N   1 
ATOM   469  C CA  . GLU A 1 54  ? 10.514  0.156   2.058   1.00 20.51  ? 53  GLU A CA  1 
ATOM   470  C C   . GLU A 1 54  ? 10.165  1.610   1.762   1.00 24.81  ? 53  GLU A C   1 
ATOM   471  O O   . GLU A 1 54  ? 10.940  2.316   1.116   1.00 28.68  ? 53  GLU A O   1 
ATOM   472  C CB  . GLU A 1 54  ? 11.980  -0.006  2.415   1.00 25.18  ? 53  GLU A CB  1 
ATOM   473  C CG  . GLU A 1 54  ? 12.399  0.679   3.712   1.00 27.93  ? 53  GLU A CG  1 
ATOM   474  C CD  . GLU A 1 54  ? 13.857  0.420   4.002   1.00 34.16  ? 53  GLU A CD  1 
ATOM   475  O OE1 . GLU A 1 54  ? 14.687  0.956   3.254   1.00 36.69  ? 53  GLU A OE1 1 
ATOM   476  O OE2 . GLU A 1 54  ? 14.151  -0.363  4.931   1.00 39.35  ? 53  GLU A OE2 1 
ATOM   477  N N   . SER A 1 55  ? 8.994   2.041   2.212   1.00 22.49  ? 54  SER A N   1 
ATOM   478  C CA  . SER A 1 55  ? 8.397   3.306   1.785   1.00 21.35  ? 54  SER A CA  1 
ATOM   479  C C   . SER A 1 55  ? 8.126   4.152   3.021   1.00 22.10  ? 54  SER A C   1 
ATOM   480  O O   . SER A 1 55  ? 7.290   3.791   3.849   1.00 23.76  ? 54  SER A O   1 
ATOM   481  C CB  . SER A 1 55  ? 7.109   3.046   1.002   1.00 25.32  ? 54  SER A CB  1 
ATOM   482  O OG  . SER A 1 55  ? 6.429   4.264   0.683   1.00 25.99  ? 54  SER A OG  1 
ATOM   483  N N   . LYS A 1 56  ? 8.819   5.282   3.139   1.00 23.81  ? 55  LYS A N   1 
ATOM   484  C CA  . LYS A 1 56  ? 8.541   6.189   4.247   1.00 25.02  ? 55  LYS A CA  1 
ATOM   485  C C   . LYS A 1 56  ? 7.091   6.650   4.229   1.00 27.48  ? 55  LYS A C   1 
ATOM   486  O O   . LYS A 1 56  ? 6.530   6.934   3.168   1.00 27.25  ? 55  LYS A O   1 
ATOM   487  C CB  . LYS A 1 56  ? 9.464   7.408   4.177   1.00 28.15  ? 55  LYS A CB  1 
ATOM   488  C CG  . LYS A 1 56  ? 9.234   8.374   5.343   1.00 34.15  ? 55  LYS A CG  1 
ATOM   489  C CD  . LYS A 1 56  ? 9.997   9.668   5.166   1.00 35.45  ? 55  LYS A CD  1 
ATOM   490  C CE  . LYS A 1 56  ? 9.942   10.481  6.457   1.00 37.05  ? 55  LYS A CE  1 
ATOM   491  N NZ  . LYS A 1 56  ? 11.038  11.476  6.502   1.00 41.94  ? 55  LYS A NZ  1 
ATOM   492  N N   . ILE A 1 57  ? 6.471   6.718   5.416   1.00 24.38  ? 56  ILE A N   1 
ATOM   493  C CA  . ILE A 1 57  ? 5.157   7.344   5.520   1.00 28.16  ? 56  ILE A CA  1 
ATOM   494  C C   . ILE A 1 57  ? 5.397   8.846   5.577   1.00 36.24  ? 56  ILE A C   1 
ATOM   495  O O   . ILE A 1 57  ? 5.658   9.405   6.647   1.00 30.12  ? 56  ILE A O   1 
ATOM   496  C CB  . ILE A 1 57  ? 4.358   6.849   6.739   1.00 28.61  ? 56  ILE A CB  1 
ATOM   497  C CG1 . ILE A 1 57  ? 4.190   5.330   6.702   1.00 27.58  ? 56  ILE A CG1 1 
ATOM   498  C CG2 . ILE A 1 57  ? 2.976   7.513   6.771   1.00 27.76  ? 56  ILE A CG2 1 
ATOM   499  C CD1 . ILE A 1 57  ? 3.460   4.777   7.909   1.00 28.37  ? 56  ILE A CD1 1 
ATOM   500  N N   . ASN A 1 58  ? 5.356   9.495   4.421   1.00 30.84  ? 57  ASN A N   1 
ATOM   501  C CA  . ASN A 1 58  ? 5.645   10.918  4.357   1.00 37.11  ? 57  ASN A CA  1 
ATOM   502  C C   . ASN A 1 58  ? 4.478   11.684  4.963   1.00 30.97  ? 57  ASN A C   1 
ATOM   503  O O   . ASN A 1 58  ? 3.319   11.369  4.668   1.00 35.32  ? 57  ASN A O   1 
ATOM   504  C CB  . ASN A 1 58  ? 5.880   11.347  2.911   1.00 41.90  ? 57  ASN A CB  1 
ATOM   505  C CG  . ASN A 1 58  ? 6.277   12.802  2.790   1.00 48.10  ? 57  ASN A CG  1 
ATOM   506  O OD1 . ASN A 1 58  ? 5.466   13.702  3.011   1.00 53.80  ? 57  ASN A OD1 1 
ATOM   507  N ND2 . ASN A 1 58  ? 7.533   13.042  2.429   1.00 61.55  ? 57  ASN A ND2 1 
ATOM   508  N N   . PRO A 1 59  ? 4.737   12.673  5.818   1.00 33.88  ? 58  PRO A N   1 
ATOM   509  C CA  . PRO A 1 59  ? 3.624   13.394  6.460   1.00 39.78  ? 58  PRO A CA  1 
ATOM   510  C C   . PRO A 1 59  ? 2.721   14.119  5.479   1.00 38.96  ? 58  PRO A C   1 
ATOM   511  O O   . PRO A 1 59  ? 1.548   14.360  5.795   1.00 41.24  ? 58  PRO A O   1 
ATOM   512  C CB  . PRO A 1 59  ? 4.339   14.381  7.397   1.00 44.25  ? 58  PRO A CB  1 
ATOM   513  C CG  . PRO A 1 59  ? 5.740   13.857  7.534   1.00 47.70  ? 58  PRO A CG  1 
ATOM   514  C CD  . PRO A 1 59  ? 6.052   13.177  6.241   1.00 37.14  ? 58  PRO A CD  1 
ATOM   515  N N   . ASN A 1 60  ? 3.226   14.466  4.298   1.00 38.51  ? 59  ASN A N   1 
ATOM   516  C CA  . ASN A 1 60  ? 2.481   15.264  3.332   1.00 47.18  ? 59  ASN A CA  1 
ATOM   517  C C   . ASN A 1 60  ? 1.818   14.445  2.231   1.00 47.66  ? 59  ASN A C   1 
ATOM   518  O O   . ASN A 1 60  ? 1.050   15.007  1.443   1.00 38.96  ? 59  ASN A O   1 
ATOM   519  C CB  . ASN A 1 60  ? 3.404   16.304  2.687   1.00 48.36  ? 59  ASN A CB  1 
ATOM   520  C CG  . ASN A 1 60  ? 4.121   17.160  3.711   1.00 58.96  ? 59  ASN A CG  1 
ATOM   521  O OD1 . ASN A 1 60  ? 3.520   17.614  4.686   1.00 53.41  ? 59  ASN A OD1 1 
ATOM   522  N ND2 . ASN A 1 60  ? 5.411   17.387  3.495   1.00 59.42  ? 59  ASN A ND2 1 
ATOM   523  N N   . THR A 1 61  ? 2.084   13.144  2.152   1.00 35.66  ? 60  THR A N   1 
ATOM   524  C CA  . THR A 1 61  ? 1.552   12.345  1.057   1.00 36.01  ? 60  THR A CA  1 
ATOM   525  C C   . THR A 1 61  ? 0.064   12.088  1.244   1.00 27.96  ? 60  THR A C   1 
ATOM   526  O O   . THR A 1 61  ? -0.398  11.777  2.341   1.00 32.44  ? 60  THR A O   1 
ATOM   527  C CB  . THR A 1 61  ? 2.304   11.016  0.962   1.00 32.33  ? 60  THR A CB  1 
ATOM   528  O OG1 . THR A 1 61  ? 3.676   11.274  0.665   1.00 38.18  ? 60  THR A OG1 1 
ATOM   529  C CG2 . THR A 1 61  ? 1.713   10.134  -0.142  1.00 33.75  ? 60  THR A CG2 1 
ATOM   530  N N   . ALA A 1 62  ? -0.696  12.218  0.159   1.00 30.75  ? 61  ALA A N   1 
ATOM   531  C CA  . ALA A 1 62  ? -2.108  11.851  0.169   1.00 31.56  ? 61  ALA A CA  1 
ATOM   532  C C   . ALA A 1 62  ? -2.233  10.347  -0.053  1.00 32.42  ? 61  ALA A C   1 
ATOM   533  O O   . ALA A 1 62  ? -2.172  9.871   -1.187  1.00 35.91  ? 61  ALA A O   1 
ATOM   534  C CB  . ALA A 1 62  ? -2.869  12.624  -0.902  1.00 35.55  ? 61  ALA A CB  1 
ATOM   535  N N   . TYR A 1 63  ? -2.421  9.587   1.025   1.00 33.08  ? 62  TYR A N   1 
ATOM   536  C CA  . TYR A 1 63  ? -2.769  8.177   0.881   1.00 29.18  ? 62  TYR A CA  1 
ATOM   537  C C   . TYR A 1 63  ? -4.265  8.053   0.632   1.00 33.50  ? 62  TYR A C   1 
ATOM   538  O O   . TYR A 1 63  ? -5.070  8.776   1.225   1.00 34.52  ? 62  TYR A O   1 
ATOM   539  C CB  . TYR A 1 63  ? -2.371  7.371   2.124   1.00 28.83  ? 62  TYR A CB  1 
ATOM   540  C CG  . TYR A 1 63  ? -0.878  7.268   2.313   1.00 31.82  ? 62  TYR A CG  1 
ATOM   541  C CD1 . TYR A 1 63  ? -0.171  6.171   1.839   1.00 29.82  ? 62  TYR A CD1 1 
ATOM   542  C CD2 . TYR A 1 63  ? -0.171  8.269   2.952   1.00 26.74  ? 62  TYR A CD2 1 
ATOM   543  C CE1 . TYR A 1 63  ? 1.188   6.084   1.991   1.00 28.79  ? 62  TYR A CE1 1 
ATOM   544  C CE2 . TYR A 1 63  ? 1.200   8.197   3.106   1.00 30.33  ? 62  TYR A CE2 1 
ATOM   545  C CZ  . TYR A 1 63  ? 1.875   7.092   2.628   1.00 29.97  ? 62  TYR A CZ  1 
ATOM   546  O OH  . TYR A 1 63  ? 3.236   7.023   2.790   1.00 30.92  ? 62  TYR A OH  1 
ATOM   547  N N   A GLN A 1 64  ? -4.638  7.116   -0.236  0.49 29.53  ? 63  GLN A N   1 
ATOM   548  N N   B GLN A 1 64  ? -4.634  7.148   -0.264  0.51 29.52  ? 63  GLN A N   1 
ATOM   549  C CA  A GLN A 1 64  ? -6.025  6.918   -0.642  0.49 31.37  ? 63  GLN A CA  1 
ATOM   550  C CA  B GLN A 1 64  ? -6.029  6.922   -0.608  0.51 31.37  ? 63  GLN A CA  1 
ATOM   551  C C   A GLN A 1 64  ? -6.444  5.488   -0.332  0.49 33.93  ? 63  GLN A C   1 
ATOM   552  C C   B GLN A 1 64  ? -6.411  5.490   -0.276  0.51 33.92  ? 63  GLN A C   1 
ATOM   553  O O   A GLN A 1 64  ? -5.834  4.539   -0.833  0.49 30.93  ? 63  GLN A O   1 
ATOM   554  O O   B GLN A 1 64  ? -5.738  4.547   -0.704  0.51 30.88  ? 63  GLN A O   1 
ATOM   555  C CB  A GLN A 1 64  ? -6.200  7.217   -2.134  0.49 31.55  ? 63  GLN A CB  1 
ATOM   556  C CB  B GLN A 1 64  ? -6.293  7.200   -2.089  0.51 31.62  ? 63  GLN A CB  1 
ATOM   557  C CG  A GLN A 1 64  ? -5.707  8.596   -2.562  0.49 33.04  ? 63  GLN A CG  1 
ATOM   558  C CG  B GLN A 1 64  ? -7.696  6.797   -2.531  0.51 31.33  ? 63  GLN A CG  1 
ATOM   559  C CD  A GLN A 1 64  ? -5.051  8.601   -3.934  0.49 43.55  ? 63  GLN A CD  1 
ATOM   560  C CD  B GLN A 1 64  ? -7.971  7.119   -3.986  0.51 39.60  ? 63  GLN A CD  1 
ATOM   561  O OE1 A GLN A 1 64  ? -5.647  8.180   -4.926  0.49 40.51  ? 63  GLN A OE1 1 
ATOM   562  O OE1 B GLN A 1 64  ? -7.152  7.740   -4.660  0.51 43.58  ? 63  GLN A OE1 1 
ATOM   563  N NE2 A GLN A 1 64  ? -3.810  9.070   -3.990  0.49 38.76  ? 63  GLN A NE2 1 
ATOM   564  N NE2 B GLN A 1 64  ? -9.133  6.703   -4.474  0.51 49.61  ? 63  GLN A NE2 1 
ATOM   565  N N   . LYS A 1 65  ? -7.484  5.330   0.487   1.00 30.86  ? 64  LYS A N   1 
ATOM   566  C CA  . LYS A 1 65  ? -8.066  4.012   0.704   1.00 32.37  ? 64  LYS A CA  1 
ATOM   567  C C   . LYS A 1 65  ? -9.107  3.855   -0.395  1.00 36.42  ? 64  LYS A C   1 
ATOM   568  O O   . LYS A 1 65  ? -10.259 4.268   -0.255  1.00 41.18  ? 64  LYS A O   1 
ATOM   569  C CB  . LYS A 1 65  ? -8.650  3.870   2.102   1.00 37.84  ? 64  LYS A CB  1 
ATOM   570  C CG  . LYS A 1 65  ? -9.107  2.447   2.398   1.00 38.19  ? 64  LYS A CG  1 
ATOM   571  C CD  . LYS A 1 65  ? -8.682  1.985   3.780   1.00 43.77  ? 64  LYS A CD  1 
ATOM   572  C CE  . LYS A 1 65  ? -9.424  2.732   4.871   1.00 43.14  ? 64  LYS A CE  1 
ATOM   573  N NZ  . LYS A 1 65  ? -9.705  1.858   6.041   1.00 61.48  ? 64  LYS A NZ  1 
ATOM   574  N N   . GLN A 1 66  ? -8.680  3.280   -1.521  1.00 32.40  ? 65  GLN A N   1 
ATOM   575  C CA  . GLN A 1 66  ? -9.502  3.316   -2.726  1.00 39.10  ? 65  GLN A CA  1 
ATOM   576  C C   . GLN A 1 66  ? -10.641 2.313   -2.640  1.00 44.42  ? 65  GLN A C   1 
ATOM   577  O O   . GLN A 1 66  ? -11.747 2.577   -3.121  1.00 49.91  ? 65  GLN A O   1 
ATOM   578  C CB  . GLN A 1 66  ? -8.637  3.065   -3.961  1.00 35.15  ? 65  GLN A CB  1 
ATOM   579  C CG  . GLN A 1 66  ? -9.359  3.293   -5.276  1.00 37.75  ? 65  GLN A CG  1 
ATOM   580  C CD  . GLN A 1 66  ? -8.447  3.133   -6.476  1.00 32.54  ? 65  GLN A CD  1 
ATOM   581  O OE1 . GLN A 1 66  ? -8.656  2.251   -7.314  1.00 37.08  ? 65  GLN A OE1 1 
ATOM   582  N NE2 . GLN A 1 66  ? -7.444  3.993   -6.576  1.00 36.41  ? 65  GLN A NE2 1 
ATOM   583  N N   . GLN A 1 67  ? -10.392 1.152   -2.047  1.00 38.23  ? 66  GLN A N   1 
ATOM   584  C CA  . GLN A 1 67  ? -11.456 0.243   -1.653  1.00 45.05  ? 66  GLN A CA  1 
ATOM   585  C C   . GLN A 1 67  ? -11.173 -0.216  -0.232  1.00 42.52  ? 66  GLN A C   1 
ATOM   586  O O   . GLN A 1 67  ? -10.163 0.163   0.375   1.00 42.92  ? 66  GLN A O   1 
ATOM   587  C CB  . GLN A 1 67  ? -11.575 -0.945  -2.615  1.00 47.83  ? 66  GLN A CB  1 
ATOM   588  C CG  . GLN A 1 67  ? -11.539 -0.541  -4.074  1.00 54.27  ? 66  GLN A CG  1 
ATOM   589  C CD  . GLN A 1 67  ? -12.188 -1.556  -4.981  1.00 63.34  ? 66  GLN A CD  1 
ATOM   590  O OE1 . GLN A 1 67  ? -13.140 -2.238  -4.591  1.00 60.56  ? 66  GLN A OE1 1 
ATOM   591  N NE2 . GLN A 1 67  ? -11.689 -1.656  -6.210  1.00 42.79  ? 66  GLN A NE2 1 
ATOM   592  N N   . ASP A 1 68  ? -12.064 -1.047  0.305   1.00 37.42  ? 67  ASP A N   1 
ATOM   593  C CA  . ASP A 1 68  ? -11.878 -1.529  1.665   1.00 35.83  ? 67  ASP A CA  1 
ATOM   594  C C   . ASP A 1 68  ? -10.549 -2.252  1.863   1.00 31.66  ? 67  ASP A C   1 
ATOM   595  O O   . ASP A 1 68  ? -10.140 -2.449  3.011   1.00 33.31  ? 67  ASP A O   1 
ATOM   596  C CB  . ASP A 1 68  ? -13.031 -2.455  2.064   1.00 39.47  ? 67  ASP A CB  1 
ATOM   597  C CG  . ASP A 1 68  ? -13.216 -3.620  1.108   1.00 49.29  ? 67  ASP A CG  1 
ATOM   598  O OD1 . ASP A 1 68  ? -12.594 -3.621  0.027   1.00 51.16  ? 67  ASP A OD1 1 
ATOM   599  O OD2 . ASP A 1 68  ? -13.985 -4.546  1.447   1.00 55.79  ? 67  ASP A OD2 1 
ATOM   600  N N   . THR A 1 69  ? -9.869  -2.656  0.786   1.00 32.42  ? 68  THR A N   1 
ATOM   601  C CA  . THR A 1 69  ? -8.629  -3.418  0.919   1.00 28.32  ? 68  THR A CA  1 
ATOM   602  C C   . THR A 1 69  ? -7.500  -2.869  0.052   1.00 28.50  ? 68  THR A C   1 
ATOM   603  O O   . THR A 1 69  ? -6.544  -3.600  -0.233  1.00 27.89  ? 68  THR A O   1 
ATOM   604  C CB  . THR A 1 69  ? -8.855  -4.894  0.572   1.00 29.58  ? 68  THR A CB  1 
ATOM   605  O OG1 . THR A 1 69  ? -9.392  -5.004  -0.756  1.00 29.41  ? 68  THR A OG1 1 
ATOM   606  C CG2 . THR A 1 69  ? -9.809  -5.543  1.561   1.00 35.14  ? 68  THR A CG2 1 
ATOM   607  N N   A LEU A 1 70  ? -7.598  -1.624  -0.411  0.52 24.69  ? 69  LEU A N   1 
ATOM   608  N N   B LEU A 1 70  ? -7.564  -1.600  -0.338  0.48 24.83  ? 69  LEU A N   1 
ATOM   609  C CA  A LEU A 1 70  ? -6.573  -1.017  -1.250  0.52 26.02  ? 69  LEU A CA  1 
ATOM   610  C CA  B LEU A 1 70  ? -6.594  -1.006  -1.248  0.48 26.03  ? 69  LEU A CA  1 
ATOM   611  C C   A LEU A 1 70  ? -6.094  0.282   -0.626  0.52 28.70  ? 69  LEU A C   1 
ATOM   612  C C   B LEU A 1 70  ? -6.094  0.311   -0.679  0.48 28.74  ? 69  LEU A C   1 
ATOM   613  O O   A LEU A 1 70  ? -6.912  1.128   -0.250  0.52 29.07  ? 69  LEU A O   1 
ATOM   614  O O   B LEU A 1 70  ? -6.898  1.206   -0.399  0.48 28.95  ? 69  LEU A O   1 
ATOM   615  C CB  A LEU A 1 70  ? -7.102  -0.731  -2.661  0.52 29.45  ? 69  LEU A CB  1 
ATOM   616  C CB  B LEU A 1 70  ? -7.234  -0.772  -2.615  0.48 29.59  ? 69  LEU A CB  1 
ATOM   617  C CG  A LEU A 1 70  ? -7.035  -1.855  -3.685  0.52 23.63  ? 69  LEU A CG  1 
ATOM   618  C CG  B LEU A 1 70  ? -6.445  -1.047  -3.878  0.48 28.47  ? 69  LEU A CG  1 
ATOM   619  C CD1 A LEU A 1 70  ? -7.880  -1.495  -4.891  0.52 23.51  ? 69  LEU A CD1 1 
ATOM   620  C CD1 B LEU A 1 70  ? -6.095  -2.529  -3.988  0.48 24.60  ? 69  LEU A CD1 1 
ATOM   621  C CD2 A LEU A 1 70  ? -5.586  -2.118  -4.093  0.52 25.98  ? 69  LEU A CD2 1 
ATOM   622  C CD2 B LEU A 1 70  ? -7.332  -0.610  -5.017  0.48 26.50  ? 69  LEU A CD2 1 
ATOM   623  N N   . ILE A 1 71  ? -4.776  0.445   -0.535  1.00 24.16  ? 70  ILE A N   1 
ATOM   624  C CA  . ILE A 1 71  ? -4.147  1.703   -0.159  1.00 25.67  ? 70  ILE A CA  1 
ATOM   625  C C   . ILE A 1 71  ? -3.242  2.120   -1.309  1.00 28.96  ? 70  ILE A C   1 
ATOM   626  O O   . ILE A 1 71  ? -2.371  1.347   -1.729  1.00 25.88  ? 70  ILE A O   1 
ATOM   627  C CB  . ILE A 1 71  ? -3.353  1.587   1.151   1.00 25.84  ? 70  ILE A CB  1 
ATOM   628  C CG1 . ILE A 1 71  ? -4.294  1.226   2.309   1.00 27.29  ? 70  ILE A CG1 1 
ATOM   629  C CG2 . ILE A 1 71  ? -2.616  2.897   1.449   1.00 26.52  ? 70  ILE A CG2 1 
ATOM   630  C CD1 . ILE A 1 71  ? -3.554  0.931   3.600   1.00 27.66  ? 70  ILE A CD1 1 
ATOM   631  N N   . VAL A 1 72  ? -3.453  3.332   -1.825  1.00 25.34  ? 71  VAL A N   1 
ATOM   632  C CA  . VAL A 1 72  ? -2.781  3.816   -3.030  1.00 24.06  ? 71  VAL A CA  1 
ATOM   633  C C   . VAL A 1 72  ? -2.153  5.173   -2.750  1.00 24.81  ? 71  VAL A C   1 
ATOM   634  O O   . VAL A 1 72  ? -2.769  6.024   -2.098  1.00 28.95  ? 71  VAL A O   1 
ATOM   635  C CB  . VAL A 1 72  ? -3.769  3.934   -4.215  1.00 29.53  ? 71  VAL A CB  1 
ATOM   636  C CG1 . VAL A 1 72  ? -3.032  4.344   -5.498  1.00 31.35  ? 71  VAL A CG1 1 
ATOM   637  C CG2 . VAL A 1 72  ? -4.541  2.646   -4.403  1.00 26.50  ? 71  VAL A CG2 1 
ATOM   638  N N   . TRP A 1 73  ? -0.937  5.386   -3.251  1.00 25.95  ? 72  TRP A N   1 
ATOM   639  C CA  . TRP A 1 73  ? -0.302  6.689   -3.061  1.00 26.61  ? 72  TRP A CA  1 
ATOM   640  C C   . TRP A 1 73  ? 0.766   6.944   -4.112  1.00 27.03  ? 72  TRP A C   1 
ATOM   641  O O   . TRP A 1 73  ? 1.238   6.026   -4.793  1.00 27.62  ? 72  TRP A O   1 
ATOM   642  C CB  . TRP A 1 73  ? 0.302   6.817   -1.652  1.00 25.26  ? 72  TRP A CB  1 
ATOM   643  C CG  . TRP A 1 73  ? 1.562   6.012   -1.414  1.00 25.74  ? 72  TRP A CG  1 
ATOM   644  C CD1 . TRP A 1 73  ? 2.848   6.462   -1.466  1.00 23.38  ? 72  TRP A CD1 1 
ATOM   645  C CD2 . TRP A 1 73  ? 1.638   4.619   -1.084  1.00 24.09  ? 72  TRP A CD2 1 
ATOM   646  N NE1 . TRP A 1 73  ? 3.725   5.435   -1.184  1.00 28.42  ? 72  TRP A NE1 1 
ATOM   647  C CE2 . TRP A 1 73  ? 3.004   4.295   -0.955  1.00 23.71  ? 72  TRP A CE2 1 
ATOM   648  C CE3 . TRP A 1 73  ? 0.680   3.619   -0.900  1.00 23.74  ? 72  TRP A CE3 1 
ATOM   649  C CZ2 . TRP A 1 73  ? 3.442   3.002   -0.617  1.00 23.59  ? 72  TRP A CZ2 1 
ATOM   650  C CZ3 . TRP A 1 73  ? 1.105   2.339   -0.575  1.00 24.26  ? 72  TRP A CZ3 1 
ATOM   651  C CH2 . TRP A 1 73  ? 2.480   2.042   -0.441  1.00 24.95  ? 72  TRP A CH2 1 
ATOM   652  N N   A SER A 1 74  ? 1.135   8.218   -4.241  0.56 28.39  ? 73  SER A N   1 
ATOM   653  N N   B SER A 1 74  ? 1.141   8.218   -4.237  0.44 28.40  ? 73  SER A N   1 
ATOM   654  C CA  A SER A 1 74  ? 2.254   8.627   -5.074  0.56 28.58  ? 73  SER A CA  1 
ATOM   655  C CA  B SER A 1 74  ? 2.257   8.628   -5.077  0.44 28.64  ? 73  SER A CA  1 
ATOM   656  C C   A SER A 1 74  ? 3.523   8.617   -4.230  0.56 32.65  ? 73  SER A C   1 
ATOM   657  C C   B SER A 1 74  ? 3.530   8.626   -4.240  0.44 32.64  ? 73  SER A C   1 
ATOM   658  O O   A SER A 1 74  ? 3.626   9.349   -3.238  0.56 30.72  ? 73  SER A O   1 
ATOM   659  O O   B SER A 1 74  ? 3.641   9.377   -3.263  0.44 30.77  ? 73  SER A O   1 
ATOM   660  C CB  A SER A 1 74  ? 2.008   10.014  -5.670  0.56 34.96  ? 73  SER A CB  1 
ATOM   661  C CB  B SER A 1 74  ? 2.006   10.011  -5.678  0.44 34.95  ? 73  SER A CB  1 
ATOM   662  O OG  A SER A 1 74  ? 3.181   10.511  -6.283  0.56 36.64  ? 73  SER A OG  1 
ATOM   663  O OG  B SER A 1 74  ? 0.833   10.010  -6.470  0.44 32.53  ? 73  SER A OG  1 
ATOM   664  N N   . GLU A 1 75  ? 4.482   7.779   -4.621  1.00 31.83  ? 74  GLU A N   1 
ATOM   665  C CA  . GLU A 1 75  ? 5.736   7.685   -3.892  1.00 33.23  ? 74  GLU A CA  1 
ATOM   666  C C   . GLU A 1 75  ? 6.706   8.775   -4.325  1.00 37.48  ? 74  GLU A C   1 
ATOM   667  O O   . GLU A 1 75  ? 7.475   9.293   -3.508  1.00 41.65  ? 74  GLU A O   1 
ATOM   668  C CB  . GLU A 1 75  ? 6.332   6.288   -4.101  1.00 31.66  ? 74  GLU A CB  1 
ATOM   669  C CG  . GLU A 1 75  ? 7.712   6.095   -3.513  1.00 29.96  ? 74  GLU A CG  1 
ATOM   670  C CD  . GLU A 1 75  ? 7.703   5.960   -2.008  1.00 32.21  ? 74  GLU A CD  1 
ATOM   671  O OE1 . GLU A 1 75  ? 6.607   5.857   -1.422  1.00 31.44  ? 74  GLU A OE1 1 
ATOM   672  O OE2 . GLU A 1 75  ? 8.800   5.966   -1.415  1.00 45.06  ? 74  GLU A OE2 1 
ATOM   673  N N   . ALA A 1 76  ? 6.674   9.134   -5.599  1.00 35.27  ? 75  ALA A N   1 
ATOM   674  C CA  . ALA A 1 76  ? 7.505   10.190  -6.158  1.00 39.77  ? 75  ALA A CA  1 
ATOM   675  C C   . ALA A 1 76  ? 6.846   10.624  -7.456  1.00 49.79  ? 75  ALA A C   1 
ATOM   676  O O   . ALA A 1 76  ? 5.819   10.072  -7.862  1.00 40.04  ? 75  ALA A O   1 
ATOM   677  C CB  . ALA A 1 76  ? 8.944   9.718   -6.378  1.00 36.34  ? 75  ALA A CB  1 
ATOM   678  N N   . GLU A 1 77  ? 7.431   11.621  -8.110  1.00 48.04  ? 76  GLU A N   1 
ATOM   679  C CA  . GLU A 1 77  ? 6.926   11.990  -9.424  1.00 53.52  ? 76  GLU A CA  1 
ATOM   680  C C   . GLU A 1 77  ? 7.141   10.828  -10.381 1.00 47.06  ? 76  GLU A C   1 
ATOM   681  O O   . GLU A 1 77  ? 8.215   10.218  -10.403 1.00 48.77  ? 76  GLU A O   1 
ATOM   682  C CB  . GLU A 1 77  ? 7.615   13.254  -9.937  1.00 62.11  ? 76  GLU A CB  1 
ATOM   683  C CG  . GLU A 1 77  ? 6.931   13.855  -11.155 1.00 78.68  ? 76  GLU A CG  1 
ATOM   684  C CD  . GLU A 1 77  ? 7.362   15.282  -11.424 1.00 94.46  ? 76  GLU A CD  1 
ATOM   685  O OE1 . GLU A 1 77  ? 8.582   15.542  -11.452 1.00 98.72  ? 76  GLU A OE1 1 
ATOM   686  O OE2 . GLU A 1 77  ? 6.477   16.145  -11.605 1.00 101.96 ? 76  GLU A OE2 1 
ATOM   687  N N   . ASN A 1 78  ? 6.100   10.493  -11.141 1.00 51.02  ? 77  ASN A N   1 
ATOM   688  C CA  . ASN A 1 78  ? 6.140   9.354   -12.055 1.00 55.40  ? 77  ASN A CA  1 
ATOM   689  C C   . ASN A 1 78  ? 6.401   8.052   -11.299 1.00 48.30  ? 77  ASN A C   1 
ATOM   690  O O   . ASN A 1 78  ? 7.123   7.172   -11.775 1.00 49.95  ? 77  ASN A O   1 
ATOM   691  C CB  . ASN A 1 78  ? 7.190   9.561   -13.152 1.00 63.72  ? 77  ASN A CB  1 
ATOM   692  C CG  . ASN A 1 78  ? 6.605   10.140  -14.426 1.00 76.56  ? 77  ASN A CG  1 
ATOM   693  O OD1 . ASN A 1 78  ? 5.580   10.818  -14.399 1.00 76.67  ? 77  ASN A OD1 1 
ATOM   694  N ND2 . ASN A 1 78  ? 7.266   9.883   -15.550 1.00 85.42  ? 77  ASN A ND2 1 
ATOM   695  N N   . TYR A 1 79  ? 5.828   7.924   -10.098 1.00 43.47  ? 78  TYR A N   1 
ATOM   696  C CA  . TYR A 1 79  ? 6.050   6.704   -9.320  1.00 39.40  ? 78  TYR A CA  1 
ATOM   697  C C   . TYR A 1 79  ? 4.899   6.496   -8.332  1.00 36.22  ? 78  TYR A C   1 
ATOM   698  O O   . TYR A 1 79  ? 4.862   7.122   -7.269  1.00 31.37  ? 78  TYR A O   1 
ATOM   699  C CB  . TYR A 1 79  ? 7.385   6.750   -8.609  1.00 39.31  ? 78  TYR A CB  1 
ATOM   700  C CG  . TYR A 1 79  ? 7.685   5.444   -7.956  1.00 44.82  ? 78  TYR A CG  1 
ATOM   701  C CD1 . TYR A 1 79  ? 7.167   4.261   -8.468  1.00 56.76  ? 78  TYR A CD1 1 
ATOM   702  C CD2 . TYR A 1 79  ? 8.450   5.384   -6.822  1.00 54.37  ? 78  TYR A CD2 1 
ATOM   703  C CE1 . TYR A 1 79  ? 7.422   3.059   -7.869  1.00 52.69  ? 78  TYR A CE1 1 
ATOM   704  C CE2 . TYR A 1 79  ? 8.696   4.194   -6.217  1.00 59.36  ? 78  TYR A CE2 1 
ATOM   705  C CZ  . TYR A 1 79  ? 8.190   3.030   -6.742  1.00 44.46  ? 78  TYR A CZ  1 
ATOM   706  O OH  . TYR A 1 79  ? 8.466   1.838   -6.118  1.00 65.25  ? 78  TYR A OH  1 
ATOM   707  N N   . ASP A 1 80  ? 4.005   5.577   -8.669  1.00 27.20  ? 79  ASP A N   1 
ATOM   708  C CA  . ASP A 1 80  ? 2.789   5.345   -7.913  1.00 27.10  ? 79  ASP A CA  1 
ATOM   709  C C   . ASP A 1 80  ? 2.741   3.906   -7.435  1.00 26.75  ? 79  ASP A C   1 
ATOM   710  O O   . ASP A 1 80  ? 3.081   2.975   -8.184  1.00 24.96  ? 79  ASP A O   1 
ATOM   711  C CB  . ASP A 1 80  ? 1.566   5.661   -8.756  1.00 28.06  ? 79  ASP A CB  1 
ATOM   712  C CG  . ASP A 1 80  ? 1.491   7.129   -9.109  1.00 40.90  ? 79  ASP A CG  1 
ATOM   713  O OD1 . ASP A 1 80  ? 2.068   7.527   -10.146 1.00 46.65  ? 79  ASP A OD1 1 
ATOM   714  O OD2 . ASP A 1 80  ? 0.892   7.880   -8.321  1.00 46.19  ? 79  ASP A OD2 1 
ATOM   715  N N   . LEU A 1 81  ? 2.323   3.746   -6.183  1.00 26.13  ? 80  LEU A N   1 
ATOM   716  C CA  . LEU A 1 81  ? 2.346   2.475   -5.477  1.00 23.23  ? 80  LEU A CA  1 
ATOM   717  C C   . LEU A 1 81  ? 0.956   2.127   -4.970  1.00 23.09  ? 80  LEU A C   1 
ATOM   718  O O   . LEU A 1 81  ? 0.141   3.008   -4.672  1.00 24.29  ? 80  LEU A O   1 
ATOM   719  C CB  . LEU A 1 81  ? 3.306   2.526   -4.278  1.00 22.44  ? 80  LEU A CB  1 
ATOM   720  C CG  . LEU A 1 81  ? 4.763   2.243   -4.617  1.00 26.63  ? 80  LEU A CG  1 
ATOM   721  C CD1 . LEU A 1 81  ? 5.643   2.681   -3.460  1.00 29.08  ? 80  LEU A CD1 1 
ATOM   722  C CD2 . LEU A 1 81  ? 4.935   0.760   -4.848  1.00 31.09  ? 80  LEU A CD2 1 
ATOM   723  N N   . ALA A 1 82  ? 0.700   0.831   -4.835  1.00 21.06  ? 81  ALA A N   1 
ATOM   724  C CA  . ALA A 1 82  ? -0.537  0.376   -4.229  1.00 21.03  ? 81  ALA A CA  1 
ATOM   725  C C   . ALA A 1 82  ? -0.270  -0.893  -3.442  1.00 22.17  ? 81  ALA A C   1 
ATOM   726  O O   . ALA A 1 82  ? 0.532   -1.736  -3.855  1.00 23.39  ? 81  ALA A O   1 
ATOM   727  C CB  . ALA A 1 82  ? -1.642  0.117   -5.259  1.00 23.53  ? 81  ALA A CB  1 
ATOM   728  N N   . LEU A 1 83  ? -0.924  -0.988  -2.291  1.00 22.69  ? 82  LEU A N   1 
ATOM   729  C CA  . LEU A 1 83  ? -0.957  -2.195  -1.471  1.00 19.77  ? 82  LEU A CA  1 
ATOM   730  C C   . LEU A 1 83  ? -2.375  -2.744  -1.499  1.00 23.15  ? 82  LEU A C   1 
ATOM   731  O O   . LEU A 1 83  ? -3.337  -2.032  -1.167  1.00 24.82  ? 82  LEU A O   1 
ATOM   732  C CB  . LEU A 1 83  ? -0.543  -1.903  -0.030  1.00 21.69  ? 82  LEU A CB  1 
ATOM   733  C CG  . LEU A 1 83  ? 0.893   -1.498  0.262   1.00 24.40  ? 82  LEU A CG  1 
ATOM   734  C CD1 . LEU A 1 83  ? 1.034   -1.213  1.767   1.00 25.61  ? 82  LEU A CD1 1 
ATOM   735  C CD2 . LEU A 1 83  ? 1.852   -2.596  -0.174  1.00 23.74  ? 82  LEU A CD2 1 
ATOM   736  N N   . SER A 1 84  ? -2.514  -3.999  -1.880  1.00 21.65  ? 83  SER A N   1 
ATOM   737  C CA  . SER A 1 84  ? -3.806  -4.668  -1.928  1.00 19.82  ? 83  SER A CA  1 
ATOM   738  C C   . SER A 1 84  ? -3.823  -5.749  -0.862  1.00 22.98  ? 83  SER A C   1 
ATOM   739  O O   . SER A 1 84  ? -2.965  -6.629  -0.877  1.00 23.27  ? 83  SER A O   1 
ATOM   740  C CB  . SER A 1 84  ? -4.028  -5.272  -3.313  1.00 22.39  ? 83  SER A CB  1 
ATOM   741  O OG  . SER A 1 84  ? -5.236  -6.003  -3.357  1.00 24.50  ? 83  SER A OG  1 
ATOM   742  N N   . PHE A 1 85  ? -4.802  -5.695  0.042   1.00 21.66  ? 84  PHE A N   1 
ATOM   743  C CA  . PHE A 1 85  ? -4.817  -6.543  1.231   1.00 22.79  ? 84  PHE A CA  1 
ATOM   744  C C   . PHE A 1 85  ? -5.728  -7.753  1.061   1.00 24.86  ? 84  PHE A C   1 
ATOM   745  O O   . PHE A 1 85  ? -6.844  -7.642  0.536   1.00 27.09  ? 84  PHE A O   1 
ATOM   746  C CB  . PHE A 1 85  ? -5.275  -5.738  2.446   1.00 22.81  ? 84  PHE A CB  1 
ATOM   747  C CG  . PHE A 1 85  ? -4.259  -4.742  2.921   1.00 22.78  ? 84  PHE A CG  1 
ATOM   748  C CD1 . PHE A 1 85  ? -4.095  -3.530  2.264   1.00 23.40  ? 84  PHE A CD1 1 
ATOM   749  C CD2 . PHE A 1 85  ? -3.464  -5.026  4.023   1.00 21.52  ? 84  PHE A CD2 1 
ATOM   750  C CE1 . PHE A 1 85  ? -3.160  -2.600  2.688   1.00 22.77  ? 84  PHE A CE1 1 
ATOM   751  C CE2 . PHE A 1 85  ? -2.518  -4.109  4.461   1.00 21.15  ? 84  PHE A CE2 1 
ATOM   752  C CZ  . PHE A 1 85  ? -2.359  -2.892  3.809   1.00 22.71  ? 84  PHE A CZ  1 
ATOM   753  N N   . GLN A 1 86  ? -5.250  -8.911  1.522   1.00 23.22  ? 85  GLN A N   1 
ATOM   754  C CA  . GLN A 1 86  ? -6.101  -10.098 1.579   1.00 21.76  ? 85  GLN A CA  1 
ATOM   755  C C   . GLN A 1 86  ? -7.232  -9.928  2.587   1.00 27.96  ? 85  GLN A C   1 
ATOM   756  O O   . GLN A 1 86  ? -8.338  -10.438 2.367   1.00 29.69  ? 85  GLN A O   1 
ATOM   757  C CB  . GLN A 1 86  ? -5.266  -11.330 1.938   1.00 24.57  ? 85  GLN A CB  1 
ATOM   758  C CG  . GLN A 1 86  ? -6.077  -12.622 2.069   1.00 25.86  ? 85  GLN A CG  1 
ATOM   759  C CD  . GLN A 1 86  ? -5.256  -13.857 1.801   1.00 32.51  ? 85  GLN A CD  1 
ATOM   760  O OE1 . GLN A 1 86  ? -4.077  -13.767 1.488   1.00 30.94  ? 85  GLN A OE1 1 
ATOM   761  N NE2 . GLN A 1 86  ? -5.874  -15.029 1.932   1.00 34.00  ? 85  GLN A NE2 1 
ATOM   762  N N   . GLU A 1 87  ? -6.974  -9.226  3.689   1.00 25.33  ? 86  GLU A N   1 
ATOM   763  C CA  . GLU A 1 87  ? -7.931  -9.055  4.777   1.00 26.99  ? 86  GLU A CA  1 
ATOM   764  C C   . GLU A 1 87  ? -8.186  -7.576  5.019   1.00 26.75  ? 86  GLU A C   1 
ATOM   765  O O   . GLU A 1 87  ? -7.243  -6.797  5.206   1.00 27.27  ? 86  GLU A O   1 
ATOM   766  C CB  . GLU A 1 87  ? -7.412  -9.698  6.069   1.00 26.61  ? 86  GLU A CB  1 
ATOM   767  C CG  . GLU A 1 87  ? -7.368  -11.195 6.014   1.00 26.93  ? 86  GLU A CG  1 
ATOM   768  C CD  . GLU A 1 87  ? -7.162  -11.824 7.380   1.00 31.00  ? 86  GLU A CD  1 
ATOM   769  O OE1 . GLU A 1 87  ? -7.276  -11.100 8.396   1.00 34.19  ? 86  GLU A OE1 1 
ATOM   770  O OE2 . GLU A 1 87  ? -6.915  -13.043 7.420   1.00 39.78  ? 86  GLU A OE2 1 
ATOM   771  N N   . LYS A 1 88  ? -9.470  -7.189  5.044   1.00 28.86  ? 87  LYS A N   1 
ATOM   772  C CA  . LYS A 1 88  ? -9.810  -5.814  5.393   1.00 28.78  ? 87  LYS A CA  1 
ATOM   773  C C   . LYS A 1 88  ? -9.245  -5.433  6.759   1.00 26.85  ? 87  LYS A C   1 
ATOM   774  O O   . LYS A 1 88  ? -8.802  -4.297  6.955   1.00 28.75  ? 87  LYS A O   1 
ATOM   775  C CB  . LYS A 1 88  ? -11.330 -5.622  5.367   1.00 33.95  ? 87  LYS A CB  1 
ATOM   776  C CG  . LYS A 1 88  ? -11.779 -4.240  5.803   1.00 34.78  ? 87  LYS A CG  1 
ATOM   777  C CD  . LYS A 1 88  ? -13.294 -4.081  5.678   1.00 37.48  ? 87  LYS A CD  1 
ATOM   778  C CE  . LYS A 1 88  ? -13.727 -2.662  6.014   1.00 44.19  ? 87  LYS A CE  1 
ATOM   779  N NZ  . LYS A 1 88  ? -13.402 -2.301  7.420   1.00 52.18  ? 87  LYS A NZ  1 
ATOM   780  N N   . ALA A 1 89  ? -9.239  -6.379  7.706   1.00 31.01  ? 88  ALA A N   1 
ATOM   781  C CA  . ALA A 1 89  ? -8.680  -6.109  9.030   1.00 31.88  ? 88  ALA A CA  1 
ATOM   782  C C   . ALA A 1 89  ? -7.223  -5.666  8.943   1.00 31.01  ? 88  ALA A C   1 
ATOM   783  O O   . ALA A 1 89  ? -6.802  -4.749  9.656   1.00 31.76  ? 88  ALA A O   1 
ATOM   784  C CB  . ALA A 1 89  ? -8.807  -7.352  9.911   1.00 31.97  ? 88  ALA A CB  1 
ATOM   785  N N   . GLY A 1 90  ? -6.439  -6.304  8.074   1.00 27.77  ? 89  GLY A N   1 
ATOM   786  C CA  . GLY A 1 90  ? -5.064  -5.870  7.877   1.00 28.17  ? 89  GLY A CA  1 
ATOM   787  C C   . GLY A 1 90  ? -4.967  -4.512  7.207   1.00 27.10  ? 89  GLY A C   1 
ATOM   788  O O   . GLY A 1 90  ? -4.111  -3.695  7.563   1.00 26.00  ? 89  GLY A O   1 
ATOM   789  N N   . CYS A 1 91  ? -5.838  -4.250  6.229   1.00 26.87  ? 90  CYS A N   1 
ATOM   790  C CA  . CYS A 1 91  ? -5.836  -2.931  5.611   1.00 23.09  ? 90  CYS A CA  1 
ATOM   791  C C   . CYS A 1 91  ? -6.139  -1.864  6.654   1.00 25.94  ? 90  CYS A C   1 
ATOM   792  O O   . CYS A 1 91  ? -5.467  -0.828  6.712   1.00 27.42  ? 90  CYS A O   1 
ATOM   793  C CB  . CYS A 1 91  ? -6.848  -2.879  4.461   1.00 27.11  ? 90  CYS A CB  1 
ATOM   794  S SG  . CYS A 1 91  ? -6.858  -1.322  3.560   1.00 27.72  ? 90  CYS A SG  1 
ATOM   795  N N   . ASP A 1 92  ? -7.136  -2.125  7.508   1.00 28.92  ? 91  ASP A N   1 
ATOM   796  C CA  . ASP A 1 92  ? -7.484  -1.177  8.561   1.00 31.85  ? 91  ASP A CA  1 
ATOM   797  C C   . ASP A 1 92  ? -6.313  -0.939  9.500   1.00 29.13  ? 91  ASP A C   1 
ATOM   798  O O   . ASP A 1 92  ? -6.079  0.196   9.925   1.00 30.38  ? 91  ASP A O   1 
ATOM   799  C CB  . ASP A 1 92  ? -8.693  -1.681  9.351   1.00 31.06  ? 91  ASP A CB  1 
ATOM   800  C CG  . ASP A 1 92  ? -9.965  -1.670  8.536   1.00 38.27  ? 91  ASP A CG  1 
ATOM   801  O OD1 . ASP A 1 92  ? -10.044 -0.861  7.593   1.00 41.29  ? 91  ASP A OD1 1 
ATOM   802  O OD2 . ASP A 1 92  ? -10.861 -2.485  8.836   1.00 43.35  ? 91  ASP A OD2 1 
ATOM   803  N N   . GLU A 1 93  ? -5.555  -1.997  9.820   1.00 27.82  ? 92  GLU A N   1 
ATOM   804  C CA  . GLU A 1 93  ? -4.399  -1.854  10.707  1.00 28.96  ? 92  GLU A CA  1 
ATOM   805  C C   . GLU A 1 93  ? -3.354  -0.921  10.108  1.00 31.27  ? 92  GLU A C   1 
ATOM   806  O O   . GLU A 1 93  ? -2.795  -0.069  10.807  1.00 30.22  ? 92  GLU A O   1 
ATOM   807  C CB  . GLU A 1 93  ? -3.784  -3.228  11.001  1.00 28.27  ? 92  GLU A CB  1 
ATOM   808  C CG  . GLU A 1 93  ? -4.620  -4.091  11.961  1.00 34.67  ? 92  GLU A CG  1 
ATOM   809  C CD  . GLU A 1 93  ? -4.095  -5.508  12.146  1.00 38.62  ? 92  GLU A CD  1 
ATOM   810  O OE1 . GLU A 1 93  ? -2.997  -5.836  11.640  1.00 32.54  ? 92  GLU A OE1 1 
ATOM   811  O OE2 . GLU A 1 93  ? -4.793  -6.311  12.808  1.00 42.95  ? 92  GLU A OE2 1 
ATOM   812  N N   . ILE A 1 94  ? -3.068  -1.065  8.811   1.00 25.04  ? 93  ILE A N   1 
ATOM   813  C CA  . ILE A 1 94  ? -2.043  -0.224  8.212   1.00 26.35  ? 93  ILE A CA  1 
ATOM   814  C C   . ILE A 1 94  ? -2.559  1.193   7.998   1.00 27.76  ? 93  ILE A C   1 
ATOM   815  O O   . ILE A 1 94  ? -1.825  2.169   8.181   1.00 29.13  ? 93  ILE A O   1 
ATOM   816  C CB  . ILE A 1 94  ? -1.551  -0.864  6.900   1.00 24.57  ? 93  ILE A CB  1 
ATOM   817  C CG1 . ILE A 1 94  ? -0.904  -2.222  7.187   1.00 24.13  ? 93  ILE A CG1 1 
ATOM   818  C CG2 . ILE A 1 94  ? -0.633  0.091   6.157   1.00 25.92  ? 93  ILE A CG2 1 
ATOM   819  C CD1 . ILE A 1 94  ? 0.310   -2.133  8.106   1.00 25.02  ? 93  ILE A CD1 1 
ATOM   820  N N   . TRP A 1 95  ? -3.833  1.327   7.617   1.00 26.49  ? 94  TRP A N   1 
ATOM   821  C CA  . TRP A 1 95  ? -4.429  2.646   7.463   1.00 29.74  ? 94  TRP A CA  1 
ATOM   822  C C   . TRP A 1 95  ? -4.351  3.433   8.766   1.00 28.35  ? 94  TRP A C   1 
ATOM   823  O O   . TRP A 1 95  ? -4.023  4.622   8.761   1.00 29.18  ? 94  TRP A O   1 
ATOM   824  C CB  . TRP A 1 95  ? -5.879  2.493   7.008   1.00 30.36  ? 94  TRP A CB  1 
ATOM   825  C CG  . TRP A 1 95  ? -6.537  3.780   6.613   1.00 31.10  ? 94  TRP A CG  1 
ATOM   826  C CD1 . TRP A 1 95  ? -7.542  4.434   7.290   1.00 33.63  ? 94  TRP A CD1 1 
ATOM   827  C CD2 . TRP A 1 95  ? -6.247  4.578   5.456   1.00 31.23  ? 94  TRP A CD2 1 
ATOM   828  N NE1 . TRP A 1 95  ? -7.886  5.581   6.615   1.00 31.28  ? 94  TRP A NE1 1 
ATOM   829  C CE2 . TRP A 1 95  ? -7.114  5.692   5.487   1.00 32.12  ? 94  TRP A CE2 1 
ATOM   830  C CE3 . TRP A 1 95  ? -5.346  4.453   4.388   1.00 29.87  ? 94  TRP A CE3 1 
ATOM   831  C CZ2 . TRP A 1 95  ? -7.098  6.676   4.509   1.00 31.30  ? 94  TRP A CZ2 1 
ATOM   832  C CZ3 . TRP A 1 95  ? -5.329  5.438   3.412   1.00 33.30  ? 94  TRP A CZ3 1 
ATOM   833  C CH2 . TRP A 1 95  ? -6.205  6.534   3.477   1.00 36.57  ? 94  TRP A CH2 1 
ATOM   834  N N   . GLU A 1 96  ? -4.611  2.763   9.887   1.00 26.81  ? 95  GLU A N   1 
ATOM   835  C CA  . GLU A 1 96  ? -4.516  3.411   11.191  1.00 30.85  ? 95  GLU A CA  1 
ATOM   836  C C   . GLU A 1 96  ? -3.117  3.946   11.438  1.00 34.31  ? 95  GLU A C   1 
ATOM   837  O O   . GLU A 1 96  ? -2.955  5.066   11.937  1.00 31.22  ? 95  GLU A O   1 
ATOM   838  C CB  . GLU A 1 96  ? -4.895  2.428   12.290  1.00 34.93  ? 95  GLU A CB  1 
ATOM   839  C CG  . GLU A 1 96  ? -6.347  2.035   12.345  1.00 51.18  ? 95  GLU A CG  1 
ATOM   840  C CD  . GLU A 1 96  ? -6.657  1.270   13.611  1.00 60.94  ? 95  GLU A CD  1 
ATOM   841  O OE1 . GLU A 1 96  ? -7.402  0.268   13.534  1.00 72.46  ? 95  GLU A OE1 1 
ATOM   842  O OE2 . GLU A 1 96  ? -6.146  1.651   14.684  1.00 65.34  ? 95  GLU A OE2 1 
ATOM   843  N N   . LYS A 1 97  ? -2.087  3.158   11.101  1.00 28.70  ? 96  LYS A N   1 
ATOM   844  C CA  . LYS A 1 97  ? -0.718  3.621   11.291  1.00 30.01  ? 96  LYS A CA  1 
ATOM   845  C C   . LYS A 1 97  ? -0.417  4.829   10.413  1.00 29.76  ? 96  LYS A C   1 
ATOM   846  O O   . LYS A 1 97  ? 0.267   5.765   10.843  1.00 31.37  ? 96  LYS A O   1 
ATOM   847  C CB  . LYS A 1 97  ? 0.259   2.478   10.997  1.00 26.74  ? 96  LYS A CB  1 
ATOM   848  C CG  . LYS A 1 97  ? 0.088   1.249   11.880  1.00 31.58  ? 96  LYS A CG  1 
ATOM   849  C CD  . LYS A 1 97  ? 1.018   0.120   11.428  1.00 32.57  ? 96  LYS A CD  1 
ATOM   850  C CE  . LYS A 1 97  ? 0.856   -1.161  12.232  1.00 33.60  ? 96  LYS A CE  1 
ATOM   851  N NZ  . LYS A 1 97  ? 1.314   -1.049  13.673  1.00 33.01  ? 96  LYS A NZ  1 
ATOM   852  N N   . ILE A 1 98  ? -0.877  4.810   9.158   1.00 29.22  ? 97  ILE A N   1 
ATOM   853  C CA  . ILE A 1 98  ? -0.651  5.948   8.270   1.00 28.01  ? 97  ILE A CA  1 
ATOM   854  C C   . ILE A 1 98  ? -1.304  7.193   8.848   1.00 30.02  ? 97  ILE A C   1 
ATOM   855  O O   . ILE A 1 98  ? -0.702  8.271   8.905   1.00 30.97  ? 97  ILE A O   1 
ATOM   856  C CB  . ILE A 1 98  ? -1.194  5.650   6.861   1.00 28.73  ? 97  ILE A CB  1 
ATOM   857  C CG1 . ILE A 1 98  ? -0.406  4.509   6.200   1.00 27.92  ? 97  ILE A CG1 1 
ATOM   858  C CG2 . ILE A 1 98  ? -1.140  6.913   6.003   1.00 29.33  ? 97  ILE A CG2 1 
ATOM   859  C CD1 . ILE A 1 98  ? -1.122  3.917   4.952   1.00 26.01  ? 97  ILE A CD1 1 
ATOM   860  N N   . CYS A 1 99  ? -2.555  7.046   9.272   1.00 33.04  ? 98  CYS A N   1 
ATOM   861  C CA  . CYS A 1 99  ? -3.318  8.170   9.801   1.00 34.35  ? 98  CYS A CA  1 
ATOM   862  C C   . CYS A 1 99  ? -2.694  8.703   11.083  1.00 39.90  ? 98  CYS A C   1 
ATOM   863  O O   . CYS A 1 99  ? -2.695  9.911   11.319  1.00 35.66  ? 98  CYS A O   1 
ATOM   864  C CB  . CYS A 1 99  ? -4.756  7.729   10.025  1.00 31.24  ? 98  CYS A CB  1 
ATOM   865  S SG  . CYS A 1 99  ? -5.622  7.705   8.432   1.00 35.37  ? 98  CYS A SG  1 
ATOM   866  N N   . GLN A 1 100 ? -2.125  7.822   11.899  1.00 33.67  ? 99  GLN A N   1 
ATOM   867  C CA  . GLN A 1 100 ? -1.451  8.261   13.117  1.00 34.08  ? 99  GLN A CA  1 
ATOM   868  C C   . GLN A 1 100 ? -0.214  9.091   12.795  1.00 41.58  ? 99  GLN A C   1 
ATOM   869  O O   . GLN A 1 100 ? 0.045   10.109  13.447  1.00 39.33  ? 99  GLN A O   1 
ATOM   870  C CB  . GLN A 1 100 ? -1.086  7.046   13.967  1.00 34.13  ? 99  GLN A CB  1 
ATOM   871  C CG  . GLN A 1 100 ? -0.456  7.389   15.294  1.00 53.99  ? 99  GLN A CG  1 
ATOM   872  C CD  . GLN A 1 100 ? 0.720   6.500   15.617  1.00 72.33  ? 99  GLN A CD  1 
ATOM   873  O OE1 . GLN A 1 100 ? 0.552   5.357   16.049  1.00 74.58  ? 99  GLN A OE1 1 
ATOM   874  N NE2 . GLN A 1 100 ? 1.924   7.023   15.428  1.00 76.67  ? 99  GLN A NE2 1 
ATOM   875  N N   . VAL A 1 101 ? 0.563   8.675   11.789  1.00 32.66  ? 100 VAL A N   1 
ATOM   876  C CA  . VAL A 1 101 ? 1.762   9.419   11.418  1.00 31.45  ? 100 VAL A CA  1 
ATOM   877  C C   . VAL A 1 101 ? 1.400   10.810  10.917  1.00 37.65  ? 100 VAL A C   1 
ATOM   878  O O   . VAL A 1 101 ? 2.099   11.791  11.199  1.00 44.06  ? 100 VAL A O   1 
ATOM   879  C CB  . VAL A 1 101 ? 2.576   8.633   10.368  1.00 33.28  ? 100 VAL A CB  1 
ATOM   880  C CG1 . VAL A 1 101 ? 3.613   9.536   9.710   1.00 35.58  ? 100 VAL A CG1 1 
ATOM   881  C CG2 . VAL A 1 101 ? 3.238   7.440   11.005  1.00 34.67  ? 100 VAL A CG2 1 
ATOM   882  N N   . GLN A 1 102 ? 0.291   10.924  10.189  1.00 32.26  ? 101 GLN A N   1 
ATOM   883  C CA  . GLN A 1 102 ? -0.097  12.178  9.560   1.00 37.64  ? 101 GLN A CA  1 
ATOM   884  C C   . GLN A 1 102 ? -1.053  13.004  10.413  1.00 37.88  ? 101 GLN A C   1 
ATOM   885  O O   . GLN A 1 102 ? -1.448  14.095  9.992   1.00 44.30  ? 101 GLN A O   1 
ATOM   886  C CB  . GLN A 1 102 ? -0.729  11.899  8.195   1.00 38.44  ? 101 GLN A CB  1 
ATOM   887  C CG  . GLN A 1 102 ? 0.241   11.234  7.223   1.00 35.90  ? 101 GLN A CG  1 
ATOM   888  C CD  . GLN A 1 102 ? -0.194  11.382  5.780   1.00 37.81  ? 101 GLN A CD  1 
ATOM   889  O OE1 . GLN A 1 102 ? -1.365  11.622  5.496   1.00 45.23  ? 101 GLN A OE1 1 
ATOM   890  N NE2 . GLN A 1 102 ? 0.754   11.273  4.864   1.00 34.65  ? 101 GLN A NE2 1 
ATOM   891  N N   . GLY A 1 103 ? -1.438  12.510  11.585  1.00 40.77  ? 102 GLY A N   1 
ATOM   892  C CA  . GLY A 1 103 ? -2.349  13.243  12.443  1.00 41.83  ? 102 GLY A CA  1 
ATOM   893  C C   . GLY A 1 103 ? -3.765  13.306  11.923  1.00 52.00  ? 102 GLY A C   1 
ATOM   894  O O   . GLY A 1 103 ? -4.452  14.310  12.133  1.00 53.08  ? 102 GLY A O   1 
ATOM   895  N N   . LYS A 1 104 ? -4.225  12.256  11.250  1.00 39.14  ? 103 LYS A N   1 
ATOM   896  C CA  . LYS A 1 104 ? -5.543  12.228  10.640  1.00 38.33  ? 103 LYS A CA  1 
ATOM   897  C C   . LYS A 1 104 ? -6.424  11.207  11.344  1.00 40.85  ? 103 LYS A C   1 
ATOM   898  O O   . LYS A 1 104 ? -5.942  10.239  11.937  1.00 43.02  ? 103 LYS A O   1 
ATOM   899  C CB  . LYS A 1 104 ? -5.449  11.890  9.147   1.00 45.40  ? 103 LYS A CB  1 
ATOM   900  C CG  . LYS A 1 104 ? -4.724  12.925  8.298   1.00 53.04  ? 103 LYS A CG  1 
ATOM   901  C CD  . LYS A 1 104 ? -5.028  14.345  8.744   1.00 52.62  ? 103 LYS A CD  1 
ATOM   902  C CE  . LYS A 1 104 ? -5.014  15.304  7.570   1.00 56.83  ? 103 LYS A CE  1 
ATOM   903  N NZ  . LYS A 1 104 ? -6.385  15.470  7.004   1.00 65.84  ? 103 LYS A NZ  1 
ATOM   904  N N   . ASP A 1 105 ? -7.725  11.431  11.281  1.00 43.13  ? 104 ASP A N   1 
ATOM   905  C CA  . ASP A 1 105 ? -8.639  10.446  11.838  1.00 37.69  ? 104 ASP A CA  1 
ATOM   906  C C   . ASP A 1 105 ? -8.787  9.284   10.863  1.00 39.65  ? 104 ASP A C   1 
ATOM   907  O O   . ASP A 1 105 ? -9.006  9.513   9.668   1.00 46.93  ? 104 ASP A O   1 
ATOM   908  C CB  . ASP A 1 105 ? -10.003 11.061  12.131  1.00 51.37  ? 104 ASP A CB  1 
ATOM   909  C CG  . ASP A 1 105 ? -10.892 10.132  12.935  1.00 58.95  ? 104 ASP A CG  1 
ATOM   910  O OD1 . ASP A 1 105 ? -11.586 9.295   12.324  1.00 52.37  ? 104 ASP A OD1 1 
ATOM   911  O OD2 . ASP A 1 105 ? -10.883 10.229  14.181  1.00 68.71  ? 104 ASP A OD2 1 
ATOM   912  N N   . PRO A 1 106 ? -8.674  8.036   11.324  1.00 48.11  ? 105 PRO A N   1 
ATOM   913  C CA  . PRO A 1 106 ? -8.719  6.893   10.397  1.00 45.72  ? 105 PRO A CA  1 
ATOM   914  C C   . PRO A 1 106 ? -10.048 6.713   9.683   1.00 48.49  ? 105 PRO A C   1 
ATOM   915  O O   . PRO A 1 106 ? -10.159 5.807   8.851   1.00 42.41  ? 105 PRO A O   1 
ATOM   916  C CB  . PRO A 1 106 ? -8.426  5.689   11.306  1.00 48.77  ? 105 PRO A CB  1 
ATOM   917  C CG  . PRO A 1 106 ? -8.723  6.163   12.690  1.00 46.30  ? 105 PRO A CG  1 
ATOM   918  C CD  . PRO A 1 106 ? -8.386  7.619   12.705  1.00 42.28  ? 105 PRO A CD  1 
ATOM   919  N N   . SER A 1 107 ? -11.063 7.531   9.970   1.00 45.10  ? 106 SER A N   1 
ATOM   920  C CA  . SER A 1 107 ? -12.324 7.422   9.250   1.00 43.36  ? 106 SER A CA  1 
ATOM   921  C C   . SER A 1 107 ? -12.250 8.012   7.848   1.00 42.10  ? 106 SER A C   1 
ATOM   922  O O   . SER A 1 107 ? -13.085 7.672   7.003   1.00 46.93  ? 106 SER A O   1 
ATOM   923  C CB  . SER A 1 107 ? -13.444 8.104   10.044  1.00 47.41  ? 106 SER A CB  1 
ATOM   924  O OG  . SER A 1 107 ? -13.254 9.507   10.078  1.00 55.69  ? 106 SER A OG  1 
ATOM   925  N N   . VAL A 1 108 ? -11.274 8.886   7.584   1.00 40.40  ? 107 VAL A N   1 
ATOM   926  C CA  . VAL A 1 108 ? -11.121 9.451   6.248   1.00 44.24  ? 107 VAL A CA  1 
ATOM   927  C C   . VAL A 1 108 ? -10.712 8.362   5.260   1.00 50.20  ? 107 VAL A C   1 
ATOM   928  O O   . VAL A 1 108 ? -10.133 7.332   5.621   1.00 45.05  ? 107 VAL A O   1 
ATOM   929  C CB  . VAL A 1 108 ? -10.097 10.599  6.254   1.00 50.58  ? 107 VAL A CB  1 
ATOM   930  C CG1 . VAL A 1 108 ? -10.450 11.630  7.321   1.00 50.54  ? 107 VAL A CG1 1 
ATOM   931  C CG2 . VAL A 1 108 ? -8.680  10.055  6.463   1.00 45.76  ? 107 VAL A CG2 1 
ATOM   932  N N   . ASP A 1 109 ? -11.022 8.601   3.987   1.00 43.13  ? 108 ASP A N   1 
ATOM   933  C CA  . ASP A 1 109 ? -10.598 7.725   2.906   1.00 41.49  ? 108 ASP A CA  1 
ATOM   934  C C   . ASP A 1 109 ? -9.488  8.319   2.049   1.00 42.36  ? 108 ASP A C   1 
ATOM   935  O O   . ASP A 1 109 ? -8.949  7.609   1.195   1.00 37.02  ? 108 ASP A O   1 
ATOM   936  C CB  . ASP A 1 109 ? -11.796 7.351   2.017   1.00 45.23  ? 108 ASP A CB  1 
ATOM   937  C CG  . ASP A 1 109 ? -12.801 6.465   2.733   1.00 62.42  ? 108 ASP A CG  1 
ATOM   938  O OD1 . ASP A 1 109 ? -14.019 6.706   2.590   1.00 77.24  ? 108 ASP A OD1 1 
ATOM   939  O OD2 . ASP A 1 109 ? -12.378 5.531   3.446   1.00 65.30  ? 108 ASP A OD2 1 
ATOM   940  N N   . ILE A 1 110 ? -9.150  9.595   2.234   1.00 40.62  ? 109 ILE A N   1 
ATOM   941  C CA  . ILE A 1 110 ? -7.963  10.212  1.653   1.00 37.38  ? 109 ILE A CA  1 
ATOM   942  C C   . ILE A 1 110 ? -7.362  11.113  2.721   1.00 42.40  ? 109 ILE A C   1 
ATOM   943  O O   . ILE A 1 110 ? -8.088  11.867  3.380   1.00 46.20  ? 109 ILE A O   1 
ATOM   944  C CB  . ILE A 1 110 ? -8.273  11.010  0.368   1.00 38.93  ? 109 ILE A CB  1 
ATOM   945  C CG1 . ILE A 1 110 ? -8.987  10.134  -0.672  1.00 52.08  ? 109 ILE A CG1 1 
ATOM   946  C CG2 . ILE A 1 110 ? -6.990  11.582  -0.225  1.00 44.24  ? 109 ILE A CG2 1 
ATOM   947  C CD1 . ILE A 1 110 ? -9.533  10.900  -1.856  1.00 60.53  ? 109 ILE A CD1 1 
ATOM   948  N N   . THR A 1 111 ? -6.043  11.021  2.918   1.00 37.84  ? 110 THR A N   1 
ATOM   949  C CA  . THR A 1 111 ? -5.420  11.674  4.066   1.00 41.22  ? 110 THR A CA  1 
ATOM   950  C C   . THR A 1 111 ? -5.056  13.136  3.830   1.00 43.79  ? 110 THR A C   1 
ATOM   951  O O   . THR A 1 111 ? -4.744  13.841  4.796   1.00 51.13  ? 110 THR A O   1 
ATOM   952  C CB  . THR A 1 111 ? -4.157  10.928  4.496   1.00 35.41  ? 110 THR A CB  1 
ATOM   953  O OG1 . THR A 1 111 ? -3.160  11.035  3.474   1.00 33.78  ? 110 THR A OG1 1 
ATOM   954  C CG2 . THR A 1 111 ? -4.460  9.473   4.796   1.00 34.79  ? 110 THR A CG2 1 
ATOM   955  N N   . GLN A 1 112 ? -5.056  13.605  2.586   1.00 41.89  ? 111 GLN A N   1 
ATOM   956  C CA  . GLN A 1 112 ? -4.712  14.988  2.288   1.00 55.49  ? 111 GLN A CA  1 
ATOM   957  C C   . GLN A 1 112 ? -5.700  15.543  1.275   1.00 59.43  ? 111 GLN A C   1 
ATOM   958  O O   . GLN A 1 112 ? -6.117  14.835  0.354   1.00 57.78  ? 111 GLN A O   1 
ATOM   959  C CB  . GLN A 1 112 ? -3.285  15.119  1.738   1.00 43.99  ? 111 GLN A CB  1 
ATOM   960  C CG  . GLN A 1 112 ? -2.196  14.601  2.660   1.00 47.37  ? 111 GLN A CG  1 
ATOM   961  C CD  . GLN A 1 112 ? -2.129  15.350  3.974   1.00 58.73  ? 111 GLN A CD  1 
ATOM   962  O OE1 . GLN A 1 112 ? -1.943  14.750  5.033   1.00 60.40  ? 111 GLN A OE1 1 
ATOM   963  N NE2 . GLN A 1 112 ? -2.273  16.667  3.913   1.00 49.03  ? 111 GLN A NE2 1 
ATOM   964  N N   . ASP A 1 113 ? -6.064  16.810  1.447   1.00 70.05  ? 112 ASP A N   1 
ATOM   965  C CA  . ASP A 1 113 ? -7.020  17.472  0.565   1.00 71.41  ? 112 ASP A CA  1 
ATOM   966  C C   . ASP A 1 113 ? -6.311  18.213  -0.564  1.00 67.72  ? 112 ASP A C   1 
ATOM   967  O O   . ASP A 1 113 ? -5.313  17.734  -1.107  1.00 69.13  ? 112 ASP A O   1 
ATOM   968  C CB  . ASP A 1 113 ? -7.896  18.433  1.361   1.00 66.72  ? 112 ASP A CB  1 
ATOM   969  N N   . SER B 2 1   ? -16.714 -19.253 -1.173  1.00 104.28 ? 1   SER B N   1 
ATOM   970  C CA  . SER B 2 1   ? -15.398 -18.897 -1.690  1.00 104.14 ? 1   SER B CA  1 
ATOM   971  C C   . SER B 2 1   ? -15.397 -17.490 -2.276  1.00 99.75  ? 1   SER B C   1 
ATOM   972  O O   . SER B 2 1   ? -16.413 -17.024 -2.794  1.00 91.16  ? 1   SER B O   1 
ATOM   973  C CB  . SER B 2 1   ? -14.951 -19.900 -2.757  1.00 96.36  ? 1   SER B CB  1 
ATOM   974  O OG  . SER B 2 1   ? -16.004 -20.180 -3.664  1.00 85.22  ? 1   SER B OG  1 
ATOM   975  N N   . LEU B 2 2   ? -14.257 -16.817 -2.183  1.00 97.43  ? 2   LEU B N   1 
ATOM   976  C CA  . LEU B 2 2   ? -14.079 -15.579 -2.921  1.00 92.42  ? 2   LEU B CA  1 
ATOM   977  C C   . LEU B 2 2   ? -13.619 -15.887 -4.344  1.00 91.95  ? 2   LEU B C   1 
ATOM   978  O O   . LEU B 2 2   ? -12.899 -16.862 -4.573  1.00 95.43  ? 2   LEU B O   1 
ATOM   979  C CB  . LEU B 2 2   ? -13.053 -14.682 -2.236  1.00 90.85  ? 2   LEU B CB  1 
ATOM   980  C CG  . LEU B 2 2   ? -13.521 -13.786 -1.087  1.00 91.91  ? 2   LEU B CG  1 
ATOM   981  C CD1 . LEU B 2 2   ? -12.593 -12.586 -0.936  1.00 74.14  ? 2   LEU B CD1 1 
ATOM   982  C CD2 . LEU B 2 2   ? -14.958 -13.336 -1.299  1.00 82.66  ? 2   LEU B CD2 1 
ATOM   983  N N   . PRO B 2 3   ? -14.034 -15.077 -5.322  1.00 86.27  ? 3   PRO B N   1 
ATOM   984  C CA  . PRO B 2 3   ? -13.546 -15.272 -6.697  1.00 71.36  ? 3   PRO B CA  1 
ATOM   985  C C   . PRO B 2 3   ? -12.028 -15.170 -6.785  1.00 77.14  ? 3   PRO B C   1 
ATOM   986  O O   . PRO B 2 3   ? -11.346 -16.095 -7.243  1.00 83.35  ? 3   PRO B O   1 
ATOM   987  C CB  . PRO B 2 3   ? -14.244 -14.150 -7.481  1.00 66.19  ? 3   PRO B CB  1 
ATOM   988  C CG  . PRO B 2 3   ? -15.429 -13.775 -6.644  1.00 65.75  ? 3   PRO B CG  1 
ATOM   989  C CD  . PRO B 2 3   ? -15.030 -13.997 -5.224  1.00 75.23  ? 3   PRO B CD  1 
ATOM   990  N N   . PHE B 2 4   ? -11.502 -14.044 -6.312  1.00 67.15  ? 4   PHE B N   1 
ATOM   991  C CA  . PHE B 2 4   ? -10.082 -13.720 -6.305  1.00 56.17  ? 4   PHE B CA  1 
ATOM   992  C C   . PHE B 2 4   ? -9.743  -13.178 -4.926  1.00 61.04  ? 4   PHE B C   1 
ATOM   993  O O   . PHE B 2 4   ? -10.628 -12.811 -4.147  1.00 57.76  ? 4   PHE B O   1 
ATOM   994  C CB  . PHE B 2 4   ? -9.768  -12.651 -7.347  1.00 50.49  ? 4   PHE B CB  1 
ATOM   995  C CG  . PHE B 2 4   ? -10.773 -11.558 -7.320  1.00 57.08  ? 4   PHE B CG  1 
ATOM   996  C CD1 . PHE B 2 4   ? -11.845 -11.578 -8.194  1.00 59.35  ? 4   PHE B CD1 1 
ATOM   997  C CD2 . PHE B 2 4   ? -10.724 -10.584 -6.339  1.00 62.96  ? 4   PHE B CD2 1 
ATOM   998  C CE1 . PHE B 2 4   ? -12.808 -10.610 -8.143  1.00 64.32  ? 4   PHE B CE1 1 
ATOM   999  C CE2 . PHE B 2 4   ? -11.691 -9.620  -6.272  1.00 69.34  ? 4   PHE B CE2 1 
ATOM   1000 C CZ  . PHE B 2 4   ? -12.741 -9.645  -7.174  1.00 71.96  ? 4   PHE B CZ  1 
ATOM   1001 N N   . THR B 2 5   ? -8.451  -13.047 -4.648  1.00 44.17  ? 5   THR B N   1 
ATOM   1002 C CA  . THR B 2 5   ? -8.072  -12.486 -3.359  1.00 51.54  ? 5   THR B CA  1 
ATOM   1003 C C   . THR B 2 5   ? -7.747  -11.000 -3.428  1.00 47.31  ? 5   THR B C   1 
ATOM   1004 O O   . THR B 2 5   ? -8.122  -10.240 -2.528  1.00 48.93  ? 5   THR B O   1 
ATOM   1005 C CB  . THR B 2 5   ? -6.868  -13.233 -2.789  1.00 50.76  ? 5   THR B CB  1 
ATOM   1006 O OG1 . THR B 2 5   ? -7.182  -14.625 -2.654  1.00 56.05  ? 5   THR B OG1 1 
ATOM   1007 C CG2 . THR B 2 5   ? -6.502  -12.671 -1.440  1.00 32.13  ? 5   THR B CG2 1 
ATOM   1008 N N   . PHE B 2 6   ? -7.051  -10.568 -4.473  1.00 37.81  ? 6   PHE B N   1 
ATOM   1009 C CA  . PHE B 2 6   ? -6.432  -9.254  -4.483  1.00 27.65  ? 6   PHE B CA  1 
ATOM   1010 C C   . PHE B 2 6   ? -7.121  -8.344  -5.484  1.00 26.04  ? 6   PHE B C   1 
ATOM   1011 O O   . PHE B 2 6   ? -7.097  -8.602  -6.695  1.00 28.71  ? 6   PHE B O   1 
ATOM   1012 C CB  . PHE B 2 6   ? -4.941  -9.365  -4.784  1.00 24.81  ? 6   PHE B CB  1 
ATOM   1013 C CG  . PHE B 2 6   ? -4.182  -10.072 -3.700  1.00 24.58  ? 6   PHE B CG  1 
ATOM   1014 C CD1 . PHE B 2 6   ? -4.039  -9.482  -2.465  1.00 24.71  ? 6   PHE B CD1 1 
ATOM   1015 C CD2 . PHE B 2 6   ? -3.675  -11.349 -3.903  1.00 24.36  ? 6   PHE B CD2 1 
ATOM   1016 C CE1 . PHE B 2 6   ? -3.365  -10.144 -1.445  1.00 24.79  ? 6   PHE B CE1 1 
ATOM   1017 C CE2 . PHE B 2 6   ? -2.993  -12.004 -2.901  1.00 26.09  ? 6   PHE B CE2 1 
ATOM   1018 C CZ  . PHE B 2 6   ? -2.835  -11.399 -1.676  1.00 23.92  ? 6   PHE B CZ  1 
ATOM   1019 N N   . LYS B 2 7   ? -7.723  -7.287  -4.958  1.00 25.71  ? 7   LYS B N   1 
ATOM   1020 C CA  . LYS B 2 7   ? -8.162  -6.177  -5.775  1.00 23.34  ? 7   LYS B CA  1 
ATOM   1021 C C   . LYS B 2 7   ? -6.960  -5.481  -6.403  1.00 30.77  ? 7   LYS B C   1 
ATOM   1022 O O   . LYS B 2 7   ? -5.819  -5.606  -5.942  1.00 26.93  ? 7   LYS B O   1 
ATOM   1023 C CB  . LYS B 2 7   ? -8.958  -5.190  -4.925  1.00 24.34  ? 7   LYS B CB  1 
ATOM   1024 C CG  . LYS B 2 7   ? -10.238 -5.778  -4.305  1.00 27.07  ? 7   LYS B CG  1 
ATOM   1025 C CD  . LYS B 2 7   ? -11.075 -4.678  -3.687  1.00 29.20  ? 7   LYS B CD  1 
ATOM   1026 C CE  . LYS B 2 7   ? -12.348 -5.202  -3.047  1.00 33.32  ? 7   LYS B CE  1 
ATOM   1027 N NZ  . LYS B 2 7   ? -12.069 -5.939  -1.786  1.00 34.96  ? 7   LYS B NZ  1 
ATOM   1028 N N   . VAL B 2 8   ? -7.230  -4.742  -7.478  1.00 24.88  ? 8   VAL B N   1 
ATOM   1029 C CA  . VAL B 2 8   ? -6.235  -3.914  -8.153  1.00 24.69  ? 8   VAL B CA  1 
ATOM   1030 C C   . VAL B 2 8   ? -6.830  -2.515  -8.261  1.00 23.32  ? 8   VAL B C   1 
ATOM   1031 O O   . VAL B 2 8   ? -8.054  -2.381  -8.416  1.00 26.48  ? 8   VAL B O   1 
ATOM   1032 C CB  . VAL B 2 8   ? -5.870  -4.499  -9.531  1.00 24.86  ? 8   VAL B CB  1 
ATOM   1033 C CG1 . VAL B 2 8   ? -7.063  -4.441  -10.483 1.00 27.32  ? 8   VAL B CG1 1 
ATOM   1034 C CG2 . VAL B 2 8   ? -4.679  -3.821  -10.147 1.00 24.86  ? 8   VAL B CG2 1 
ATOM   1035 N N   . PRO B 2 9   ? -6.038  -1.453  -8.154  1.00 23.98  ? 9   PRO B N   1 
ATOM   1036 C CA  . PRO B 2 9   ? -6.604  -0.110  -8.318  1.00 24.82  ? 9   PRO B CA  1 
ATOM   1037 C C   . PRO B 2 9   ? -7.067  0.107   -9.744  1.00 24.69  ? 9   PRO B C   1 
ATOM   1038 O O   . PRO B 2 9   ? -6.687  -0.607  -10.674 1.00 24.61  ? 9   PRO B O   1 
ATOM   1039 C CB  . PRO B 2 9   ? -5.450  0.838   -7.972  1.00 31.27  ? 9   PRO B CB  1 
ATOM   1040 C CG  . PRO B 2 9   ? -4.398  -0.006  -7.340  1.00 28.59  ? 9   PRO B CG  1 
ATOM   1041 C CD  . PRO B 2 9   ? -4.606  -1.420  -7.813  1.00 24.06  ? 9   PRO B CD  1 
ATOM   1042 N N   . ALA B 2 10  ? -7.922  1.109   -9.880  1.00 27.46  ? 10  ALA B N   1 
ATOM   1043 C CA  . ALA B 2 10  ? -8.384  1.528   -11.190 1.00 29.51  ? 10  ALA B CA  1 
ATOM   1044 C C   . ALA B 2 10  ? -7.219  2.075   -12.012 1.00 24.42  ? 10  ALA B C   1 
ATOM   1045 O O   . ALA B 2 10  ? -6.342  2.751   -11.468 1.00 25.60  ? 10  ALA B O   1 
ATOM   1046 C CB  . ALA B 2 10  ? -9.454  2.608   -11.042 1.00 30.49  ? 10  ALA B CB  1 
ATOM   1047 N N   . PRO B 2 11  ? -7.206  1.851   -13.321 1.00 23.80  ? 11  PRO B N   1 
ATOM   1048 C CA  . PRO B 2 11  ? -6.246  2.549   -14.177 1.00 23.10  ? 11  PRO B CA  1 
ATOM   1049 C C   . PRO B 2 11  ? -6.580  4.030   -14.230 1.00 24.71  ? 11  PRO B C   1 
ATOM   1050 O O   . PRO B 2 11  ? -7.727  4.398   -14.524 1.00 26.77  ? 11  PRO B O   1 
ATOM   1051 C CB  . PRO B 2 11  ? -6.435  1.879   -15.552 1.00 29.31  ? 11  PRO B CB  1 
ATOM   1052 C CG  . PRO B 2 11  ? -7.253  0.644   -15.289 1.00 34.92  ? 11  PRO B CG  1 
ATOM   1053 C CD  . PRO B 2 11  ? -8.091  0.966   -14.096 1.00 29.15  ? 11  PRO B CD  1 
ATOM   1054 N N   . PRO B 2 12  ? -5.622  4.898   -13.920 1.00 25.51  ? 12  PRO B N   1 
ATOM   1055 C CA  . PRO B 2 12  ? -5.907  6.334   -13.841 1.00 25.01  ? 12  PRO B CA  1 
ATOM   1056 C C   . PRO B 2 12  ? -6.001  6.958   -15.217 1.00 23.69  ? 12  PRO B C   1 
ATOM   1057 O O   . PRO B 2 12  ? -5.250  6.599   -16.142 1.00 26.14  ? 12  PRO B O   1 
ATOM   1058 C CB  . PRO B 2 12  ? -4.695  6.884   -13.077 1.00 26.99  ? 12  PRO B CB  1 
ATOM   1059 C CG  . PRO B 2 12  ? -3.588  5.943   -13.469 1.00 31.42  ? 12  PRO B CG  1 
ATOM   1060 C CD  . PRO B 2 12  ? -4.231  4.592   -13.529 1.00 25.91  ? 12  PRO B CD  1 
ATOM   1061 N N   . PRO B 2 13  ? -6.888  7.924   -15.395 1.00 21.54  ? 13  PRO B N   1 
ATOM   1062 C CA  . PRO B 2 13  ? -6.946  8.648   -16.661 1.00 20.79  ? 13  PRO B CA  1 
ATOM   1063 C C   . PRO B 2 13  ? -5.803  9.646   -16.770 1.00 24.23  ? 13  PRO B C   1 
ATOM   1064 O O   . PRO B 2 13  ? -5.204  10.055  -15.771 1.00 25.79  ? 13  PRO B O   1 
ATOM   1065 C CB  . PRO B 2 13  ? -8.294  9.359   -16.596 1.00 21.38  ? 13  PRO B CB  1 
ATOM   1066 C CG  . PRO B 2 13  ? -8.458  9.645   -15.087 1.00 23.50  ? 13  PRO B CG  1 
ATOM   1067 C CD  . PRO B 2 13  ? -7.867  8.417   -14.404 1.00 22.43  ? 13  PRO B CD  1 
ATOM   1068 N N   . SER B 2 14  ? -5.523  10.034  -18.016 1.00 24.69  ? 14  SER B N   1 
ATOM   1069 C CA  . SER B 2 14  ? -4.557  11.099  -18.279 1.00 25.16  ? 14  SER B CA  1 
ATOM   1070 C C   . SER B 2 14  ? -5.058  12.425  -17.736 1.00 29.39  ? 14  SER B C   1 
ATOM   1071 O O   . SER B 2 14  ? -4.278  13.210  -17.186 1.00 40.42  ? 14  SER B O   1 
ATOM   1072 C CB  . SER B 2 14  ? -4.309  11.218  -19.790 1.00 28.11  ? 14  SER B CB  1 
ATOM   1073 O OG  . SER B 2 14  ? -3.559  10.127  -20.240 1.00 34.49  ? 14  SER B OG  1 
ATOM   1074 N N   . LEU B 2 15  ? -6.353  12.681  -17.883 1.00 27.16  ? 15  LEU B N   1 
ATOM   1075 C CA  . LEU B 2 15  ? -7.068  13.889  -17.495 1.00 40.76  ? 15  LEU B CA  1 
ATOM   1076 C C   . LEU B 2 15  ? -8.306  13.526  -16.678 1.00 47.26  ? 15  LEU B C   1 
ATOM   1077 O O   . LEU B 2 15  ? -9.077  12.634  -17.069 1.00 38.03  ? 15  LEU B O   1 
ATOM   1078 C CB  . LEU B 2 15  ? -7.516  14.673  -18.736 1.00 35.68  ? 15  LEU B CB  1 
ATOM   1079 C CG  . LEU B 2 15  ? -6.466  15.216  -19.697 1.00 40.79  ? 15  LEU B CG  1 
ATOM   1080 C CD1 . LEU B 2 15  ? -7.163  15.712  -20.948 1.00 49.20  ? 15  LEU B CD1 1 
ATOM   1081 C CD2 . LEU B 2 15  ? -5.666  16.329  -19.049 1.00 43.02  ? 15  LEU B CD2 1 
ATOM   1082 N N   . PRO B 2 16  ? -8.535  14.199  -15.549 1.00 61.06  ? 16  PRO B N   1 
ATOM   1083 C CA  . PRO B 2 16  ? -7.692  15.151  -14.815 1.00 61.81  ? 16  PRO B CA  1 
ATOM   1084 C C   . PRO B 2 16  ? -6.614  14.509  -13.961 1.00 62.96  ? 16  PRO B C   1 
ATOM   1085 O O   . PRO B 2 16  ? -6.784  13.367  -13.542 1.00 66.44  ? 16  PRO B O   1 
ATOM   1086 C CB  . PRO B 2 16  ? -8.687  15.861  -13.902 1.00 62.28  ? 16  PRO B CB  1 
ATOM   1087 C CG  . PRO B 2 16  ? -9.868  14.973  -13.836 1.00 61.54  ? 16  PRO B CG  1 
ATOM   1088 C CD  . PRO B 2 16  ? -9.949  14.306  -15.152 1.00 59.82  ? 16  PRO B CD  1 
ATOM   1089 N N   . PRO B 2 17  ? -5.525  15.242  -13.683 1.00 81.06  ? 17  PRO B N   1 
ATOM   1090 C CA  . PRO B 2 17  ? -4.571  14.770  -12.676 1.00 102.22 ? 17  PRO B CA  1 
ATOM   1091 C C   . PRO B 2 17  ? -5.098  14.971  -11.258 1.00 107.68 ? 17  PRO B C   1 
ATOM   1092 O O   . PRO B 2 17  ? -4.975  14.067  -10.432 1.00 102.07 ? 17  PRO B O   1 
ATOM   1093 C CB  . PRO B 2 17  ? -3.334  15.635  -12.929 1.00 107.49 ? 17  PRO B CB  1 
ATOM   1094 C CG  . PRO B 2 17  ? -3.873  16.886  -13.530 1.00 97.73  ? 17  PRO B CG  1 
ATOM   1095 C CD  . PRO B 2 17  ? -5.063  16.469  -14.356 1.00 74.53  ? 17  PRO B CD  1 
HETATM 1096 O O   . HOH C 3 .   ? 14.533  2.946   1.453   1.00 47.55  ? 201 HOH A O   1 
HETATM 1097 O O   . HOH C 3 .   ? 3.558   0.765   13.707  1.00 34.15  ? 202 HOH A O   1 
HETATM 1098 O O   . HOH C 3 .   ? 12.147  4.087   0.131   1.00 49.77  ? 203 HOH A O   1 
HETATM 1099 O O   . HOH C 3 .   ? -5.427  -0.817  -21.922 1.00 34.97  ? 204 HOH A O   1 
HETATM 1100 O O   . HOH C 3 .   ? 4.680   8.718   1.885   1.00 40.87  ? 205 HOH A O   1 
HETATM 1101 O O   . HOH C 3 .   ? -10.934 -3.562  11.037  1.00 48.94  ? 206 HOH A O   1 
HETATM 1102 O O   . HOH C 3 .   ? 2.431   -2.536  -19.971 1.00 34.39  ? 207 HOH A O   1 
HETATM 1103 O O   . HOH C 3 .   ? -2.850  2.962   -21.384 1.00 37.71  ? 208 HOH A O   1 
HETATM 1104 O O   . HOH C 3 .   ? 10.124  6.160   0.797   1.00 31.79  ? 209 HOH A O   1 
HETATM 1105 O O   . HOH C 3 .   ? 3.568   10.201  -9.142  1.00 44.68  ? 210 HOH A O   1 
HETATM 1106 O O   . HOH C 3 .   ? 6.852   7.630   0.690   1.00 33.46  ? 211 HOH A O   1 
HETATM 1107 O O   . HOH C 3 .   ? -4.838  9.166   14.028  1.00 49.49  ? 212 HOH A O   1 
HETATM 1108 O O   . HOH C 3 .   ? 16.470  8.615   12.151  1.00 32.94  ? 213 HOH A O   1 
HETATM 1109 O O   . HOH C 3 .   ? -6.373  2.090   -19.241 1.00 33.95  ? 214 HOH A O   1 
HETATM 1110 O O   . HOH C 3 .   ? 4.383   4.686   2.494   1.00 29.00  ? 215 HOH A O   1 
HETATM 1111 O O   . HOH C 3 .   ? 6.448   -12.438 3.169   1.00 28.92  ? 216 HOH A O   1 
HETATM 1112 O O   . HOH C 3 .   ? 7.226   8.722   8.681   1.00 35.77  ? 217 HOH A O   1 
HETATM 1113 O O   . HOH C 3 .   ? -0.799  3.371   14.908  1.00 53.06  ? 218 HOH A O   1 
HETATM 1114 O O   . HOH C 3 .   ? 15.818  -14.051 1.579   1.00 37.51  ? 219 HOH A O   1 
HETATM 1115 O O   . HOH C 3 .   ? 6.343   -2.564  -16.857 1.00 32.94  ? 220 HOH A O   1 
HETATM 1116 O O   . HOH C 3 .   ? -10.821 -0.665  5.025   1.00 42.76  ? 221 HOH A O   1 
HETATM 1117 O O   . HOH C 3 .   ? 8.660   -16.060 1.896   1.00 39.70  ? 222 HOH A O   1 
HETATM 1118 O O   . HOH C 3 .   ? -4.848  6.308   13.406  1.00 43.53  ? 223 HOH A O   1 
HETATM 1119 O O   . HOH C 3 .   ? 7.078   -6.822  6.564   1.00 27.15  ? 224 HOH A O   1 
HETATM 1120 O O   . HOH C 3 .   ? 4.237   -8.523  -13.110 1.00 38.33  ? 225 HOH A O   1 
HETATM 1121 O O   . HOH C 3 .   ? -1.585  -7.827  12.864  1.00 45.75  ? 226 HOH A O   1 
HETATM 1122 O O   . HOH C 3 .   ? -3.482  -14.450 9.829   1.00 43.53  ? 227 HOH A O   1 
HETATM 1123 O O   . HOH C 3 .   ? 5.567   -0.691  -13.074 1.00 27.65  ? 228 HOH A O   1 
HETATM 1124 O O   . HOH C 3 .   ? 6.624   -12.314 -3.841  1.00 25.96  ? 229 HOH A O   1 
HETATM 1125 O O   . HOH C 3 .   ? 4.837   4.252   -11.190 1.00 39.99  ? 230 HOH A O   1 
HETATM 1126 O O   . HOH C 3 .   ? -0.526  10.392  -3.320  1.00 33.27  ? 231 HOH A O   1 
HETATM 1127 O O   . HOH C 3 .   ? -9.872  -12.594 3.121   1.00 44.91  ? 232 HOH A O   1 
HETATM 1128 O O   . HOH C 3 .   ? 6.814   -18.762 -0.800  1.00 44.38  ? 233 HOH A O   1 
HETATM 1129 O O   . HOH C 3 .   ? -7.580  -6.665  -2.032  1.00 28.97  ? 234 HOH A O   1 
HETATM 1130 O O   . HOH C 3 .   ? -4.625  18.470  3.143   1.00 62.48  ? 235 HOH A O   1 
HETATM 1131 O O   . HOH C 3 .   ? 11.481  -1.728  -10.654 1.00 48.75  ? 236 HOH A O   1 
HETATM 1132 O O   . HOH C 3 .   ? 16.832  1.491   9.795   1.00 29.56  ? 237 HOH A O   1 
HETATM 1133 O O   . HOH C 3 .   ? 8.107   -10.167 -5.381  1.00 32.40  ? 238 HOH A O   1 
HETATM 1134 O O   . HOH C 3 .   ? -4.229  -8.441  4.413   1.00 24.12  ? 239 HOH A O   1 
HETATM 1135 O O   . HOH C 3 .   ? -2.838  -0.536  13.593  1.00 46.43  ? 240 HOH A O   1 
HETATM 1136 O O   . HOH C 3 .   ? -11.479 -9.087  4.400   1.00 44.93  ? 241 HOH A O   1 
HETATM 1137 O O   . HOH C 3 .   ? -9.823  -10.904 9.637   1.00 53.49  ? 242 HOH A O   1 
HETATM 1138 O O   . HOH C 3 .   ? 3.678   -8.347  8.873   1.00 39.24  ? 243 HOH A O   1 
HETATM 1139 O O   . HOH C 3 .   ? -8.636  -15.125 2.678   1.00 56.75  ? 244 HOH A O   1 
HETATM 1140 O O   . HOH C 3 .   ? 4.058   1.760   -24.031 1.00 42.42  ? 245 HOH A O   1 
HETATM 1141 O O   . HOH C 3 .   ? -4.530  -17.529 1.488   1.00 50.99  ? 246 HOH A O   1 
HETATM 1142 O O   . HOH C 3 .   ? 0.184   -13.901 -7.385  1.00 50.90  ? 247 HOH A O   1 
HETATM 1143 O O   . HOH C 3 .   ? 5.059   12.392  -5.146  1.00 53.41  ? 248 HOH A O   1 
HETATM 1144 O O   . HOH C 3 .   ? 12.111  -5.529  6.874   1.00 36.97  ? 249 HOH A O   1 
HETATM 1145 O O   . HOH C 3 .   ? 2.962   -12.262 -8.547  1.00 47.48  ? 250 HOH A O   1 
HETATM 1146 O O   . HOH C 3 .   ? 9.770   -0.151  -10.247 1.00 50.84  ? 251 HOH A O   1 
HETATM 1147 O O   . HOH C 3 .   ? 16.214  -8.100  0.059   1.00 36.32  ? 252 HOH A O   1 
HETATM 1148 O O   . HOH C 3 .   ? 13.473  -2.640  6.647   1.00 41.97  ? 253 HOH A O   1 
HETATM 1149 O O   . HOH C 3 .   ? 0.638   12.892  -2.372  1.00 42.21  ? 254 HOH A O   1 
HETATM 1150 O O   . HOH C 3 .   ? 12.230  -0.652  12.964  1.00 25.01  ? 255 HOH A O   1 
HETATM 1151 O O   . HOH C 3 .   ? 15.464  -6.877  -2.092  1.00 41.75  ? 256 HOH A O   1 
HETATM 1152 O O   . HOH C 3 .   ? 6.328   3.265   -14.664 1.00 52.62  ? 257 HOH A O   1 
HETATM 1153 O O   . HOH C 3 .   ? -10.856 -8.863  7.692   1.00 36.43  ? 258 HOH A O   1 
HETATM 1154 O O   . HOH C 3 .   ? -0.950  0.389   15.033  1.00 42.23  ? 259 HOH A O   1 
HETATM 1155 O O   . HOH C 3 .   ? 13.905  11.797  12.875  1.00 54.11  ? 260 HOH A O   1 
HETATM 1156 O O   . HOH C 3 .   ? 17.971  2.801   7.415   1.00 29.78  ? 261 HOH A O   1 
HETATM 1157 O O   . HOH C 3 .   ? 3.886   12.450  -3.133  1.00 52.99  ? 262 HOH A O   1 
HETATM 1158 O O   . HOH C 3 .   ? 3.488   5.950   -15.623 1.00 48.38  ? 263 HOH A O   1 
HETATM 1159 O O   . HOH C 3 .   ? -8.313  -4.152  12.314  1.00 49.78  ? 264 HOH A O   1 
HETATM 1160 O O   . HOH C 3 .   ? 5.653   -10.586 -9.816  1.00 48.01  ? 265 HOH A O   1 
HETATM 1161 O O   . HOH C 3 .   ? -3.024  -16.096 -3.283  1.00 48.48  ? 266 HOH A O   1 
HETATM 1162 O O   . HOH C 3 .   ? -0.806  3.212   -23.217 1.00 45.79  ? 267 HOH A O   1 
HETATM 1163 O O   . HOH C 3 .   ? 4.071   6.377   -12.554 1.00 49.17  ? 268 HOH A O   1 
HETATM 1164 O O   . HOH C 3 .   ? -3.726  -16.534 9.048   1.00 48.09  ? 269 HOH A O   1 
HETATM 1165 O O   . HOH C 3 .   ? 9.360   -7.506  -8.213  1.00 50.91  ? 270 HOH A O   1 
HETATM 1166 O O   . HOH C 3 .   ? 8.297   -1.919  -21.832 1.00 48.33  ? 271 HOH A O   1 
HETATM 1167 O O   . HOH C 3 .   ? -7.336  -3.599  -16.778 1.00 51.14  ? 272 HOH A O   1 
HETATM 1168 O O   . HOH C 3 .   ? 7.094   -6.321  -12.746 1.00 45.10  ? 273 HOH A O   1 
HETATM 1169 O O   . HOH C 3 .   ? 16.117  -11.422 2.348   1.00 38.48  ? 274 HOH A O   1 
HETATM 1170 O O   . HOH C 3 .   ? 3.038   -10.558 8.674   1.00 47.53  ? 275 HOH A O   1 
HETATM 1171 O O   . HOH C 3 .   ? -1.512  -14.456 -5.982  1.00 54.45  ? 276 HOH A O   1 
HETATM 1172 O O   . HOH C 3 .   ? -8.628  -15.225 5.278   1.00 59.41  ? 277 HOH A O   1 
HETATM 1173 O O   . HOH C 3 .   ? 15.913  -3.912  6.157   1.00 46.16  ? 278 HOH A O   1 
HETATM 1174 O O   . HOH C 3 .   ? -0.399  -18.899 -3.589  1.00 68.28  ? 279 HOH A O   1 
HETATM 1175 O O   . HOH C 3 .   ? 10.647  -9.751  -5.298  1.00 36.57  ? 280 HOH A O   1 
HETATM 1176 O O   . HOH C 3 .   ? 17.730  2.243   -1.423  1.00 50.34  ? 281 HOH A O   1 
HETATM 1177 O O   . HOH C 3 .   ? 10.723  9.035   0.968   1.00 47.77  ? 282 HOH A O   1 
HETATM 1178 O O   . HOH D 3 .   ? -5.460  11.356  -13.303 1.00 51.28  ? 101 HOH B O   1 
HETATM 1179 O O   . HOH D 3 .   ? -6.334  -12.716 -6.055  1.00 41.79  ? 102 HOH B O   1 
HETATM 1180 O O   . HOH D 3 .   ? -10.275 3.783   -14.618 1.00 35.04  ? 103 HOH B O   1 
HETATM 1181 O O   . HOH D 3 .   ? -4.413  9.512   -22.666 1.00 29.95  ? 104 HOH B O   1 
HETATM 1182 O O   . HOH D 3 .   ? -6.311  4.445   -9.315  1.00 39.66  ? 105 HOH B O   1 
HETATM 1183 O O   . HOH D 3 .   ? -4.864  4.218   -17.452 1.00 26.27  ? 106 HOH B O   1 
HETATM 1184 O O   . HOH D 3 .   ? -6.418  -1.896  -13.099 1.00 33.72  ? 107 HOH B O   1 
HETATM 1185 O O   . HOH D 3 .   ? -10.758 -8.377  -1.833  1.00 46.11  ? 108 HOH B O   1 
HETATM 1186 O O   . HOH D 3 .   ? -9.980  -2.149  -10.409 1.00 49.43  ? 109 HOH B O   1 
HETATM 1187 O O   . HOH D 3 .   ? -1.179  7.543   -21.021 1.00 54.65  ? 110 HOH B O   1 
HETATM 1188 O O   . HOH D 3 .   ? -12.250 -9.574  -3.125  1.00 66.10  ? 111 HOH B O   1 
HETATM 1189 O O   . HOH D 3 .   ? -4.866  10.001  -11.065 1.00 50.35  ? 112 HOH B O   1 
# 
